data_2RKQ
# 
_entry.id   2RKQ 
# 
_audit_conform.dict_name       mmcif_pdbx.dic 
_audit_conform.dict_version    5.398 
_audit_conform.dict_location   http://mmcif.pdb.org/dictionaries/ascii/mmcif_pdbx.dic 
# 
loop_
_database_2.database_id 
_database_2.database_code 
_database_2.pdbx_database_accession 
_database_2.pdbx_DOI 
PDB   2RKQ         pdb_00002rkq 10.2210/pdb2rkq/pdb 
RCSB  RCSB044977   ?            ?                   
WWPDB D_1000044977 ?            ?                   
# 
loop_
_pdbx_audit_revision_history.ordinal 
_pdbx_audit_revision_history.data_content_type 
_pdbx_audit_revision_history.major_revision 
_pdbx_audit_revision_history.minor_revision 
_pdbx_audit_revision_history.revision_date 
1 'Structure model' 1 0 2008-03-25 
2 'Structure model' 1 1 2011-07-13 
3 'Structure model' 1 2 2023-10-25 
4 'Structure model' 1 3 2024-11-06 
# 
_pdbx_audit_revision_details.ordinal             1 
_pdbx_audit_revision_details.revision_ordinal    1 
_pdbx_audit_revision_details.data_content_type   'Structure model' 
_pdbx_audit_revision_details.provider            repository 
_pdbx_audit_revision_details.type                'Initial release' 
_pdbx_audit_revision_details.description         ? 
_pdbx_audit_revision_details.details             ? 
# 
loop_
_pdbx_audit_revision_group.ordinal 
_pdbx_audit_revision_group.revision_ordinal 
_pdbx_audit_revision_group.data_content_type 
_pdbx_audit_revision_group.group 
1 2 'Structure model' 'Version format compliance' 
2 3 'Structure model' 'Data collection'           
3 3 'Structure model' 'Database references'       
4 3 'Structure model' 'Refinement description'    
5 4 'Structure model' 'Structure summary'         
# 
loop_
_pdbx_audit_revision_category.ordinal 
_pdbx_audit_revision_category.revision_ordinal 
_pdbx_audit_revision_category.data_content_type 
_pdbx_audit_revision_category.category 
1 3 'Structure model' chem_comp_atom                
2 3 'Structure model' chem_comp_bond                
3 3 'Structure model' database_2                    
4 3 'Structure model' pdbx_initial_refinement_model 
5 3 'Structure model' struct_ref_seq_dif            
6 4 'Structure model' pdbx_entry_details            
7 4 'Structure model' pdbx_modification_feature     
# 
loop_
_pdbx_audit_revision_item.ordinal 
_pdbx_audit_revision_item.revision_ordinal 
_pdbx_audit_revision_item.data_content_type 
_pdbx_audit_revision_item.item 
1 3 'Structure model' '_database_2.pdbx_DOI'                         
2 3 'Structure model' '_database_2.pdbx_database_accession'          
3 3 'Structure model' '_struct_ref_seq_dif.details'                  
4 4 'Structure model' '_pdbx_entry_details.has_protein_modification' 
# 
_pdbx_database_status.status_code                     REL 
_pdbx_database_status.entry_id                        2RKQ 
_pdbx_database_status.recvd_initial_deposition_date   2007-10-17 
_pdbx_database_status.deposit_site                    RCSB 
_pdbx_database_status.process_site                    PDBJ 
_pdbx_database_status.status_code_sf                  REL 
_pdbx_database_status.status_code_mr                  ? 
_pdbx_database_status.SG_entry                        ? 
_pdbx_database_status.pdb_format_compatible           Y 
_pdbx_database_status.status_code_cs                  ? 
_pdbx_database_status.status_code_nmr_data            ? 
_pdbx_database_status.methods_development_category    ? 
# 
loop_
_audit_author.name 
_audit_author.pdbx_ordinal 
'Roussel, A.'      1 
'Royet, J.'        2 
'Leone, P.'        3 
'Kellenberger, C.' 4 
# 
_citation.id                        primary 
_citation.title                     
'Crystal structure of Drosophila PGRP-SD suggests binding to DAP-type but not lysine-type peptidoglycan' 
_citation.journal_abbrev            Mol.Immunol. 
_citation.journal_volume            45 
_citation.page_first                2521 
_citation.page_last                 2530 
_citation.year                      2008 
_citation.journal_id_ASTM           MOIMD5 
_citation.country                   UK 
_citation.journal_id_ISSN           0161-5890 
_citation.journal_id_CSD            0921 
_citation.book_publisher            ? 
_citation.pdbx_database_id_PubMed   18304640 
_citation.pdbx_database_id_DOI      10.1016/j.molimm.2008.01.015 
# 
loop_
_citation_author.citation_id 
_citation_author.name 
_citation_author.ordinal 
_citation_author.identifier_ORCID 
primary 'Leone, P.'        1 ? 
primary 'Bischoff, V.'     2 ? 
primary 'Kellenberger, C.' 3 ? 
primary 'Hetru, C.'        4 ? 
primary 'Royet, J.'        5 ? 
primary 'Roussel, A.'      6 ? 
# 
loop_
_entity.id 
_entity.type 
_entity.src_method 
_entity.pdbx_description 
_entity.formula_weight 
_entity.pdbx_number_of_molecules 
_entity.pdbx_ec 
_entity.pdbx_mutation 
_entity.pdbx_fragment 
_entity.details 
1 polymer man 'Peptidoglycan-recognition protein-SD' 18415.686 1   ? ? ? ? 
2 water   nat water                                  18.015    252 ? ? ? ? 
# 
_entity_poly.entity_id                      1 
_entity_poly.type                           'polypeptide(L)' 
_entity_poly.nstd_linkage                   no 
_entity_poly.nstd_monomer                   no 
_entity_poly.pdbx_seq_one_letter_code       
;EVPIVTRAEWNAKPPNGAIDSMVTPLPRAVIAHTAGGACADDVTCSQHMRNLQNFQMSKQKFSDIGYHYLIGGNGKVYEG
RSPSQRGAFAGPNNDGSLGIAFIGNFEERAPNKEALDAAKELLEQAVKQAQLVEGYKLLGHRQVSATKSPGEALYALIQQ
WPNWSEEML
;
_entity_poly.pdbx_seq_one_letter_code_can   
;EVPIVTRAEWNAKPPNGAIDSMVTPLPRAVIAHTAGGACADDVTCSQHMRNLQNFQMSKQKFSDIGYHYLIGGNGKVYEG
RSPSQRGAFAGPNNDGSLGIAFIGNFEERAPNKEALDAAKELLEQAVKQAQLVEGYKLLGHRQVSATKSPGEALYALIQQ
WPNWSEEML
;
_entity_poly.pdbx_strand_id                 A 
_entity_poly.pdbx_target_identifier         ? 
# 
_pdbx_entity_nonpoly.entity_id   2 
_pdbx_entity_nonpoly.name        water 
_pdbx_entity_nonpoly.comp_id     HOH 
# 
loop_
_entity_poly_seq.entity_id 
_entity_poly_seq.num 
_entity_poly_seq.mon_id 
_entity_poly_seq.hetero 
1 1   GLU n 
1 2   VAL n 
1 3   PRO n 
1 4   ILE n 
1 5   VAL n 
1 6   THR n 
1 7   ARG n 
1 8   ALA n 
1 9   GLU n 
1 10  TRP n 
1 11  ASN n 
1 12  ALA n 
1 13  LYS n 
1 14  PRO n 
1 15  PRO n 
1 16  ASN n 
1 17  GLY n 
1 18  ALA n 
1 19  ILE n 
1 20  ASP n 
1 21  SER n 
1 22  MET n 
1 23  VAL n 
1 24  THR n 
1 25  PRO n 
1 26  LEU n 
1 27  PRO n 
1 28  ARG n 
1 29  ALA n 
1 30  VAL n 
1 31  ILE n 
1 32  ALA n 
1 33  HIS n 
1 34  THR n 
1 35  ALA n 
1 36  GLY n 
1 37  GLY n 
1 38  ALA n 
1 39  CYS n 
1 40  ALA n 
1 41  ASP n 
1 42  ASP n 
1 43  VAL n 
1 44  THR n 
1 45  CYS n 
1 46  SER n 
1 47  GLN n 
1 48  HIS n 
1 49  MET n 
1 50  ARG n 
1 51  ASN n 
1 52  LEU n 
1 53  GLN n 
1 54  ASN n 
1 55  PHE n 
1 56  GLN n 
1 57  MET n 
1 58  SER n 
1 59  LYS n 
1 60  GLN n 
1 61  LYS n 
1 62  PHE n 
1 63  SER n 
1 64  ASP n 
1 65  ILE n 
1 66  GLY n 
1 67  TYR n 
1 68  HIS n 
1 69  TYR n 
1 70  LEU n 
1 71  ILE n 
1 72  GLY n 
1 73  GLY n 
1 74  ASN n 
1 75  GLY n 
1 76  LYS n 
1 77  VAL n 
1 78  TYR n 
1 79  GLU n 
1 80  GLY n 
1 81  ARG n 
1 82  SER n 
1 83  PRO n 
1 84  SER n 
1 85  GLN n 
1 86  ARG n 
1 87  GLY n 
1 88  ALA n 
1 89  PHE n 
1 90  ALA n 
1 91  GLY n 
1 92  PRO n 
1 93  ASN n 
1 94  ASN n 
1 95  ASP n 
1 96  GLY n 
1 97  SER n 
1 98  LEU n 
1 99  GLY n 
1 100 ILE n 
1 101 ALA n 
1 102 PHE n 
1 103 ILE n 
1 104 GLY n 
1 105 ASN n 
1 106 PHE n 
1 107 GLU n 
1 108 GLU n 
1 109 ARG n 
1 110 ALA n 
1 111 PRO n 
1 112 ASN n 
1 113 LYS n 
1 114 GLU n 
1 115 ALA n 
1 116 LEU n 
1 117 ASP n 
1 118 ALA n 
1 119 ALA n 
1 120 LYS n 
1 121 GLU n 
1 122 LEU n 
1 123 LEU n 
1 124 GLU n 
1 125 GLN n 
1 126 ALA n 
1 127 VAL n 
1 128 LYS n 
1 129 GLN n 
1 130 ALA n 
1 131 GLN n 
1 132 LEU n 
1 133 VAL n 
1 134 GLU n 
1 135 GLY n 
1 136 TYR n 
1 137 LYS n 
1 138 LEU n 
1 139 LEU n 
1 140 GLY n 
1 141 HIS n 
1 142 ARG n 
1 143 GLN n 
1 144 VAL n 
1 145 SER n 
1 146 ALA n 
1 147 THR n 
1 148 LYS n 
1 149 SER n 
1 150 PRO n 
1 151 GLY n 
1 152 GLU n 
1 153 ALA n 
1 154 LEU n 
1 155 TYR n 
1 156 ALA n 
1 157 LEU n 
1 158 ILE n 
1 159 GLN n 
1 160 GLN n 
1 161 TRP n 
1 162 PRO n 
1 163 ASN n 
1 164 TRP n 
1 165 SER n 
1 166 GLU n 
1 167 GLU n 
1 168 MET n 
1 169 LEU n 
# 
_entity_src_gen.entity_id                          1 
_entity_src_gen.pdbx_src_id                        1 
_entity_src_gen.pdbx_alt_source_flag               sample 
_entity_src_gen.pdbx_seq_type                      ? 
_entity_src_gen.pdbx_beg_seq_num                   ? 
_entity_src_gen.pdbx_end_seq_num                   ? 
_entity_src_gen.gene_src_common_name               'fruit fly' 
_entity_src_gen.gene_src_genus                     Drosophila 
_entity_src_gen.pdbx_gene_src_gene                 PGRP-SD 
_entity_src_gen.gene_src_species                   ? 
_entity_src_gen.gene_src_strain                    ? 
_entity_src_gen.gene_src_tissue                    ? 
_entity_src_gen.gene_src_tissue_fraction           ? 
_entity_src_gen.gene_src_details                   ? 
_entity_src_gen.pdbx_gene_src_fragment             ? 
_entity_src_gen.pdbx_gene_src_scientific_name      'Drosophila melanogaster' 
_entity_src_gen.pdbx_gene_src_ncbi_taxonomy_id     7227 
_entity_src_gen.pdbx_gene_src_variant              ? 
_entity_src_gen.pdbx_gene_src_cell_line            ? 
_entity_src_gen.pdbx_gene_src_atcc                 ? 
_entity_src_gen.pdbx_gene_src_organ                ? 
_entity_src_gen.pdbx_gene_src_organelle            ? 
_entity_src_gen.pdbx_gene_src_cell                 ? 
_entity_src_gen.pdbx_gene_src_cellular_location    ? 
_entity_src_gen.host_org_common_name               'fruit fly' 
_entity_src_gen.pdbx_host_org_scientific_name      'Drosophila melanogaster' 
_entity_src_gen.pdbx_host_org_ncbi_taxonomy_id     7227 
_entity_src_gen.host_org_genus                     Drosophila 
_entity_src_gen.pdbx_host_org_gene                 ? 
_entity_src_gen.pdbx_host_org_organ                ? 
_entity_src_gen.host_org_species                   ? 
_entity_src_gen.pdbx_host_org_tissue               ? 
_entity_src_gen.pdbx_host_org_tissue_fraction      ? 
_entity_src_gen.pdbx_host_org_strain               ? 
_entity_src_gen.pdbx_host_org_variant              ? 
_entity_src_gen.pdbx_host_org_cell_line            ? 
_entity_src_gen.pdbx_host_org_atcc                 ? 
_entity_src_gen.pdbx_host_org_culture_collection   ? 
_entity_src_gen.pdbx_host_org_cell                 'Schneider cells' 
_entity_src_gen.pdbx_host_org_organelle            ? 
_entity_src_gen.pdbx_host_org_cellular_location    ? 
_entity_src_gen.pdbx_host_org_vector_type          vector 
_entity_src_gen.pdbx_host_org_vector               pMT/V5/His 
_entity_src_gen.host_org_details                   ? 
_entity_src_gen.expression_system_id               ? 
_entity_src_gen.plasmid_name                       ? 
_entity_src_gen.plasmid_details                    'Drosophila Expression System (Invitrogen)' 
_entity_src_gen.pdbx_description                   ? 
# 
loop_
_chem_comp.id 
_chem_comp.type 
_chem_comp.mon_nstd_flag 
_chem_comp.name 
_chem_comp.pdbx_synonyms 
_chem_comp.formula 
_chem_comp.formula_weight 
ALA 'L-peptide linking' y ALANINE         ? 'C3 H7 N O2'     89.093  
ARG 'L-peptide linking' y ARGININE        ? 'C6 H15 N4 O2 1' 175.209 
ASN 'L-peptide linking' y ASPARAGINE      ? 'C4 H8 N2 O3'    132.118 
ASP 'L-peptide linking' y 'ASPARTIC ACID' ? 'C4 H7 N O4'     133.103 
CYS 'L-peptide linking' y CYSTEINE        ? 'C3 H7 N O2 S'   121.158 
GLN 'L-peptide linking' y GLUTAMINE       ? 'C5 H10 N2 O3'   146.144 
GLU 'L-peptide linking' y 'GLUTAMIC ACID' ? 'C5 H9 N O4'     147.129 
GLY 'peptide linking'   y GLYCINE         ? 'C2 H5 N O2'     75.067  
HIS 'L-peptide linking' y HISTIDINE       ? 'C6 H10 N3 O2 1' 156.162 
HOH non-polymer         . WATER           ? 'H2 O'           18.015  
ILE 'L-peptide linking' y ISOLEUCINE      ? 'C6 H13 N O2'    131.173 
LEU 'L-peptide linking' y LEUCINE         ? 'C6 H13 N O2'    131.173 
LYS 'L-peptide linking' y LYSINE          ? 'C6 H15 N2 O2 1' 147.195 
MET 'L-peptide linking' y METHIONINE      ? 'C5 H11 N O2 S'  149.211 
PHE 'L-peptide linking' y PHENYLALANINE   ? 'C9 H11 N O2'    165.189 
PRO 'L-peptide linking' y PROLINE         ? 'C5 H9 N O2'     115.130 
SER 'L-peptide linking' y SERINE          ? 'C3 H7 N O3'     105.093 
THR 'L-peptide linking' y THREONINE       ? 'C4 H9 N O3'     119.119 
TRP 'L-peptide linking' y TRYPTOPHAN      ? 'C11 H12 N2 O2'  204.225 
TYR 'L-peptide linking' y TYROSINE        ? 'C9 H11 N O3'    181.189 
VAL 'L-peptide linking' y VALINE          ? 'C5 H11 N O2'    117.146 
# 
loop_
_pdbx_poly_seq_scheme.asym_id 
_pdbx_poly_seq_scheme.entity_id 
_pdbx_poly_seq_scheme.seq_id 
_pdbx_poly_seq_scheme.mon_id 
_pdbx_poly_seq_scheme.ndb_seq_num 
_pdbx_poly_seq_scheme.pdb_seq_num 
_pdbx_poly_seq_scheme.auth_seq_num 
_pdbx_poly_seq_scheme.pdb_mon_id 
_pdbx_poly_seq_scheme.auth_mon_id 
_pdbx_poly_seq_scheme.pdb_strand_id 
_pdbx_poly_seq_scheme.pdb_ins_code 
_pdbx_poly_seq_scheme.hetero 
A 1 1   GLU 1   11  11  GLU GLU A . n 
A 1 2   VAL 2   12  12  VAL VAL A . n 
A 1 3   PRO 3   13  13  PRO PRO A . n 
A 1 4   ILE 4   14  14  ILE ILE A . n 
A 1 5   VAL 5   15  15  VAL VAL A . n 
A 1 6   THR 6   16  16  THR THR A . n 
A 1 7   ARG 7   17  17  ARG ARG A . n 
A 1 8   ALA 8   18  18  ALA ALA A . n 
A 1 9   GLU 9   19  19  GLU GLU A . n 
A 1 10  TRP 10  20  20  TRP TRP A . n 
A 1 11  ASN 11  21  21  ASN ASN A . n 
A 1 12  ALA 12  22  22  ALA ALA A . n 
A 1 13  LYS 13  23  23  LYS LYS A . n 
A 1 14  PRO 14  24  24  PRO PRO A . n 
A 1 15  PRO 15  25  25  PRO PRO A . n 
A 1 16  ASN 16  26  26  ASN ASN A . n 
A 1 17  GLY 17  26  26  GLY GLY A A n 
A 1 18  ALA 18  27  27  ALA ALA A . n 
A 1 19  ILE 19  28  28  ILE ILE A . n 
A 1 20  ASP 20  29  29  ASP ASP A . n 
A 1 21  SER 21  30  30  SER SER A . n 
A 1 22  MET 22  31  31  MET MET A . n 
A 1 23  VAL 23  32  32  VAL VAL A . n 
A 1 24  THR 24  33  33  THR THR A . n 
A 1 25  PRO 25  34  34  PRO PRO A . n 
A 1 26  LEU 26  35  35  LEU LEU A . n 
A 1 27  PRO 27  36  36  PRO PRO A . n 
A 1 28  ARG 28  37  37  ARG ARG A . n 
A 1 29  ALA 29  38  38  ALA ALA A . n 
A 1 30  VAL 30  39  39  VAL VAL A . n 
A 1 31  ILE 31  40  40  ILE ILE A . n 
A 1 32  ALA 32  41  41  ALA ALA A . n 
A 1 33  HIS 33  42  42  HIS HIS A . n 
A 1 34  THR 34  43  43  THR THR A . n 
A 1 35  ALA 35  44  44  ALA ALA A . n 
A 1 36  GLY 36  45  45  GLY GLY A . n 
A 1 37  GLY 37  46  46  GLY GLY A . n 
A 1 38  ALA 38  47  47  ALA ALA A . n 
A 1 39  CYS 39  48  48  CYS CYS A . n 
A 1 40  ALA 40  49  49  ALA ALA A . n 
A 1 41  ASP 41  50  50  ASP ASP A . n 
A 1 42  ASP 42  51  51  ASP ASP A . n 
A 1 43  VAL 43  52  52  VAL VAL A . n 
A 1 44  THR 44  53  53  THR THR A . n 
A 1 45  CYS 45  54  54  CYS CYS A . n 
A 1 46  SER 46  55  55  SER SER A . n 
A 1 47  GLN 47  56  56  GLN GLN A . n 
A 1 48  HIS 48  57  57  HIS HIS A . n 
A 1 49  MET 49  58  58  MET MET A . n 
A 1 50  ARG 50  59  59  ARG ARG A . n 
A 1 51  ASN 51  60  60  ASN ASN A . n 
A 1 52  LEU 52  61  61  LEU LEU A . n 
A 1 53  GLN 53  62  62  GLN GLN A . n 
A 1 54  ASN 54  63  63  ASN ASN A . n 
A 1 55  PHE 55  64  64  PHE PHE A . n 
A 1 56  GLN 56  65  65  GLN GLN A . n 
A 1 57  MET 57  66  66  MET MET A . n 
A 1 58  SER 58  67  67  SER SER A . n 
A 1 59  LYS 59  68  68  LYS LYS A . n 
A 1 60  GLN 60  69  69  GLN GLN A . n 
A 1 61  LYS 61  70  70  LYS LYS A . n 
A 1 62  PHE 62  71  71  PHE PHE A . n 
A 1 63  SER 63  72  72  SER SER A . n 
A 1 64  ASP 64  73  73  ASP ASP A . n 
A 1 65  ILE 65  74  74  ILE ILE A . n 
A 1 66  GLY 66  75  75  GLY GLY A . n 
A 1 67  TYR 67  76  76  TYR TYR A . n 
A 1 68  HIS 68  77  77  HIS HIS A . n 
A 1 69  TYR 69  78  78  TYR TYR A . n 
A 1 70  LEU 70  79  79  LEU LEU A . n 
A 1 71  ILE 71  80  80  ILE ILE A . n 
A 1 72  GLY 72  81  81  GLY GLY A . n 
A 1 73  GLY 73  82  82  GLY GLY A . n 
A 1 74  ASN 74  83  83  ASN ASN A . n 
A 1 75  GLY 75  84  84  GLY GLY A . n 
A 1 76  LYS 76  85  85  LYS LYS A . n 
A 1 77  VAL 77  86  86  VAL VAL A . n 
A 1 78  TYR 78  87  87  TYR TYR A . n 
A 1 79  GLU 79  88  88  GLU GLU A . n 
A 1 80  GLY 80  89  89  GLY GLY A . n 
A 1 81  ARG 81  90  90  ARG ARG A . n 
A 1 82  SER 82  91  91  SER SER A . n 
A 1 83  PRO 83  92  92  PRO PRO A . n 
A 1 84  SER 84  93  93  SER SER A . n 
A 1 85  GLN 85  94  94  GLN GLN A . n 
A 1 86  ARG 86  95  95  ARG ARG A . n 
A 1 87  GLY 87  96  96  GLY GLY A . n 
A 1 88  ALA 88  97  97  ALA ALA A . n 
A 1 89  PHE 89  98  98  PHE PHE A . n 
A 1 90  ALA 90  99  99  ALA ALA A . n 
A 1 91  GLY 91  100 100 GLY GLY A . n 
A 1 92  PRO 92  101 101 PRO PRO A . n 
A 1 93  ASN 93  102 102 ASN ASN A . n 
A 1 94  ASN 94  103 103 ASN ASN A . n 
A 1 95  ASP 95  104 104 ASP ASP A . n 
A 1 96  GLY 96  105 105 GLY GLY A . n 
A 1 97  SER 97  106 106 SER SER A . n 
A 1 98  LEU 98  107 107 LEU LEU A . n 
A 1 99  GLY 99  108 108 GLY GLY A . n 
A 1 100 ILE 100 109 109 ILE ILE A . n 
A 1 101 ALA 101 110 110 ALA ALA A . n 
A 1 102 PHE 102 111 111 PHE PHE A . n 
A 1 103 ILE 103 112 112 ILE ILE A . n 
A 1 104 GLY 104 113 113 GLY GLY A . n 
A 1 105 ASN 105 114 114 ASN ASN A . n 
A 1 106 PHE 106 115 115 PHE PHE A . n 
A 1 107 GLU 107 116 116 GLU GLU A . n 
A 1 108 GLU 108 117 117 GLU GLU A . n 
A 1 109 ARG 109 118 118 ARG ARG A . n 
A 1 110 ALA 110 119 119 ALA ALA A . n 
A 1 111 PRO 111 120 120 PRO PRO A . n 
A 1 112 ASN 112 121 121 ASN ASN A . n 
A 1 113 LYS 113 122 122 LYS LYS A . n 
A 1 114 GLU 114 123 123 GLU GLU A . n 
A 1 115 ALA 115 124 124 ALA ALA A . n 
A 1 116 LEU 116 125 125 LEU LEU A . n 
A 1 117 ASP 117 126 126 ASP ASP A . n 
A 1 118 ALA 118 127 127 ALA ALA A . n 
A 1 119 ALA 119 128 128 ALA ALA A . n 
A 1 120 LYS 120 129 129 LYS LYS A . n 
A 1 121 GLU 121 130 130 GLU GLU A . n 
A 1 122 LEU 122 131 131 LEU LEU A . n 
A 1 123 LEU 123 132 132 LEU LEU A . n 
A 1 124 GLU 124 133 133 GLU GLU A . n 
A 1 125 GLN 125 134 134 GLN GLN A . n 
A 1 126 ALA 126 135 135 ALA ALA A . n 
A 1 127 VAL 127 136 136 VAL VAL A . n 
A 1 128 LYS 128 137 137 LYS LYS A . n 
A 1 129 GLN 129 138 138 GLN GLN A . n 
A 1 130 ALA 130 139 139 ALA ALA A . n 
A 1 131 GLN 131 140 140 GLN GLN A . n 
A 1 132 LEU 132 141 141 LEU LEU A . n 
A 1 133 VAL 133 142 142 VAL VAL A . n 
A 1 134 GLU 134 143 143 GLU GLU A . n 
A 1 135 GLY 135 144 144 GLY GLY A . n 
A 1 136 TYR 136 145 145 TYR TYR A . n 
A 1 137 LYS 137 146 146 LYS LYS A . n 
A 1 138 LEU 138 147 147 LEU LEU A . n 
A 1 139 LEU 139 148 148 LEU LEU A . n 
A 1 140 GLY 140 149 149 GLY GLY A . n 
A 1 141 HIS 141 150 150 HIS HIS A . n 
A 1 142 ARG 142 151 151 ARG ARG A . n 
A 1 143 GLN 143 152 152 GLN GLN A . n 
A 1 144 VAL 144 153 153 VAL VAL A . n 
A 1 145 SER 145 154 154 SER SER A . n 
A 1 146 ALA 146 155 155 ALA ALA A . n 
A 1 147 THR 147 156 156 THR THR A . n 
A 1 148 LYS 148 157 157 LYS LYS A . n 
A 1 149 SER 149 158 158 SER SER A . n 
A 1 150 PRO 150 159 159 PRO PRO A . n 
A 1 151 GLY 151 160 160 GLY GLY A . n 
A 1 152 GLU 152 161 161 GLU GLU A . n 
A 1 153 ALA 153 162 162 ALA ALA A . n 
A 1 154 LEU 154 163 163 LEU LEU A . n 
A 1 155 TYR 155 164 164 TYR TYR A . n 
A 1 156 ALA 156 165 165 ALA ALA A . n 
A 1 157 LEU 157 166 166 LEU LEU A . n 
A 1 158 ILE 158 167 167 ILE ILE A . n 
A 1 159 GLN 159 168 168 GLN GLN A . n 
A 1 160 GLN 160 169 169 GLN GLN A . n 
A 1 161 TRP 161 170 170 TRP TRP A . n 
A 1 162 PRO 162 171 171 PRO PRO A . n 
A 1 163 ASN 163 172 172 ASN ASN A . n 
A 1 164 TRP 164 173 173 TRP TRP A . n 
A 1 165 SER 165 174 174 SER SER A . n 
A 1 166 GLU 166 175 175 GLU GLU A . n 
A 1 167 GLU 167 176 176 GLU GLU A . n 
A 1 168 MET 168 177 177 MET MET A . n 
A 1 169 LEU 169 178 178 LEU LEU A . n 
# 
loop_
_pdbx_nonpoly_scheme.asym_id 
_pdbx_nonpoly_scheme.entity_id 
_pdbx_nonpoly_scheme.mon_id 
_pdbx_nonpoly_scheme.ndb_seq_num 
_pdbx_nonpoly_scheme.pdb_seq_num 
_pdbx_nonpoly_scheme.auth_seq_num 
_pdbx_nonpoly_scheme.pdb_mon_id 
_pdbx_nonpoly_scheme.auth_mon_id 
_pdbx_nonpoly_scheme.pdb_strand_id 
_pdbx_nonpoly_scheme.pdb_ins_code 
B 2 HOH 1   179 1   HOH HOH A . 
B 2 HOH 2   180 2   HOH HOH A . 
B 2 HOH 3   181 3   HOH HOH A . 
B 2 HOH 4   182 4   HOH HOH A . 
B 2 HOH 5   183 5   HOH HOH A . 
B 2 HOH 6   184 6   HOH HOH A . 
B 2 HOH 7   185 7   HOH HOH A . 
B 2 HOH 8   186 8   HOH HOH A . 
B 2 HOH 9   187 9   HOH HOH A . 
B 2 HOH 10  188 10  HOH HOH A . 
B 2 HOH 11  189 11  HOH HOH A . 
B 2 HOH 12  190 12  HOH HOH A . 
B 2 HOH 13  191 13  HOH HOH A . 
B 2 HOH 14  192 14  HOH HOH A . 
B 2 HOH 15  193 15  HOH HOH A . 
B 2 HOH 16  194 16  HOH HOH A . 
B 2 HOH 17  195 17  HOH HOH A . 
B 2 HOH 18  196 18  HOH HOH A . 
B 2 HOH 19  197 19  HOH HOH A . 
B 2 HOH 20  198 20  HOH HOH A . 
B 2 HOH 21  199 21  HOH HOH A . 
B 2 HOH 22  200 22  HOH HOH A . 
B 2 HOH 23  201 23  HOH HOH A . 
B 2 HOH 24  202 24  HOH HOH A . 
B 2 HOH 25  203 25  HOH HOH A . 
B 2 HOH 26  204 26  HOH HOH A . 
B 2 HOH 27  205 27  HOH HOH A . 
B 2 HOH 28  206 28  HOH HOH A . 
B 2 HOH 29  207 29  HOH HOH A . 
B 2 HOH 30  208 30  HOH HOH A . 
B 2 HOH 31  209 31  HOH HOH A . 
B 2 HOH 32  210 32  HOH HOH A . 
B 2 HOH 33  211 33  HOH HOH A . 
B 2 HOH 34  212 34  HOH HOH A . 
B 2 HOH 35  213 35  HOH HOH A . 
B 2 HOH 36  214 36  HOH HOH A . 
B 2 HOH 37  215 37  HOH HOH A . 
B 2 HOH 38  216 38  HOH HOH A . 
B 2 HOH 39  217 39  HOH HOH A . 
B 2 HOH 40  218 40  HOH HOH A . 
B 2 HOH 41  219 41  HOH HOH A . 
B 2 HOH 42  220 42  HOH HOH A . 
B 2 HOH 43  221 43  HOH HOH A . 
B 2 HOH 44  222 44  HOH HOH A . 
B 2 HOH 45  223 45  HOH HOH A . 
B 2 HOH 46  224 46  HOH HOH A . 
B 2 HOH 47  225 47  HOH HOH A . 
B 2 HOH 48  226 48  HOH HOH A . 
B 2 HOH 49  227 49  HOH HOH A . 
B 2 HOH 50  228 50  HOH HOH A . 
B 2 HOH 51  229 51  HOH HOH A . 
B 2 HOH 52  230 52  HOH HOH A . 
B 2 HOH 53  231 53  HOH HOH A . 
B 2 HOH 54  232 54  HOH HOH A . 
B 2 HOH 55  233 55  HOH HOH A . 
B 2 HOH 56  234 56  HOH HOH A . 
B 2 HOH 57  235 57  HOH HOH A . 
B 2 HOH 58  236 58  HOH HOH A . 
B 2 HOH 59  237 59  HOH HOH A . 
B 2 HOH 60  238 60  HOH HOH A . 
B 2 HOH 61  239 61  HOH HOH A . 
B 2 HOH 62  240 62  HOH HOH A . 
B 2 HOH 63  241 63  HOH HOH A . 
B 2 HOH 64  242 64  HOH HOH A . 
B 2 HOH 65  243 65  HOH HOH A . 
B 2 HOH 66  244 66  HOH HOH A . 
B 2 HOH 67  245 67  HOH HOH A . 
B 2 HOH 68  246 68  HOH HOH A . 
B 2 HOH 69  247 69  HOH HOH A . 
B 2 HOH 70  248 70  HOH HOH A . 
B 2 HOH 71  249 71  HOH HOH A . 
B 2 HOH 72  250 72  HOH HOH A . 
B 2 HOH 73  251 73  HOH HOH A . 
B 2 HOH 74  252 74  HOH HOH A . 
B 2 HOH 75  253 75  HOH HOH A . 
B 2 HOH 76  254 76  HOH HOH A . 
B 2 HOH 77  255 77  HOH HOH A . 
B 2 HOH 78  256 78  HOH HOH A . 
B 2 HOH 79  257 79  HOH HOH A . 
B 2 HOH 80  258 80  HOH HOH A . 
B 2 HOH 81  259 81  HOH HOH A . 
B 2 HOH 82  260 82  HOH HOH A . 
B 2 HOH 83  261 83  HOH HOH A . 
B 2 HOH 84  262 84  HOH HOH A . 
B 2 HOH 85  263 85  HOH HOH A . 
B 2 HOH 86  264 86  HOH HOH A . 
B 2 HOH 87  265 87  HOH HOH A . 
B 2 HOH 88  266 88  HOH HOH A . 
B 2 HOH 89  267 89  HOH HOH A . 
B 2 HOH 90  268 90  HOH HOH A . 
B 2 HOH 91  269 91  HOH HOH A . 
B 2 HOH 92  270 92  HOH HOH A . 
B 2 HOH 93  271 93  HOH HOH A . 
B 2 HOH 94  272 94  HOH HOH A . 
B 2 HOH 95  273 95  HOH HOH A . 
B 2 HOH 96  274 96  HOH HOH A . 
B 2 HOH 97  275 97  HOH HOH A . 
B 2 HOH 98  276 98  HOH HOH A . 
B 2 HOH 99  277 99  HOH HOH A . 
B 2 HOH 100 278 100 HOH HOH A . 
B 2 HOH 101 279 101 HOH HOH A . 
B 2 HOH 102 280 102 HOH HOH A . 
B 2 HOH 103 281 103 HOH HOH A . 
B 2 HOH 104 282 104 HOH HOH A . 
B 2 HOH 105 283 105 HOH HOH A . 
B 2 HOH 106 284 106 HOH HOH A . 
B 2 HOH 107 285 107 HOH HOH A . 
B 2 HOH 108 286 108 HOH HOH A . 
B 2 HOH 109 287 109 HOH HOH A . 
B 2 HOH 110 288 110 HOH HOH A . 
B 2 HOH 111 289 111 HOH HOH A . 
B 2 HOH 112 290 112 HOH HOH A . 
B 2 HOH 113 291 113 HOH HOH A . 
B 2 HOH 114 292 114 HOH HOH A . 
B 2 HOH 115 293 115 HOH HOH A . 
B 2 HOH 116 294 116 HOH HOH A . 
B 2 HOH 117 295 117 HOH HOH A . 
B 2 HOH 118 296 118 HOH HOH A . 
B 2 HOH 119 297 119 HOH HOH A . 
B 2 HOH 120 298 120 HOH HOH A . 
B 2 HOH 121 299 121 HOH HOH A . 
B 2 HOH 122 300 122 HOH HOH A . 
B 2 HOH 123 301 123 HOH HOH A . 
B 2 HOH 124 302 124 HOH HOH A . 
B 2 HOH 125 303 125 HOH HOH A . 
B 2 HOH 126 304 126 HOH HOH A . 
B 2 HOH 127 305 127 HOH HOH A . 
B 2 HOH 128 306 128 HOH HOH A . 
B 2 HOH 129 307 129 HOH HOH A . 
B 2 HOH 130 308 130 HOH HOH A . 
B 2 HOH 131 309 131 HOH HOH A . 
B 2 HOH 132 310 132 HOH HOH A . 
B 2 HOH 133 311 133 HOH HOH A . 
B 2 HOH 134 312 134 HOH HOH A . 
B 2 HOH 135 313 135 HOH HOH A . 
B 2 HOH 136 314 136 HOH HOH A . 
B 2 HOH 137 315 137 HOH HOH A . 
B 2 HOH 138 316 138 HOH HOH A . 
B 2 HOH 139 317 139 HOH HOH A . 
B 2 HOH 140 318 140 HOH HOH A . 
B 2 HOH 141 319 141 HOH HOH A . 
B 2 HOH 142 320 142 HOH HOH A . 
B 2 HOH 143 321 143 HOH HOH A . 
B 2 HOH 144 322 144 HOH HOH A . 
B 2 HOH 145 323 145 HOH HOH A . 
B 2 HOH 146 324 146 HOH HOH A . 
B 2 HOH 147 325 147 HOH HOH A . 
B 2 HOH 148 326 148 HOH HOH A . 
B 2 HOH 149 327 149 HOH HOH A . 
B 2 HOH 150 328 150 HOH HOH A . 
B 2 HOH 151 329 151 HOH HOH A . 
B 2 HOH 152 330 152 HOH HOH A . 
B 2 HOH 153 331 153 HOH HOH A . 
B 2 HOH 154 332 154 HOH HOH A . 
B 2 HOH 155 333 155 HOH HOH A . 
B 2 HOH 156 334 156 HOH HOH A . 
B 2 HOH 157 335 157 HOH HOH A . 
B 2 HOH 158 336 158 HOH HOH A . 
B 2 HOH 159 337 159 HOH HOH A . 
B 2 HOH 160 338 160 HOH HOH A . 
B 2 HOH 161 339 161 HOH HOH A . 
B 2 HOH 162 340 162 HOH HOH A . 
B 2 HOH 163 341 163 HOH HOH A . 
B 2 HOH 164 342 164 HOH HOH A . 
B 2 HOH 165 343 165 HOH HOH A . 
B 2 HOH 166 344 166 HOH HOH A . 
B 2 HOH 167 345 167 HOH HOH A . 
B 2 HOH 168 346 168 HOH HOH A . 
B 2 HOH 169 347 169 HOH HOH A . 
B 2 HOH 170 348 170 HOH HOH A . 
B 2 HOH 171 349 171 HOH HOH A . 
B 2 HOH 172 350 172 HOH HOH A . 
B 2 HOH 173 351 173 HOH HOH A . 
B 2 HOH 174 352 174 HOH HOH A . 
B 2 HOH 175 353 175 HOH HOH A . 
B 2 HOH 176 354 176 HOH HOH A . 
B 2 HOH 177 355 177 HOH HOH A . 
B 2 HOH 178 356 178 HOH HOH A . 
B 2 HOH 179 357 179 HOH HOH A . 
B 2 HOH 180 358 180 HOH HOH A . 
B 2 HOH 181 359 181 HOH HOH A . 
B 2 HOH 182 360 182 HOH HOH A . 
B 2 HOH 183 361 183 HOH HOH A . 
B 2 HOH 184 362 184 HOH HOH A . 
B 2 HOH 185 363 185 HOH HOH A . 
B 2 HOH 186 364 186 HOH HOH A . 
B 2 HOH 187 365 187 HOH HOH A . 
B 2 HOH 188 366 188 HOH HOH A . 
B 2 HOH 189 367 189 HOH HOH A . 
B 2 HOH 190 368 190 HOH HOH A . 
B 2 HOH 191 369 191 HOH HOH A . 
B 2 HOH 192 370 192 HOH HOH A . 
B 2 HOH 193 371 193 HOH HOH A . 
B 2 HOH 194 372 194 HOH HOH A . 
B 2 HOH 195 373 195 HOH HOH A . 
B 2 HOH 196 374 196 HOH HOH A . 
B 2 HOH 197 375 197 HOH HOH A . 
B 2 HOH 198 376 198 HOH HOH A . 
B 2 HOH 199 377 199 HOH HOH A . 
B 2 HOH 200 378 200 HOH HOH A . 
B 2 HOH 201 379 201 HOH HOH A . 
B 2 HOH 202 380 202 HOH HOH A . 
B 2 HOH 203 381 203 HOH HOH A . 
B 2 HOH 204 382 204 HOH HOH A . 
B 2 HOH 205 383 205 HOH HOH A . 
B 2 HOH 206 384 206 HOH HOH A . 
B 2 HOH 207 385 207 HOH HOH A . 
B 2 HOH 208 386 208 HOH HOH A . 
B 2 HOH 209 387 209 HOH HOH A . 
B 2 HOH 210 388 210 HOH HOH A . 
B 2 HOH 211 389 211 HOH HOH A . 
B 2 HOH 212 390 212 HOH HOH A . 
B 2 HOH 213 391 213 HOH HOH A . 
B 2 HOH 214 392 214 HOH HOH A . 
B 2 HOH 215 393 215 HOH HOH A . 
B 2 HOH 216 394 216 HOH HOH A . 
B 2 HOH 217 395 217 HOH HOH A . 
B 2 HOH 218 396 218 HOH HOH A . 
B 2 HOH 219 397 219 HOH HOH A . 
B 2 HOH 220 398 220 HOH HOH A . 
B 2 HOH 221 399 221 HOH HOH A . 
B 2 HOH 222 400 222 HOH HOH A . 
B 2 HOH 223 401 223 HOH HOH A . 
B 2 HOH 224 402 224 HOH HOH A . 
B 2 HOH 225 403 225 HOH HOH A . 
B 2 HOH 226 404 226 HOH HOH A . 
B 2 HOH 227 405 227 HOH HOH A . 
B 2 HOH 228 406 228 HOH HOH A . 
B 2 HOH 229 407 229 HOH HOH A . 
B 2 HOH 230 408 230 HOH HOH A . 
B 2 HOH 231 409 231 HOH HOH A . 
B 2 HOH 232 410 232 HOH HOH A . 
B 2 HOH 233 411 233 HOH HOH A . 
B 2 HOH 234 412 234 HOH HOH A . 
B 2 HOH 235 413 235 HOH HOH A . 
B 2 HOH 236 414 236 HOH HOH A . 
B 2 HOH 237 415 237 HOH HOH A . 
B 2 HOH 238 416 238 HOH HOH A . 
B 2 HOH 239 417 239 HOH HOH A . 
B 2 HOH 240 418 240 HOH HOH A . 
B 2 HOH 241 419 241 HOH HOH A . 
B 2 HOH 242 420 242 HOH HOH A . 
B 2 HOH 243 421 243 HOH HOH A . 
B 2 HOH 244 422 244 HOH HOH A . 
B 2 HOH 245 423 245 HOH HOH A . 
B 2 HOH 246 424 246 HOH HOH A . 
B 2 HOH 247 425 247 HOH HOH A . 
B 2 HOH 248 426 248 HOH HOH A . 
B 2 HOH 249 427 249 HOH HOH A . 
B 2 HOH 250 428 250 HOH HOH A . 
B 2 HOH 251 429 251 HOH HOH A . 
B 2 HOH 252 430 252 HOH HOH A . 
# 
loop_
_software.name 
_software.classification 
_software.version 
_software.citation_id 
_software.pdbx_ordinal 
REFMAC    refinement        5.2.0019 ? 1 
ADSC      'data collection' Quantum  ? 2 
DENZO     'data reduction'  .        ? 3 
SCALEPACK 'data scaling'    .        ? 4 
AMoRE     phasing           .        ? 5 
# 
_cell.entry_id           2RKQ 
_cell.length_a           37.559 
_cell.length_b           57.438 
_cell.length_c           71.490 
_cell.angle_alpha        90.00 
_cell.angle_beta         90.00 
_cell.angle_gamma        90.00 
_cell.Z_PDB              4 
_cell.pdbx_unique_axis   ? 
_cell.length_a_esd       ? 
_cell.length_b_esd       ? 
_cell.length_c_esd       ? 
_cell.angle_alpha_esd    ? 
_cell.angle_beta_esd     ? 
_cell.angle_gamma_esd    ? 
# 
_symmetry.entry_id                         2RKQ 
_symmetry.space_group_name_H-M             'P 21 21 21' 
_symmetry.pdbx_full_space_group_name_H-M   ? 
_symmetry.cell_setting                     ? 
_symmetry.Int_Tables_number                19 
_symmetry.space_group_name_Hall            ? 
# 
_exptl.entry_id          2RKQ 
_exptl.method            'X-RAY DIFFRACTION' 
_exptl.crystals_number   1 
# 
_exptl_crystal.id                    1 
_exptl_crystal.density_meas          ? 
_exptl_crystal.density_Matthews      2.09 
_exptl_crystal.density_percent_sol   41.25 
_exptl_crystal.description           ? 
_exptl_crystal.F_000                 ? 
_exptl_crystal.preparation           ? 
# 
_exptl_crystal_grow.crystal_id      1 
_exptl_crystal_grow.method          'VAPOR DIFFUSION, HANGING DROP' 
_exptl_crystal_grow.temp            293 
_exptl_crystal_grow.temp_details    ? 
_exptl_crystal_grow.pH              6.0 
_exptl_crystal_grow.pdbx_details    '25% PEG-mme 2000, 0.1M MES , pH 6.0, VAPOR DIFFUSION, HANGING DROP, temperature 293K' 
_exptl_crystal_grow.pdbx_pH_range   . 
# 
_diffrn.id                     1 
_diffrn.ambient_temp           100 
_diffrn.ambient_temp_details   ? 
_diffrn.crystal_id             1 
# 
_diffrn_detector.diffrn_id              1 
_diffrn_detector.detector               CCD 
_diffrn_detector.type                   'ADSC QUANTUM 210' 
_diffrn_detector.pdbx_collection_date   2005-01-28 
_diffrn_detector.details                ? 
# 
_diffrn_radiation.diffrn_id                        1 
_diffrn_radiation.wavelength_id                    1 
_diffrn_radiation.pdbx_monochromatic_or_laue_m_l   M 
_diffrn_radiation.monochromator                    'Si(311) and Si(111) crystals' 
_diffrn_radiation.pdbx_diffrn_protocol             'SINGLE WAVELENGTH' 
_diffrn_radiation.pdbx_scattering_type             x-ray 
# 
_diffrn_radiation_wavelength.id           1 
_diffrn_radiation_wavelength.wavelength   0.934 
_diffrn_radiation_wavelength.wt           1.0 
# 
_diffrn_source.diffrn_id                   1 
_diffrn_source.source                      SYNCHROTRON 
_diffrn_source.type                        'ESRF BEAMLINE ID14-1' 
_diffrn_source.pdbx_synchrotron_site       ESRF 
_diffrn_source.pdbx_synchrotron_beamline   ID14-1 
_diffrn_source.pdbx_wavelength             ? 
_diffrn_source.pdbx_wavelength_list        0.934 
# 
_reflns.entry_id                     2RKQ 
_reflns.observed_criterion_sigma_F   ? 
_reflns.observed_criterion_sigma_I   ? 
_reflns.d_resolution_high            1.5 
_reflns.d_resolution_low             20 
_reflns.number_all                   25490 
_reflns.number_obs                   25380 
_reflns.percent_possible_obs         99.6 
_reflns.pdbx_Rmerge_I_obs            ? 
_reflns.pdbx_Rsym_value              0.073 
_reflns.pdbx_netI_over_sigmaI        10 
_reflns.B_iso_Wilson_estimate        18.7 
_reflns.pdbx_redundancy              3.8 
_reflns.R_free_details               ? 
_reflns.limit_h_max                  ? 
_reflns.limit_h_min                  ? 
_reflns.limit_k_max                  ? 
_reflns.limit_k_min                  ? 
_reflns.limit_l_max                  ? 
_reflns.limit_l_min                  ? 
_reflns.observed_criterion_F_max     ? 
_reflns.observed_criterion_F_min     ? 
_reflns.pdbx_chi_squared             ? 
_reflns.pdbx_scaling_rejects         ? 
_reflns.pdbx_diffrn_id               1 
_reflns.pdbx_ordinal                 1 
# 
_reflns_shell.d_res_high             1.500 
_reflns_shell.d_res_low              1.55 
_reflns_shell.percent_possible_all   98.7 
_reflns_shell.Rmerge_I_obs           ? 
_reflns_shell.pdbx_Rsym_value        0.326 
_reflns_shell.meanI_over_sigI_obs    3.8 
_reflns_shell.pdbx_redundancy        3.7 
_reflns_shell.percent_possible_obs   ? 
_reflns_shell.number_unique_all      ? 
_reflns_shell.number_measured_all    ? 
_reflns_shell.number_measured_obs    ? 
_reflns_shell.number_unique_obs      ? 
_reflns_shell.pdbx_chi_squared       ? 
_reflns_shell.pdbx_diffrn_id         ? 
_reflns_shell.pdbx_ordinal           1 
# 
_refine.entry_id                                 2RKQ 
_refine.ls_number_reflns_obs                     24154 
_refine.ls_number_reflns_all                     25490 
_refine.pdbx_ls_sigma_I                          0 
_refine.pdbx_ls_sigma_F                          0 
_refine.pdbx_data_cutoff_high_absF               ? 
_refine.pdbx_data_cutoff_low_absF                ? 
_refine.pdbx_data_cutoff_high_rms_absF           ? 
_refine.ls_d_res_low                             20.00 
_refine.ls_d_res_high                            1.50 
_refine.ls_percent_reflns_obs                    99.75 
_refine.ls_R_factor_obs                          0.15567 
_refine.ls_R_factor_all                          ? 
_refine.ls_R_factor_R_work                       0.15471 
_refine.ls_R_factor_R_free                       0.17328 
_refine.ls_R_factor_R_free_error                 ? 
_refine.ls_R_factor_R_free_error_details         ? 
_refine.ls_percent_reflns_R_free                 5.0 
_refine.ls_number_reflns_R_free                  1273 
_refine.ls_number_parameters                     ? 
_refine.ls_number_restraints                     ? 
_refine.occupancy_min                            ? 
_refine.occupancy_max                            ? 
_refine.correlation_coeff_Fo_to_Fc               0.967 
_refine.correlation_coeff_Fo_to_Fc_free          0.963 
_refine.B_iso_mean                               17.816 
_refine.aniso_B[1][1]                            -0.54 
_refine.aniso_B[2][2]                            -0.37 
_refine.aniso_B[3][3]                            0.91 
_refine.aniso_B[1][2]                            0.00 
_refine.aniso_B[1][3]                            0.00 
_refine.aniso_B[2][3]                            0.00 
_refine.solvent_model_details                    'BABINET MODEL WITH MASK' 
_refine.solvent_model_param_ksol                 ? 
_refine.solvent_model_param_bsol                 ? 
_refine.pdbx_solvent_vdw_probe_radii             1.40 
_refine.pdbx_solvent_ion_probe_radii             0.80 
_refine.pdbx_solvent_shrinkage_radii             0.80 
_refine.pdbx_ls_cross_valid_method               THROUGHOUT 
_refine.details                                  ? 
_refine.pdbx_starting_model                      'PDB ENTRY 1S2J' 
_refine.pdbx_method_to_determine_struct          'MOLECULAR REPLACEMENT' 
_refine.pdbx_isotropic_thermal_model             ? 
_refine.pdbx_stereochemistry_target_values       'MAXIMUM LIKELIHOOD' 
_refine.pdbx_stereochem_target_val_spec_case     ? 
_refine.pdbx_R_Free_selection_details            RANDOM 
_refine.pdbx_overall_ESU_R                       0.070 
_refine.pdbx_overall_ESU_R_Free                  0.067 
_refine.overall_SU_ML                            0.041 
_refine.overall_SU_B                             1.073 
_refine.ls_redundancy_reflns_obs                 ? 
_refine.B_iso_min                                ? 
_refine.B_iso_max                                ? 
_refine.overall_SU_R_Cruickshank_DPI             ? 
_refine.overall_SU_R_free                        ? 
_refine.ls_wR_factor_R_free                      ? 
_refine.ls_wR_factor_R_work                      ? 
_refine.overall_FOM_free_R_set                   ? 
_refine.overall_FOM_work_R_set                   ? 
_refine.pdbx_overall_phase_error                 ? 
_refine.pdbx_refine_id                           'X-RAY DIFFRACTION' 
_refine.pdbx_diffrn_id                           1 
_refine.pdbx_TLS_residual_ADP_flag               ? 
_refine.pdbx_overall_SU_R_free_Cruickshank_DPI   ? 
_refine.pdbx_overall_SU_R_Blow_DPI               ? 
_refine.pdbx_overall_SU_R_free_Blow_DPI          ? 
# 
_refine_hist.pdbx_refine_id                   'X-RAY DIFFRACTION' 
_refine_hist.cycle_id                         LAST 
_refine_hist.pdbx_number_atoms_protein        1304 
_refine_hist.pdbx_number_atoms_nucleic_acid   0 
_refine_hist.pdbx_number_atoms_ligand         0 
_refine_hist.number_atoms_solvent             252 
_refine_hist.number_atoms_total               1556 
_refine_hist.d_res_high                       1.50 
_refine_hist.d_res_low                        20.00 
# 
loop_
_refine_ls_restr.type 
_refine_ls_restr.dev_ideal 
_refine_ls_restr.dev_ideal_target 
_refine_ls_restr.weight 
_refine_ls_restr.number 
_refine_ls_restr.pdbx_refine_id 
_refine_ls_restr.pdbx_restraint_function 
r_bond_refined_d             0.010  0.022  ? 1334 'X-RAY DIFFRACTION' ? 
r_bond_other_d               ?      ?      ? ?    'X-RAY DIFFRACTION' ? 
r_angle_refined_deg          1.363  1.950  ? 1807 'X-RAY DIFFRACTION' ? 
r_angle_other_deg            ?      ?      ? ?    'X-RAY DIFFRACTION' ? 
r_dihedral_angle_1_deg       5.692  5.000  ? 168  'X-RAY DIFFRACTION' ? 
r_dihedral_angle_2_deg       39.020 25.156 ? 64   'X-RAY DIFFRACTION' ? 
r_dihedral_angle_3_deg       11.301 15.000 ? 222  'X-RAY DIFFRACTION' ? 
r_dihedral_angle_4_deg       20.010 15.000 ? 7    'X-RAY DIFFRACTION' ? 
r_chiral_restr               0.088  0.200  ? 189  'X-RAY DIFFRACTION' ? 
r_gen_planes_refined         0.006  0.020  ? 1040 'X-RAY DIFFRACTION' ? 
r_gen_planes_other           ?      ?      ? ?    'X-RAY DIFFRACTION' ? 
r_nbd_refined                0.207  0.200  ? 672  'X-RAY DIFFRACTION' ? 
r_nbd_other                  ?      ?      ? ?    'X-RAY DIFFRACTION' ? 
r_nbtor_refined              0.311  0.200  ? 942  'X-RAY DIFFRACTION' ? 
r_nbtor_other                ?      ?      ? ?    'X-RAY DIFFRACTION' ? 
r_xyhbond_nbd_refined        0.189  0.200  ? 250  'X-RAY DIFFRACTION' ? 
r_xyhbond_nbd_other          ?      ?      ? ?    'X-RAY DIFFRACTION' ? 
r_metal_ion_refined          ?      ?      ? ?    'X-RAY DIFFRACTION' ? 
r_metal_ion_other            ?      ?      ? ?    'X-RAY DIFFRACTION' ? 
r_symmetry_vdw_refined       0.255  0.200  ? 58   'X-RAY DIFFRACTION' ? 
r_symmetry_vdw_other         ?      ?      ? ?    'X-RAY DIFFRACTION' ? 
r_symmetry_hbond_refined     0.145  0.200  ? 38   'X-RAY DIFFRACTION' ? 
r_symmetry_hbond_other       ?      ?      ? ?    'X-RAY DIFFRACTION' ? 
r_symmetry_metal_ion_refined ?      ?      ? ?    'X-RAY DIFFRACTION' ? 
r_symmetry_metal_ion_other   ?      ?      ? ?    'X-RAY DIFFRACTION' ? 
r_mcbond_it                  0.748  1.500  ? 849  'X-RAY DIFFRACTION' ? 
r_mcbond_other               ?      ?      ? ?    'X-RAY DIFFRACTION' ? 
r_mcangle_it                 1.248  2.000  ? 1341 'X-RAY DIFFRACTION' ? 
r_scbond_it                  2.281  3.000  ? 535  'X-RAY DIFFRACTION' ? 
r_scangle_it                 3.548  4.500  ? 466  'X-RAY DIFFRACTION' ? 
r_rigid_bond_restr           ?      ?      ? ?    'X-RAY DIFFRACTION' ? 
r_sphericity_free            ?      ?      ? ?    'X-RAY DIFFRACTION' ? 
r_sphericity_bonded          ?      ?      ? ?    'X-RAY DIFFRACTION' ? 
# 
_refine_ls_shell.pdbx_total_number_of_bins_used   20 
_refine_ls_shell.d_res_high                       1.500 
_refine_ls_shell.d_res_low                        1.539 
_refine_ls_shell.number_reflns_R_work             1699 
_refine_ls_shell.R_factor_R_work                  0.175 
_refine_ls_shell.percent_reflns_obs               99.78 
_refine_ls_shell.R_factor_R_free                  0.194 
_refine_ls_shell.R_factor_R_free_error            ? 
_refine_ls_shell.percent_reflns_R_free            ? 
_refine_ls_shell.number_reflns_R_free             100 
_refine_ls_shell.number_reflns_all                ? 
_refine_ls_shell.R_factor_all                     ? 
_refine_ls_shell.number_reflns_obs                1699 
_refine_ls_shell.redundancy_reflns_obs            ? 
_refine_ls_shell.pdbx_refine_id                   'X-RAY DIFFRACTION' 
# 
_struct.entry_id                  2RKQ 
_struct.title                     'Crystal structure of drosophila peptidoglycan recognition protein SD (PGRP-SD)' 
_struct.pdbx_model_details        ? 
_struct.pdbx_CASP_flag            ? 
_struct.pdbx_model_type_details   ? 
# 
_struct_keywords.entry_id        2RKQ 
_struct_keywords.pdbx_keywords   'IMMUNE SYSTEM' 
_struct_keywords.text            
'innate immunity; Toll; pattern recognition; PGRP; Drosophila, Glycoprotein, Immune response, Secreted, IMMUNE SYSTEM' 
# 
loop_
_struct_asym.id 
_struct_asym.pdbx_blank_PDB_chainid_flag 
_struct_asym.pdbx_modified 
_struct_asym.entity_id 
_struct_asym.details 
A N N 1 ? 
B N N 2 ? 
# 
_struct_ref.id                         1 
_struct_ref.db_name                    UNP 
_struct_ref.db_code                    PGPSD_DROME 
_struct_ref.pdbx_db_accession          Q9VS97 
_struct_ref.entity_id                  1 
_struct_ref.pdbx_seq_one_letter_code   
;EVPIVTRAEWNAKPPNGAIDSMETPLPRAVIAHTAGGACADDVTCSQHMQNLQNFQMSKQKFSDIGYHYLIGGNGKVYEG
RSPSQRGAFAGPNNDGSLGIAFIGNFEERAPNKEALDAAKELLEQAVKQAQLVEGYKLLGHRQVSATKSPGEALYALIQQ
WPNWSEEM
;
_struct_ref.pdbx_align_begin           19 
_struct_ref.pdbx_db_isoform            ? 
# 
_struct_ref_seq.align_id                      1 
_struct_ref_seq.ref_id                        1 
_struct_ref_seq.pdbx_PDB_id_code              2RKQ 
_struct_ref_seq.pdbx_strand_id                A 
_struct_ref_seq.seq_align_beg                 1 
_struct_ref_seq.pdbx_seq_align_beg_ins_code   ? 
_struct_ref_seq.seq_align_end                 168 
_struct_ref_seq.pdbx_seq_align_end_ins_code   ? 
_struct_ref_seq.pdbx_db_accession             Q9VS97 
_struct_ref_seq.db_align_beg                  19 
_struct_ref_seq.pdbx_db_align_beg_ins_code    ? 
_struct_ref_seq.db_align_end                  186 
_struct_ref_seq.pdbx_db_align_end_ins_code    ? 
_struct_ref_seq.pdbx_auth_seq_align_beg       11 
_struct_ref_seq.pdbx_auth_seq_align_end       177 
# 
loop_
_struct_ref_seq_dif.align_id 
_struct_ref_seq_dif.pdbx_pdb_id_code 
_struct_ref_seq_dif.mon_id 
_struct_ref_seq_dif.pdbx_pdb_strand_id 
_struct_ref_seq_dif.seq_num 
_struct_ref_seq_dif.pdbx_pdb_ins_code 
_struct_ref_seq_dif.pdbx_seq_db_name 
_struct_ref_seq_dif.pdbx_seq_db_accession_code 
_struct_ref_seq_dif.db_mon_id 
_struct_ref_seq_dif.pdbx_seq_db_seq_num 
_struct_ref_seq_dif.details 
_struct_ref_seq_dif.pdbx_auth_seq_num 
_struct_ref_seq_dif.pdbx_ordinal 
1 2RKQ VAL A 23  ? UNP Q9VS97 GLU 41 'SEE REMARK 999' 32  1 
1 2RKQ ARG A 50  ? UNP Q9VS97 GLN 68 'SEE REMARK 999' 59  2 
1 2RKQ LEU A 169 ? UNP Q9VS97 ?   ?  'expression tag' 178 3 
# 
_pdbx_struct_assembly.id                   1 
_pdbx_struct_assembly.details              author_and_software_defined_assembly 
_pdbx_struct_assembly.method_details       PISA 
_pdbx_struct_assembly.oligomeric_details   monomeric 
_pdbx_struct_assembly.oligomeric_count     1 
# 
_pdbx_struct_assembly_gen.assembly_id       1 
_pdbx_struct_assembly_gen.oper_expression   1 
_pdbx_struct_assembly_gen.asym_id_list      A,B 
# 
_pdbx_struct_oper_list.id                   1 
_pdbx_struct_oper_list.type                 'identity operation' 
_pdbx_struct_oper_list.name                 1_555 
_pdbx_struct_oper_list.symmetry_operation   x,y,z 
_pdbx_struct_oper_list.matrix[1][1]         1.0000000000 
_pdbx_struct_oper_list.matrix[1][2]         0.0000000000 
_pdbx_struct_oper_list.matrix[1][3]         0.0000000000 
_pdbx_struct_oper_list.vector[1]            0.0000000000 
_pdbx_struct_oper_list.matrix[2][1]         0.0000000000 
_pdbx_struct_oper_list.matrix[2][2]         1.0000000000 
_pdbx_struct_oper_list.matrix[2][3]         0.0000000000 
_pdbx_struct_oper_list.vector[2]            0.0000000000 
_pdbx_struct_oper_list.matrix[3][1]         0.0000000000 
_pdbx_struct_oper_list.matrix[3][2]         0.0000000000 
_pdbx_struct_oper_list.matrix[3][3]         1.0000000000 
_pdbx_struct_oper_list.vector[3]            0.0000000000 
# 
_struct_biol.id        1 
_struct_biol.details   ? 
# 
loop_
_struct_conf.conf_type_id 
_struct_conf.id 
_struct_conf.pdbx_PDB_helix_id 
_struct_conf.beg_label_comp_id 
_struct_conf.beg_label_asym_id 
_struct_conf.beg_label_seq_id 
_struct_conf.pdbx_beg_PDB_ins_code 
_struct_conf.end_label_comp_id 
_struct_conf.end_label_asym_id 
_struct_conf.end_label_seq_id 
_struct_conf.pdbx_end_PDB_ins_code 
_struct_conf.beg_auth_comp_id 
_struct_conf.beg_auth_asym_id 
_struct_conf.beg_auth_seq_id 
_struct_conf.end_auth_comp_id 
_struct_conf.end_auth_asym_id 
_struct_conf.end_auth_seq_id 
_struct_conf.pdbx_PDB_helix_class 
_struct_conf.details 
_struct_conf.pdbx_PDB_helix_length 
HELX_P HELX_P1 1 ARG A 7   ? ASN A 11  ? ARG A 17  ASN A 21  5 ? 5  
HELX_P HELX_P2 2 ASP A 41  ? LYS A 59  ? ASP A 50  LYS A 68  1 ? 19 
HELX_P HELX_P3 3 ALA A 90  ? ASN A 94  ? ALA A 99  ASN A 103 5 ? 5  
HELX_P HELX_P4 4 ASN A 112 ? GLN A 129 ? ASN A 121 GLN A 138 1 ? 18 
HELX_P HELX_P5 5 ARG A 142 ? VAL A 144 ? ARG A 151 VAL A 153 5 ? 3  
HELX_P HELX_P6 6 GLY A 151 ? GLN A 159 ? GLY A 160 GLN A 168 1 ? 9  
# 
_struct_conf_type.id          HELX_P 
_struct_conf_type.criteria    ? 
_struct_conf_type.reference   ? 
# 
_struct_conn.id                            disulf1 
_struct_conn.conn_type_id                  disulf 
_struct_conn.pdbx_leaving_atom_flag        ? 
_struct_conn.pdbx_PDB_id                   ? 
_struct_conn.ptnr1_label_asym_id           A 
_struct_conn.ptnr1_label_comp_id           CYS 
_struct_conn.ptnr1_label_seq_id            39 
_struct_conn.ptnr1_label_atom_id           SG 
_struct_conn.pdbx_ptnr1_label_alt_id       ? 
_struct_conn.pdbx_ptnr1_PDB_ins_code       ? 
_struct_conn.pdbx_ptnr1_standard_comp_id   ? 
_struct_conn.ptnr1_symmetry                1_555 
_struct_conn.ptnr2_label_asym_id           A 
_struct_conn.ptnr2_label_comp_id           CYS 
_struct_conn.ptnr2_label_seq_id            45 
_struct_conn.ptnr2_label_atom_id           SG 
_struct_conn.pdbx_ptnr2_label_alt_id       ? 
_struct_conn.pdbx_ptnr2_PDB_ins_code       ? 
_struct_conn.ptnr1_auth_asym_id            A 
_struct_conn.ptnr1_auth_comp_id            CYS 
_struct_conn.ptnr1_auth_seq_id             48 
_struct_conn.ptnr2_auth_asym_id            A 
_struct_conn.ptnr2_auth_comp_id            CYS 
_struct_conn.ptnr2_auth_seq_id             54 
_struct_conn.ptnr2_symmetry                1_555 
_struct_conn.pdbx_ptnr3_label_atom_id      ? 
_struct_conn.pdbx_ptnr3_label_seq_id       ? 
_struct_conn.pdbx_ptnr3_label_comp_id      ? 
_struct_conn.pdbx_ptnr3_label_asym_id      ? 
_struct_conn.pdbx_ptnr3_label_alt_id       ? 
_struct_conn.pdbx_ptnr3_PDB_ins_code       ? 
_struct_conn.details                       ? 
_struct_conn.pdbx_dist_value               2.093 
_struct_conn.pdbx_value_order              ? 
_struct_conn.pdbx_role                     ? 
# 
_struct_conn_type.id          disulf 
_struct_conn_type.criteria    ? 
_struct_conn_type.reference   ? 
# 
_pdbx_modification_feature.ordinal                            1 
_pdbx_modification_feature.label_comp_id                      CYS 
_pdbx_modification_feature.label_asym_id                      A 
_pdbx_modification_feature.label_seq_id                       39 
_pdbx_modification_feature.label_alt_id                       ? 
_pdbx_modification_feature.modified_residue_label_comp_id     CYS 
_pdbx_modification_feature.modified_residue_label_asym_id     A 
_pdbx_modification_feature.modified_residue_label_seq_id      45 
_pdbx_modification_feature.modified_residue_label_alt_id      ? 
_pdbx_modification_feature.auth_comp_id                       CYS 
_pdbx_modification_feature.auth_asym_id                       A 
_pdbx_modification_feature.auth_seq_id                        48 
_pdbx_modification_feature.PDB_ins_code                       ? 
_pdbx_modification_feature.symmetry                           1_555 
_pdbx_modification_feature.modified_residue_auth_comp_id      CYS 
_pdbx_modification_feature.modified_residue_auth_asym_id      A 
_pdbx_modification_feature.modified_residue_auth_seq_id       54 
_pdbx_modification_feature.modified_residue_PDB_ins_code      ? 
_pdbx_modification_feature.modified_residue_symmetry          1_555 
_pdbx_modification_feature.comp_id_linking_atom               SG 
_pdbx_modification_feature.modified_residue_id_linking_atom   SG 
_pdbx_modification_feature.modified_residue_id                . 
_pdbx_modification_feature.ref_pcm_id                         . 
_pdbx_modification_feature.ref_comp_id                        . 
_pdbx_modification_feature.type                               None 
_pdbx_modification_feature.category                           'Disulfide bridge' 
# 
loop_
_struct_mon_prot_cis.pdbx_id 
_struct_mon_prot_cis.label_comp_id 
_struct_mon_prot_cis.label_seq_id 
_struct_mon_prot_cis.label_asym_id 
_struct_mon_prot_cis.label_alt_id 
_struct_mon_prot_cis.pdbx_PDB_ins_code 
_struct_mon_prot_cis.auth_comp_id 
_struct_mon_prot_cis.auth_seq_id 
_struct_mon_prot_cis.auth_asym_id 
_struct_mon_prot_cis.pdbx_label_comp_id_2 
_struct_mon_prot_cis.pdbx_label_seq_id_2 
_struct_mon_prot_cis.pdbx_label_asym_id_2 
_struct_mon_prot_cis.pdbx_PDB_ins_code_2 
_struct_mon_prot_cis.pdbx_auth_comp_id_2 
_struct_mon_prot_cis.pdbx_auth_seq_id_2 
_struct_mon_prot_cis.pdbx_auth_asym_id_2 
_struct_mon_prot_cis.pdbx_PDB_model_num 
_struct_mon_prot_cis.pdbx_omega_angle 
1 THR 24  A . ? THR 33  A PRO 25  A ? PRO 34  A 1 -0.20 
2 SER 149 A . ? SER 158 A PRO 150 A ? PRO 159 A 1 9.56  
# 
_struct_sheet.id               A 
_struct_sheet.type             ? 
_struct_sheet.number_strands   6 
_struct_sheet.details          ? 
# 
loop_
_struct_sheet_order.sheet_id 
_struct_sheet_order.range_id_1 
_struct_sheet_order.range_id_2 
_struct_sheet_order.offset 
_struct_sheet_order.sense 
A 1 2 ? parallel      
A 2 3 ? anti-parallel 
A 3 4 ? parallel      
A 4 5 ? parallel      
A 5 6 ? parallel      
# 
loop_
_struct_sheet_range.sheet_id 
_struct_sheet_range.id 
_struct_sheet_range.beg_label_comp_id 
_struct_sheet_range.beg_label_asym_id 
_struct_sheet_range.beg_label_seq_id 
_struct_sheet_range.pdbx_beg_PDB_ins_code 
_struct_sheet_range.end_label_comp_id 
_struct_sheet_range.end_label_asym_id 
_struct_sheet_range.end_label_seq_id 
_struct_sheet_range.pdbx_end_PDB_ins_code 
_struct_sheet_range.beg_auth_comp_id 
_struct_sheet_range.beg_auth_asym_id 
_struct_sheet_range.beg_auth_seq_id 
_struct_sheet_range.end_auth_comp_id 
_struct_sheet_range.end_auth_asym_id 
_struct_sheet_range.end_auth_seq_id 
A 1 ILE A 4   ? VAL A 5   ? ILE A 14  VAL A 15  
A 2 VAL A 77  ? GLU A 79  ? VAL A 86  GLU A 88  
A 3 TYR A 69  ? ILE A 71  ? TYR A 78  ILE A 80  
A 4 SER A 97  ? PHE A 102 ? SER A 106 PHE A 111 
A 5 LEU A 26  ? HIS A 33  ? LEU A 35  HIS A 42  
A 6 LEU A 132 ? GLY A 140 ? LEU A 141 GLY A 149 
# 
loop_
_pdbx_struct_sheet_hbond.sheet_id 
_pdbx_struct_sheet_hbond.range_id_1 
_pdbx_struct_sheet_hbond.range_id_2 
_pdbx_struct_sheet_hbond.range_1_label_atom_id 
_pdbx_struct_sheet_hbond.range_1_label_comp_id 
_pdbx_struct_sheet_hbond.range_1_label_asym_id 
_pdbx_struct_sheet_hbond.range_1_label_seq_id 
_pdbx_struct_sheet_hbond.range_1_PDB_ins_code 
_pdbx_struct_sheet_hbond.range_1_auth_atom_id 
_pdbx_struct_sheet_hbond.range_1_auth_comp_id 
_pdbx_struct_sheet_hbond.range_1_auth_asym_id 
_pdbx_struct_sheet_hbond.range_1_auth_seq_id 
_pdbx_struct_sheet_hbond.range_2_label_atom_id 
_pdbx_struct_sheet_hbond.range_2_label_comp_id 
_pdbx_struct_sheet_hbond.range_2_label_asym_id 
_pdbx_struct_sheet_hbond.range_2_label_seq_id 
_pdbx_struct_sheet_hbond.range_2_PDB_ins_code 
_pdbx_struct_sheet_hbond.range_2_auth_atom_id 
_pdbx_struct_sheet_hbond.range_2_auth_comp_id 
_pdbx_struct_sheet_hbond.range_2_auth_asym_id 
_pdbx_struct_sheet_hbond.range_2_auth_seq_id 
A 1 2 N VAL A 5  ? N VAL A 15  O VAL A 77  ? O VAL A 86  
A 2 3 O TYR A 78 ? O TYR A 87  N LEU A 70  ? N LEU A 79  
A 3 4 N TYR A 69 ? N TYR A 78  O ALA A 101 ? O ALA A 110 
A 4 5 O LEU A 98 ? O LEU A 107 N VAL A 30  ? N VAL A 39  
A 5 6 N ALA A 29 ? N ALA A 38  O LEU A 139 ? O LEU A 148 
# 
_pdbx_entry_details.entry_id                   2RKQ 
_pdbx_entry_details.sequence_details           
;THE SEQUENCE IS BASED ON REFERENCE 1 IN THE DATABASE, PGPSD
_DROME. A32VAL AND A59ARG ARE VARIENTS OF PGPSD_DROME.
THE SEQUENCE COMPRISING THE SIGNAL PEPTIDE AND THE 
C-TERMINAL EXTENSION IS:
MTWIGLLIVGLTAIAVQGEVPIVTRAEWNAKPPNGAIDSMETPLPRAVIAHTAGGACAD
DVTCSQHMQNLQNFQMSKQKFSDIGYHYLIGGNGKVYEGRSPSQRGAFAGPNNDGSLGI
AFIGNFEERAPNKEALDAAKELLEQAVKQAQLVEGYKLLGHRQVSATKSPGEALYALIQ
QWPNWSEEMLESRGPFEGKPIPNPLLGLDSTRTGHHHHHH.
THE SEQUENCE INSERTED INTO THE EXPRESSION VECTOR CONTAINS A 
SIGNAL PEPTIDE AND TWO EXPRESSION TAGS AT THE C-TERMINAL END.
 THE SIGNAL PEPTIDE IS CLEAVED UPON EXPORTATION. A PART OF 
THE C-TERMINAL EXTENSION IS LOST AFTER PURIFICATION AND 
CONCENTRATION, AS SEEN BY SDS-PAGE GEL AND WESTERN BLOT. 
THEREFORE THERE IS NO EXACT INFORMATIONS ON THE N AND C TERMINUS.
;
_pdbx_entry_details.compound_details           ? 
_pdbx_entry_details.source_details             ? 
_pdbx_entry_details.nonpolymer_details         ? 
_pdbx_entry_details.has_ligand_of_interest     ? 
_pdbx_entry_details.has_protein_modification   Y 
# 
loop_
_pdbx_validate_close_contact.id 
_pdbx_validate_close_contact.PDB_model_num 
_pdbx_validate_close_contact.auth_atom_id_1 
_pdbx_validate_close_contact.auth_asym_id_1 
_pdbx_validate_close_contact.auth_comp_id_1 
_pdbx_validate_close_contact.auth_seq_id_1 
_pdbx_validate_close_contact.PDB_ins_code_1 
_pdbx_validate_close_contact.label_alt_id_1 
_pdbx_validate_close_contact.auth_atom_id_2 
_pdbx_validate_close_contact.auth_asym_id_2 
_pdbx_validate_close_contact.auth_comp_id_2 
_pdbx_validate_close_contact.auth_seq_id_2 
_pdbx_validate_close_contact.PDB_ins_code_2 
_pdbx_validate_close_contact.label_alt_id_2 
_pdbx_validate_close_contact.dist 
1 1 O   A HOH 382 ? ? O A HOH 384 ? ? 1.92 
2 1 O   A HOH 383 ? ? O A HOH 384 ? ? 1.97 
3 1 ND2 A ASN 26  ? ? O A HOH 204 ? ? 2.11 
4 1 OG  A SER 67  ? B O A HOH 395 ? ? 2.17 
# 
loop_
_pdbx_validate_symm_contact.id 
_pdbx_validate_symm_contact.PDB_model_num 
_pdbx_validate_symm_contact.auth_atom_id_1 
_pdbx_validate_symm_contact.auth_asym_id_1 
_pdbx_validate_symm_contact.auth_comp_id_1 
_pdbx_validate_symm_contact.auth_seq_id_1 
_pdbx_validate_symm_contact.PDB_ins_code_1 
_pdbx_validate_symm_contact.label_alt_id_1 
_pdbx_validate_symm_contact.site_symmetry_1 
_pdbx_validate_symm_contact.auth_atom_id_2 
_pdbx_validate_symm_contact.auth_asym_id_2 
_pdbx_validate_symm_contact.auth_comp_id_2 
_pdbx_validate_symm_contact.auth_seq_id_2 
_pdbx_validate_symm_contact.PDB_ins_code_2 
_pdbx_validate_symm_contact.label_alt_id_2 
_pdbx_validate_symm_contact.site_symmetry_2 
_pdbx_validate_symm_contact.dist 
1 1 O A HOH 251 ? ? 1_555 O A HOH 252 ? ? 1_455 2.14 
2 1 O A HOH 250 ? ? 1_555 O A HOH 251 ? ? 1_655 2.17 
# 
loop_
_pdbx_validate_torsion.id 
_pdbx_validate_torsion.PDB_model_num 
_pdbx_validate_torsion.auth_comp_id 
_pdbx_validate_torsion.auth_asym_id 
_pdbx_validate_torsion.auth_seq_id 
_pdbx_validate_torsion.PDB_ins_code 
_pdbx_validate_torsion.label_alt_id 
_pdbx_validate_torsion.phi 
_pdbx_validate_torsion.psi 
1 1 ALA A 44 ? ? 77.72   -1.41 
2 1 PHE A 98 ? ? -146.57 -9.64 
3 1 ALA A 99 ? ? -144.68 17.21 
# 
loop_
_chem_comp_atom.comp_id 
_chem_comp_atom.atom_id 
_chem_comp_atom.type_symbol 
_chem_comp_atom.pdbx_aromatic_flag 
_chem_comp_atom.pdbx_stereo_config 
_chem_comp_atom.pdbx_ordinal 
ALA N    N N N 1   
ALA CA   C N S 2   
ALA C    C N N 3   
ALA O    O N N 4   
ALA CB   C N N 5   
ALA OXT  O N N 6   
ALA H    H N N 7   
ALA H2   H N N 8   
ALA HA   H N N 9   
ALA HB1  H N N 10  
ALA HB2  H N N 11  
ALA HB3  H N N 12  
ALA HXT  H N N 13  
ARG N    N N N 14  
ARG CA   C N S 15  
ARG C    C N N 16  
ARG O    O N N 17  
ARG CB   C N N 18  
ARG CG   C N N 19  
ARG CD   C N N 20  
ARG NE   N N N 21  
ARG CZ   C N N 22  
ARG NH1  N N N 23  
ARG NH2  N N N 24  
ARG OXT  O N N 25  
ARG H    H N N 26  
ARG H2   H N N 27  
ARG HA   H N N 28  
ARG HB2  H N N 29  
ARG HB3  H N N 30  
ARG HG2  H N N 31  
ARG HG3  H N N 32  
ARG HD2  H N N 33  
ARG HD3  H N N 34  
ARG HE   H N N 35  
ARG HH11 H N N 36  
ARG HH12 H N N 37  
ARG HH21 H N N 38  
ARG HH22 H N N 39  
ARG HXT  H N N 40  
ASN N    N N N 41  
ASN CA   C N S 42  
ASN C    C N N 43  
ASN O    O N N 44  
ASN CB   C N N 45  
ASN CG   C N N 46  
ASN OD1  O N N 47  
ASN ND2  N N N 48  
ASN OXT  O N N 49  
ASN H    H N N 50  
ASN H2   H N N 51  
ASN HA   H N N 52  
ASN HB2  H N N 53  
ASN HB3  H N N 54  
ASN HD21 H N N 55  
ASN HD22 H N N 56  
ASN HXT  H N N 57  
ASP N    N N N 58  
ASP CA   C N S 59  
ASP C    C N N 60  
ASP O    O N N 61  
ASP CB   C N N 62  
ASP CG   C N N 63  
ASP OD1  O N N 64  
ASP OD2  O N N 65  
ASP OXT  O N N 66  
ASP H    H N N 67  
ASP H2   H N N 68  
ASP HA   H N N 69  
ASP HB2  H N N 70  
ASP HB3  H N N 71  
ASP HD2  H N N 72  
ASP HXT  H N N 73  
CYS N    N N N 74  
CYS CA   C N R 75  
CYS C    C N N 76  
CYS O    O N N 77  
CYS CB   C N N 78  
CYS SG   S N N 79  
CYS OXT  O N N 80  
CYS H    H N N 81  
CYS H2   H N N 82  
CYS HA   H N N 83  
CYS HB2  H N N 84  
CYS HB3  H N N 85  
CYS HG   H N N 86  
CYS HXT  H N N 87  
GLN N    N N N 88  
GLN CA   C N S 89  
GLN C    C N N 90  
GLN O    O N N 91  
GLN CB   C N N 92  
GLN CG   C N N 93  
GLN CD   C N N 94  
GLN OE1  O N N 95  
GLN NE2  N N N 96  
GLN OXT  O N N 97  
GLN H    H N N 98  
GLN H2   H N N 99  
GLN HA   H N N 100 
GLN HB2  H N N 101 
GLN HB3  H N N 102 
GLN HG2  H N N 103 
GLN HG3  H N N 104 
GLN HE21 H N N 105 
GLN HE22 H N N 106 
GLN HXT  H N N 107 
GLU N    N N N 108 
GLU CA   C N S 109 
GLU C    C N N 110 
GLU O    O N N 111 
GLU CB   C N N 112 
GLU CG   C N N 113 
GLU CD   C N N 114 
GLU OE1  O N N 115 
GLU OE2  O N N 116 
GLU OXT  O N N 117 
GLU H    H N N 118 
GLU H2   H N N 119 
GLU HA   H N N 120 
GLU HB2  H N N 121 
GLU HB3  H N N 122 
GLU HG2  H N N 123 
GLU HG3  H N N 124 
GLU HE2  H N N 125 
GLU HXT  H N N 126 
GLY N    N N N 127 
GLY CA   C N N 128 
GLY C    C N N 129 
GLY O    O N N 130 
GLY OXT  O N N 131 
GLY H    H N N 132 
GLY H2   H N N 133 
GLY HA2  H N N 134 
GLY HA3  H N N 135 
GLY HXT  H N N 136 
HIS N    N N N 137 
HIS CA   C N S 138 
HIS C    C N N 139 
HIS O    O N N 140 
HIS CB   C N N 141 
HIS CG   C Y N 142 
HIS ND1  N Y N 143 
HIS CD2  C Y N 144 
HIS CE1  C Y N 145 
HIS NE2  N Y N 146 
HIS OXT  O N N 147 
HIS H    H N N 148 
HIS H2   H N N 149 
HIS HA   H N N 150 
HIS HB2  H N N 151 
HIS HB3  H N N 152 
HIS HD1  H N N 153 
HIS HD2  H N N 154 
HIS HE1  H N N 155 
HIS HE2  H N N 156 
HIS HXT  H N N 157 
HOH O    O N N 158 
HOH H1   H N N 159 
HOH H2   H N N 160 
ILE N    N N N 161 
ILE CA   C N S 162 
ILE C    C N N 163 
ILE O    O N N 164 
ILE CB   C N S 165 
ILE CG1  C N N 166 
ILE CG2  C N N 167 
ILE CD1  C N N 168 
ILE OXT  O N N 169 
ILE H    H N N 170 
ILE H2   H N N 171 
ILE HA   H N N 172 
ILE HB   H N N 173 
ILE HG12 H N N 174 
ILE HG13 H N N 175 
ILE HG21 H N N 176 
ILE HG22 H N N 177 
ILE HG23 H N N 178 
ILE HD11 H N N 179 
ILE HD12 H N N 180 
ILE HD13 H N N 181 
ILE HXT  H N N 182 
LEU N    N N N 183 
LEU CA   C N S 184 
LEU C    C N N 185 
LEU O    O N N 186 
LEU CB   C N N 187 
LEU CG   C N N 188 
LEU CD1  C N N 189 
LEU CD2  C N N 190 
LEU OXT  O N N 191 
LEU H    H N N 192 
LEU H2   H N N 193 
LEU HA   H N N 194 
LEU HB2  H N N 195 
LEU HB3  H N N 196 
LEU HG   H N N 197 
LEU HD11 H N N 198 
LEU HD12 H N N 199 
LEU HD13 H N N 200 
LEU HD21 H N N 201 
LEU HD22 H N N 202 
LEU HD23 H N N 203 
LEU HXT  H N N 204 
LYS N    N N N 205 
LYS CA   C N S 206 
LYS C    C N N 207 
LYS O    O N N 208 
LYS CB   C N N 209 
LYS CG   C N N 210 
LYS CD   C N N 211 
LYS CE   C N N 212 
LYS NZ   N N N 213 
LYS OXT  O N N 214 
LYS H    H N N 215 
LYS H2   H N N 216 
LYS HA   H N N 217 
LYS HB2  H N N 218 
LYS HB3  H N N 219 
LYS HG2  H N N 220 
LYS HG3  H N N 221 
LYS HD2  H N N 222 
LYS HD3  H N N 223 
LYS HE2  H N N 224 
LYS HE3  H N N 225 
LYS HZ1  H N N 226 
LYS HZ2  H N N 227 
LYS HZ3  H N N 228 
LYS HXT  H N N 229 
MET N    N N N 230 
MET CA   C N S 231 
MET C    C N N 232 
MET O    O N N 233 
MET CB   C N N 234 
MET CG   C N N 235 
MET SD   S N N 236 
MET CE   C N N 237 
MET OXT  O N N 238 
MET H    H N N 239 
MET H2   H N N 240 
MET HA   H N N 241 
MET HB2  H N N 242 
MET HB3  H N N 243 
MET HG2  H N N 244 
MET HG3  H N N 245 
MET HE1  H N N 246 
MET HE2  H N N 247 
MET HE3  H N N 248 
MET HXT  H N N 249 
PHE N    N N N 250 
PHE CA   C N S 251 
PHE C    C N N 252 
PHE O    O N N 253 
PHE CB   C N N 254 
PHE CG   C Y N 255 
PHE CD1  C Y N 256 
PHE CD2  C Y N 257 
PHE CE1  C Y N 258 
PHE CE2  C Y N 259 
PHE CZ   C Y N 260 
PHE OXT  O N N 261 
PHE H    H N N 262 
PHE H2   H N N 263 
PHE HA   H N N 264 
PHE HB2  H N N 265 
PHE HB3  H N N 266 
PHE HD1  H N N 267 
PHE HD2  H N N 268 
PHE HE1  H N N 269 
PHE HE2  H N N 270 
PHE HZ   H N N 271 
PHE HXT  H N N 272 
PRO N    N N N 273 
PRO CA   C N S 274 
PRO C    C N N 275 
PRO O    O N N 276 
PRO CB   C N N 277 
PRO CG   C N N 278 
PRO CD   C N N 279 
PRO OXT  O N N 280 
PRO H    H N N 281 
PRO HA   H N N 282 
PRO HB2  H N N 283 
PRO HB3  H N N 284 
PRO HG2  H N N 285 
PRO HG3  H N N 286 
PRO HD2  H N N 287 
PRO HD3  H N N 288 
PRO HXT  H N N 289 
SER N    N N N 290 
SER CA   C N S 291 
SER C    C N N 292 
SER O    O N N 293 
SER CB   C N N 294 
SER OG   O N N 295 
SER OXT  O N N 296 
SER H    H N N 297 
SER H2   H N N 298 
SER HA   H N N 299 
SER HB2  H N N 300 
SER HB3  H N N 301 
SER HG   H N N 302 
SER HXT  H N N 303 
THR N    N N N 304 
THR CA   C N S 305 
THR C    C N N 306 
THR O    O N N 307 
THR CB   C N R 308 
THR OG1  O N N 309 
THR CG2  C N N 310 
THR OXT  O N N 311 
THR H    H N N 312 
THR H2   H N N 313 
THR HA   H N N 314 
THR HB   H N N 315 
THR HG1  H N N 316 
THR HG21 H N N 317 
THR HG22 H N N 318 
THR HG23 H N N 319 
THR HXT  H N N 320 
TRP N    N N N 321 
TRP CA   C N S 322 
TRP C    C N N 323 
TRP O    O N N 324 
TRP CB   C N N 325 
TRP CG   C Y N 326 
TRP CD1  C Y N 327 
TRP CD2  C Y N 328 
TRP NE1  N Y N 329 
TRP CE2  C Y N 330 
TRP CE3  C Y N 331 
TRP CZ2  C Y N 332 
TRP CZ3  C Y N 333 
TRP CH2  C Y N 334 
TRP OXT  O N N 335 
TRP H    H N N 336 
TRP H2   H N N 337 
TRP HA   H N N 338 
TRP HB2  H N N 339 
TRP HB3  H N N 340 
TRP HD1  H N N 341 
TRP HE1  H N N 342 
TRP HE3  H N N 343 
TRP HZ2  H N N 344 
TRP HZ3  H N N 345 
TRP HH2  H N N 346 
TRP HXT  H N N 347 
TYR N    N N N 348 
TYR CA   C N S 349 
TYR C    C N N 350 
TYR O    O N N 351 
TYR CB   C N N 352 
TYR CG   C Y N 353 
TYR CD1  C Y N 354 
TYR CD2  C Y N 355 
TYR CE1  C Y N 356 
TYR CE2  C Y N 357 
TYR CZ   C Y N 358 
TYR OH   O N N 359 
TYR OXT  O N N 360 
TYR H    H N N 361 
TYR H2   H N N 362 
TYR HA   H N N 363 
TYR HB2  H N N 364 
TYR HB3  H N N 365 
TYR HD1  H N N 366 
TYR HD2  H N N 367 
TYR HE1  H N N 368 
TYR HE2  H N N 369 
TYR HH   H N N 370 
TYR HXT  H N N 371 
VAL N    N N N 372 
VAL CA   C N S 373 
VAL C    C N N 374 
VAL O    O N N 375 
VAL CB   C N N 376 
VAL CG1  C N N 377 
VAL CG2  C N N 378 
VAL OXT  O N N 379 
VAL H    H N N 380 
VAL H2   H N N 381 
VAL HA   H N N 382 
VAL HB   H N N 383 
VAL HG11 H N N 384 
VAL HG12 H N N 385 
VAL HG13 H N N 386 
VAL HG21 H N N 387 
VAL HG22 H N N 388 
VAL HG23 H N N 389 
VAL HXT  H N N 390 
# 
loop_
_chem_comp_bond.comp_id 
_chem_comp_bond.atom_id_1 
_chem_comp_bond.atom_id_2 
_chem_comp_bond.value_order 
_chem_comp_bond.pdbx_aromatic_flag 
_chem_comp_bond.pdbx_stereo_config 
_chem_comp_bond.pdbx_ordinal 
ALA N   CA   sing N N 1   
ALA N   H    sing N N 2   
ALA N   H2   sing N N 3   
ALA CA  C    sing N N 4   
ALA CA  CB   sing N N 5   
ALA CA  HA   sing N N 6   
ALA C   O    doub N N 7   
ALA C   OXT  sing N N 8   
ALA CB  HB1  sing N N 9   
ALA CB  HB2  sing N N 10  
ALA CB  HB3  sing N N 11  
ALA OXT HXT  sing N N 12  
ARG N   CA   sing N N 13  
ARG N   H    sing N N 14  
ARG N   H2   sing N N 15  
ARG CA  C    sing N N 16  
ARG CA  CB   sing N N 17  
ARG CA  HA   sing N N 18  
ARG C   O    doub N N 19  
ARG C   OXT  sing N N 20  
ARG CB  CG   sing N N 21  
ARG CB  HB2  sing N N 22  
ARG CB  HB3  sing N N 23  
ARG CG  CD   sing N N 24  
ARG CG  HG2  sing N N 25  
ARG CG  HG3  sing N N 26  
ARG CD  NE   sing N N 27  
ARG CD  HD2  sing N N 28  
ARG CD  HD3  sing N N 29  
ARG NE  CZ   sing N N 30  
ARG NE  HE   sing N N 31  
ARG CZ  NH1  sing N N 32  
ARG CZ  NH2  doub N N 33  
ARG NH1 HH11 sing N N 34  
ARG NH1 HH12 sing N N 35  
ARG NH2 HH21 sing N N 36  
ARG NH2 HH22 sing N N 37  
ARG OXT HXT  sing N N 38  
ASN N   CA   sing N N 39  
ASN N   H    sing N N 40  
ASN N   H2   sing N N 41  
ASN CA  C    sing N N 42  
ASN CA  CB   sing N N 43  
ASN CA  HA   sing N N 44  
ASN C   O    doub N N 45  
ASN C   OXT  sing N N 46  
ASN CB  CG   sing N N 47  
ASN CB  HB2  sing N N 48  
ASN CB  HB3  sing N N 49  
ASN CG  OD1  doub N N 50  
ASN CG  ND2  sing N N 51  
ASN ND2 HD21 sing N N 52  
ASN ND2 HD22 sing N N 53  
ASN OXT HXT  sing N N 54  
ASP N   CA   sing N N 55  
ASP N   H    sing N N 56  
ASP N   H2   sing N N 57  
ASP CA  C    sing N N 58  
ASP CA  CB   sing N N 59  
ASP CA  HA   sing N N 60  
ASP C   O    doub N N 61  
ASP C   OXT  sing N N 62  
ASP CB  CG   sing N N 63  
ASP CB  HB2  sing N N 64  
ASP CB  HB3  sing N N 65  
ASP CG  OD1  doub N N 66  
ASP CG  OD2  sing N N 67  
ASP OD2 HD2  sing N N 68  
ASP OXT HXT  sing N N 69  
CYS N   CA   sing N N 70  
CYS N   H    sing N N 71  
CYS N   H2   sing N N 72  
CYS CA  C    sing N N 73  
CYS CA  CB   sing N N 74  
CYS CA  HA   sing N N 75  
CYS C   O    doub N N 76  
CYS C   OXT  sing N N 77  
CYS CB  SG   sing N N 78  
CYS CB  HB2  sing N N 79  
CYS CB  HB3  sing N N 80  
CYS SG  HG   sing N N 81  
CYS OXT HXT  sing N N 82  
GLN N   CA   sing N N 83  
GLN N   H    sing N N 84  
GLN N   H2   sing N N 85  
GLN CA  C    sing N N 86  
GLN CA  CB   sing N N 87  
GLN CA  HA   sing N N 88  
GLN C   O    doub N N 89  
GLN C   OXT  sing N N 90  
GLN CB  CG   sing N N 91  
GLN CB  HB2  sing N N 92  
GLN CB  HB3  sing N N 93  
GLN CG  CD   sing N N 94  
GLN CG  HG2  sing N N 95  
GLN CG  HG3  sing N N 96  
GLN CD  OE1  doub N N 97  
GLN CD  NE2  sing N N 98  
GLN NE2 HE21 sing N N 99  
GLN NE2 HE22 sing N N 100 
GLN OXT HXT  sing N N 101 
GLU N   CA   sing N N 102 
GLU N   H    sing N N 103 
GLU N   H2   sing N N 104 
GLU CA  C    sing N N 105 
GLU CA  CB   sing N N 106 
GLU CA  HA   sing N N 107 
GLU C   O    doub N N 108 
GLU C   OXT  sing N N 109 
GLU CB  CG   sing N N 110 
GLU CB  HB2  sing N N 111 
GLU CB  HB3  sing N N 112 
GLU CG  CD   sing N N 113 
GLU CG  HG2  sing N N 114 
GLU CG  HG3  sing N N 115 
GLU CD  OE1  doub N N 116 
GLU CD  OE2  sing N N 117 
GLU OE2 HE2  sing N N 118 
GLU OXT HXT  sing N N 119 
GLY N   CA   sing N N 120 
GLY N   H    sing N N 121 
GLY N   H2   sing N N 122 
GLY CA  C    sing N N 123 
GLY CA  HA2  sing N N 124 
GLY CA  HA3  sing N N 125 
GLY C   O    doub N N 126 
GLY C   OXT  sing N N 127 
GLY OXT HXT  sing N N 128 
HIS N   CA   sing N N 129 
HIS N   H    sing N N 130 
HIS N   H2   sing N N 131 
HIS CA  C    sing N N 132 
HIS CA  CB   sing N N 133 
HIS CA  HA   sing N N 134 
HIS C   O    doub N N 135 
HIS C   OXT  sing N N 136 
HIS CB  CG   sing N N 137 
HIS CB  HB2  sing N N 138 
HIS CB  HB3  sing N N 139 
HIS CG  ND1  sing Y N 140 
HIS CG  CD2  doub Y N 141 
HIS ND1 CE1  doub Y N 142 
HIS ND1 HD1  sing N N 143 
HIS CD2 NE2  sing Y N 144 
HIS CD2 HD2  sing N N 145 
HIS CE1 NE2  sing Y N 146 
HIS CE1 HE1  sing N N 147 
HIS NE2 HE2  sing N N 148 
HIS OXT HXT  sing N N 149 
HOH O   H1   sing N N 150 
HOH O   H2   sing N N 151 
ILE N   CA   sing N N 152 
ILE N   H    sing N N 153 
ILE N   H2   sing N N 154 
ILE CA  C    sing N N 155 
ILE CA  CB   sing N N 156 
ILE CA  HA   sing N N 157 
ILE C   O    doub N N 158 
ILE C   OXT  sing N N 159 
ILE CB  CG1  sing N N 160 
ILE CB  CG2  sing N N 161 
ILE CB  HB   sing N N 162 
ILE CG1 CD1  sing N N 163 
ILE CG1 HG12 sing N N 164 
ILE CG1 HG13 sing N N 165 
ILE CG2 HG21 sing N N 166 
ILE CG2 HG22 sing N N 167 
ILE CG2 HG23 sing N N 168 
ILE CD1 HD11 sing N N 169 
ILE CD1 HD12 sing N N 170 
ILE CD1 HD13 sing N N 171 
ILE OXT HXT  sing N N 172 
LEU N   CA   sing N N 173 
LEU N   H    sing N N 174 
LEU N   H2   sing N N 175 
LEU CA  C    sing N N 176 
LEU CA  CB   sing N N 177 
LEU CA  HA   sing N N 178 
LEU C   O    doub N N 179 
LEU C   OXT  sing N N 180 
LEU CB  CG   sing N N 181 
LEU CB  HB2  sing N N 182 
LEU CB  HB3  sing N N 183 
LEU CG  CD1  sing N N 184 
LEU CG  CD2  sing N N 185 
LEU CG  HG   sing N N 186 
LEU CD1 HD11 sing N N 187 
LEU CD1 HD12 sing N N 188 
LEU CD1 HD13 sing N N 189 
LEU CD2 HD21 sing N N 190 
LEU CD2 HD22 sing N N 191 
LEU CD2 HD23 sing N N 192 
LEU OXT HXT  sing N N 193 
LYS N   CA   sing N N 194 
LYS N   H    sing N N 195 
LYS N   H2   sing N N 196 
LYS CA  C    sing N N 197 
LYS CA  CB   sing N N 198 
LYS CA  HA   sing N N 199 
LYS C   O    doub N N 200 
LYS C   OXT  sing N N 201 
LYS CB  CG   sing N N 202 
LYS CB  HB2  sing N N 203 
LYS CB  HB3  sing N N 204 
LYS CG  CD   sing N N 205 
LYS CG  HG2  sing N N 206 
LYS CG  HG3  sing N N 207 
LYS CD  CE   sing N N 208 
LYS CD  HD2  sing N N 209 
LYS CD  HD3  sing N N 210 
LYS CE  NZ   sing N N 211 
LYS CE  HE2  sing N N 212 
LYS CE  HE3  sing N N 213 
LYS NZ  HZ1  sing N N 214 
LYS NZ  HZ2  sing N N 215 
LYS NZ  HZ3  sing N N 216 
LYS OXT HXT  sing N N 217 
MET N   CA   sing N N 218 
MET N   H    sing N N 219 
MET N   H2   sing N N 220 
MET CA  C    sing N N 221 
MET CA  CB   sing N N 222 
MET CA  HA   sing N N 223 
MET C   O    doub N N 224 
MET C   OXT  sing N N 225 
MET CB  CG   sing N N 226 
MET CB  HB2  sing N N 227 
MET CB  HB3  sing N N 228 
MET CG  SD   sing N N 229 
MET CG  HG2  sing N N 230 
MET CG  HG3  sing N N 231 
MET SD  CE   sing N N 232 
MET CE  HE1  sing N N 233 
MET CE  HE2  sing N N 234 
MET CE  HE3  sing N N 235 
MET OXT HXT  sing N N 236 
PHE N   CA   sing N N 237 
PHE N   H    sing N N 238 
PHE N   H2   sing N N 239 
PHE CA  C    sing N N 240 
PHE CA  CB   sing N N 241 
PHE CA  HA   sing N N 242 
PHE C   O    doub N N 243 
PHE C   OXT  sing N N 244 
PHE CB  CG   sing N N 245 
PHE CB  HB2  sing N N 246 
PHE CB  HB3  sing N N 247 
PHE CG  CD1  doub Y N 248 
PHE CG  CD2  sing Y N 249 
PHE CD1 CE1  sing Y N 250 
PHE CD1 HD1  sing N N 251 
PHE CD2 CE2  doub Y N 252 
PHE CD2 HD2  sing N N 253 
PHE CE1 CZ   doub Y N 254 
PHE CE1 HE1  sing N N 255 
PHE CE2 CZ   sing Y N 256 
PHE CE2 HE2  sing N N 257 
PHE CZ  HZ   sing N N 258 
PHE OXT HXT  sing N N 259 
PRO N   CA   sing N N 260 
PRO N   CD   sing N N 261 
PRO N   H    sing N N 262 
PRO CA  C    sing N N 263 
PRO CA  CB   sing N N 264 
PRO CA  HA   sing N N 265 
PRO C   O    doub N N 266 
PRO C   OXT  sing N N 267 
PRO CB  CG   sing N N 268 
PRO CB  HB2  sing N N 269 
PRO CB  HB3  sing N N 270 
PRO CG  CD   sing N N 271 
PRO CG  HG2  sing N N 272 
PRO CG  HG3  sing N N 273 
PRO CD  HD2  sing N N 274 
PRO CD  HD3  sing N N 275 
PRO OXT HXT  sing N N 276 
SER N   CA   sing N N 277 
SER N   H    sing N N 278 
SER N   H2   sing N N 279 
SER CA  C    sing N N 280 
SER CA  CB   sing N N 281 
SER CA  HA   sing N N 282 
SER C   O    doub N N 283 
SER C   OXT  sing N N 284 
SER CB  OG   sing N N 285 
SER CB  HB2  sing N N 286 
SER CB  HB3  sing N N 287 
SER OG  HG   sing N N 288 
SER OXT HXT  sing N N 289 
THR N   CA   sing N N 290 
THR N   H    sing N N 291 
THR N   H2   sing N N 292 
THR CA  C    sing N N 293 
THR CA  CB   sing N N 294 
THR CA  HA   sing N N 295 
THR C   O    doub N N 296 
THR C   OXT  sing N N 297 
THR CB  OG1  sing N N 298 
THR CB  CG2  sing N N 299 
THR CB  HB   sing N N 300 
THR OG1 HG1  sing N N 301 
THR CG2 HG21 sing N N 302 
THR CG2 HG22 sing N N 303 
THR CG2 HG23 sing N N 304 
THR OXT HXT  sing N N 305 
TRP N   CA   sing N N 306 
TRP N   H    sing N N 307 
TRP N   H2   sing N N 308 
TRP CA  C    sing N N 309 
TRP CA  CB   sing N N 310 
TRP CA  HA   sing N N 311 
TRP C   O    doub N N 312 
TRP C   OXT  sing N N 313 
TRP CB  CG   sing N N 314 
TRP CB  HB2  sing N N 315 
TRP CB  HB3  sing N N 316 
TRP CG  CD1  doub Y N 317 
TRP CG  CD2  sing Y N 318 
TRP CD1 NE1  sing Y N 319 
TRP CD1 HD1  sing N N 320 
TRP CD2 CE2  doub Y N 321 
TRP CD2 CE3  sing Y N 322 
TRP NE1 CE2  sing Y N 323 
TRP NE1 HE1  sing N N 324 
TRP CE2 CZ2  sing Y N 325 
TRP CE3 CZ3  doub Y N 326 
TRP CE3 HE3  sing N N 327 
TRP CZ2 CH2  doub Y N 328 
TRP CZ2 HZ2  sing N N 329 
TRP CZ3 CH2  sing Y N 330 
TRP CZ3 HZ3  sing N N 331 
TRP CH2 HH2  sing N N 332 
TRP OXT HXT  sing N N 333 
TYR N   CA   sing N N 334 
TYR N   H    sing N N 335 
TYR N   H2   sing N N 336 
TYR CA  C    sing N N 337 
TYR CA  CB   sing N N 338 
TYR CA  HA   sing N N 339 
TYR C   O    doub N N 340 
TYR C   OXT  sing N N 341 
TYR CB  CG   sing N N 342 
TYR CB  HB2  sing N N 343 
TYR CB  HB3  sing N N 344 
TYR CG  CD1  doub Y N 345 
TYR CG  CD2  sing Y N 346 
TYR CD1 CE1  sing Y N 347 
TYR CD1 HD1  sing N N 348 
TYR CD2 CE2  doub Y N 349 
TYR CD2 HD2  sing N N 350 
TYR CE1 CZ   doub Y N 351 
TYR CE1 HE1  sing N N 352 
TYR CE2 CZ   sing Y N 353 
TYR CE2 HE2  sing N N 354 
TYR CZ  OH   sing N N 355 
TYR OH  HH   sing N N 356 
TYR OXT HXT  sing N N 357 
VAL N   CA   sing N N 358 
VAL N   H    sing N N 359 
VAL N   H2   sing N N 360 
VAL CA  C    sing N N 361 
VAL CA  CB   sing N N 362 
VAL CA  HA   sing N N 363 
VAL C   O    doub N N 364 
VAL C   OXT  sing N N 365 
VAL CB  CG1  sing N N 366 
VAL CB  CG2  sing N N 367 
VAL CB  HB   sing N N 368 
VAL CG1 HG11 sing N N 369 
VAL CG1 HG12 sing N N 370 
VAL CG1 HG13 sing N N 371 
VAL CG2 HG21 sing N N 372 
VAL CG2 HG22 sing N N 373 
VAL CG2 HG23 sing N N 374 
VAL OXT HXT  sing N N 375 
# 
_pdbx_initial_refinement_model.id               1 
_pdbx_initial_refinement_model.entity_id_list   ? 
_pdbx_initial_refinement_model.type             'experimental model' 
_pdbx_initial_refinement_model.source_name      PDB 
_pdbx_initial_refinement_model.accession_code   1S2J 
_pdbx_initial_refinement_model.details          'PDB ENTRY 1S2J' 
# 
_atom_sites.entry_id                    2RKQ 
_atom_sites.fract_transf_matrix[1][1]   0.02402571 
_atom_sites.fract_transf_matrix[1][2]   0.01070273 
_atom_sites.fract_transf_matrix[1][3]   0.00413612 
_atom_sites.fract_transf_matrix[2][1]   -0.00525715 
_atom_sites.fract_transf_matrix[2][2]   0.00579023 
_atom_sites.fract_transf_matrix[2][3]   0.01555454 
_atom_sites.fract_transf_matrix[3][1]   0.00430095 
_atom_sites.fract_transf_matrix[3][2]   -0.01193334 
_atom_sites.fract_transf_matrix[3][3]   0.00589587 
_atom_sites.fract_transf_vector[1]      0.727088 
_atom_sites.fract_transf_vector[2]      0.543907 
_atom_sites.fract_transf_vector[3]      0.325125 
# 
loop_
_atom_type.symbol 
C 
N 
O 
S 
# 
loop_
_atom_site.group_PDB 
_atom_site.id 
_atom_site.type_symbol 
_atom_site.label_atom_id 
_atom_site.label_alt_id 
_atom_site.label_comp_id 
_atom_site.label_asym_id 
_atom_site.label_entity_id 
_atom_site.label_seq_id 
_atom_site.pdbx_PDB_ins_code 
_atom_site.Cartn_x 
_atom_site.Cartn_y 
_atom_site.Cartn_z 
_atom_site.occupancy 
_atom_site.B_iso_or_equiv 
_atom_site.pdbx_formal_charge 
_atom_site.auth_seq_id 
_atom_site.auth_comp_id 
_atom_site.auth_asym_id 
_atom_site.auth_atom_id 
_atom_site.pdbx_PDB_model_num 
ATOM   1    N N   . GLU A 1 1   ? -4.133  10.920  13.371  1.00 22.66 ? 11  GLU A N   1 
ATOM   2    C CA  . GLU A 1 1   ? -3.664  11.458  12.059  1.00 22.68 ? 11  GLU A CA  1 
ATOM   3    C C   . GLU A 1 1   ? -2.232  11.022  11.814  1.00 21.95 ? 11  GLU A C   1 
ATOM   4    O O   . GLU A 1 1   ? -1.529  10.654  12.748  1.00 22.10 ? 11  GLU A O   1 
ATOM   5    C CB  . GLU A 1 1   ? -3.778  12.985  12.033  1.00 23.45 ? 11  GLU A CB  1 
ATOM   6    C CG  . GLU A 1 1   ? -5.218  13.499  11.823  1.00 27.19 ? 11  GLU A CG  1 
ATOM   7    C CD  . GLU A 1 1   ? -6.140  13.359  13.051  1.00 32.75 ? 11  GLU A CD  1 
ATOM   8    O OE1 . GLU A 1 1   ? -6.076  12.340  13.781  1.00 34.97 ? 11  GLU A OE1 1 
ATOM   9    O OE2 . GLU A 1 1   ? -6.967  14.273  13.274  1.00 35.99 ? 11  GLU A OE2 1 
ATOM   10   N N   . VAL A 1 2   ? -1.814  11.048  10.551  1.00 20.11 ? 12  VAL A N   1 
ATOM   11   C CA  . VAL A 1 2   ? -0.447  10.703  10.177  1.00 19.39 ? 12  VAL A CA  1 
ATOM   12   C C   . VAL A 1 2   ? -0.027  11.567  8.978   1.00 18.20 ? 12  VAL A C   1 
ATOM   13   O O   . VAL A 1 2   ? -0.800  11.753  8.025   1.00 18.48 ? 12  VAL A O   1 
ATOM   14   C CB  . VAL A 1 2   ? -0.290  9.169   9.929   1.00 19.47 ? 12  VAL A CB  1 
ATOM   15   C CG1 . VAL A 1 2   ? -1.211  8.687   8.810   1.00 20.39 ? 12  VAL A CG1 1 
ATOM   16   C CG2 . VAL A 1 2   ? 1.158   8.790   9.676   1.00 20.07 ? 12  VAL A CG2 1 
ATOM   17   N N   . PRO A 1 3   ? 1.189   12.146  9.030   1.00 16.89 ? 13  PRO A N   1 
ATOM   18   C CA  . PRO A 1 3   ? 1.587   12.925  7.883   1.00 16.30 ? 13  PRO A CA  1 
ATOM   19   C C   . PRO A 1 3   ? 1.778   12.027  6.668   1.00 16.26 ? 13  PRO A C   1 
ATOM   20   O O   . PRO A 1 3   ? 2.034   10.823  6.799   1.00 16.37 ? 13  PRO A O   1 
ATOM   21   C CB  . PRO A 1 3   ? 2.913   13.586  8.303   1.00 16.71 ? 13  PRO A CB  1 
ATOM   22   C CG  . PRO A 1 3   ? 3.127   13.257  9.726   1.00 17.28 ? 13  PRO A CG  1 
ATOM   23   C CD  . PRO A 1 3   ? 2.217   12.118  10.087  1.00 16.28 ? 13  PRO A CD  1 
ATOM   24   N N   . ILE A 1 4   ? 1.591   12.622  5.503   1.00 15.04 ? 14  ILE A N   1 
ATOM   25   C CA  . ILE A 1 4   ? 1.742   11.908  4.240   1.00 14.37 ? 14  ILE A CA  1 
ATOM   26   C C   . ILE A 1 4   ? 2.853   12.606  3.472   1.00 13.77 ? 14  ILE A C   1 
ATOM   27   O O   . ILE A 1 4   ? 2.843   13.831  3.324   1.00 14.01 ? 14  ILE A O   1 
ATOM   28   C CB  . ILE A 1 4   ? 0.438   11.936  3.407   1.00 14.64 ? 14  ILE A CB  1 
ATOM   29   C CG1 . ILE A 1 4   ? -0.748  11.324  4.177   1.00 16.05 ? 14  ILE A CG1 1 
ATOM   30   C CG2 . ILE A 1 4   ? 0.633   11.235  2.029   1.00 14.81 ? 14  ILE A CG2 1 
ATOM   31   C CD1 . ILE A 1 4   ? -0.539  9.876   4.591   1.00 15.78 ? 14  ILE A CD1 1 
ATOM   32   N N   . VAL A 1 5   ? 3.833   11.834  3.010   1.00 13.34 ? 15  VAL A N   1 
ATOM   33   C CA  . VAL A 1 5   ? 4.811   12.359  2.065   1.00 12.64 ? 15  VAL A CA  1 
ATOM   34   C C   . VAL A 1 5   ? 4.143   12.353  0.701   1.00 13.34 ? 15  VAL A C   1 
ATOM   35   O O   . VAL A 1 5   ? 3.981   11.298  0.074   1.00 13.54 ? 15  VAL A O   1 
ATOM   36   C CB  . VAL A 1 5   ? 6.078   11.512  2.032   1.00 12.18 ? 15  VAL A CB  1 
ATOM   37   C CG1 . VAL A 1 5   ? 7.089   12.104  1.034   1.00 13.66 ? 15  VAL A CG1 1 
ATOM   38   C CG2 . VAL A 1 5   ? 6.699   11.388  3.432   1.00 12.09 ? 15  VAL A CG2 1 
ATOM   39   N N   . THR A 1 6   ? 3.735   13.528  0.252   1.00 13.28 ? 16  THR A N   1 
ATOM   40   C CA  . THR A 1 6   ? 2.996   13.634  -0.989  1.00 14.17 ? 16  THR A CA  1 
ATOM   41   C C   . THR A 1 6   ? 3.880   13.293  -2.169  1.00 13.21 ? 16  THR A C   1 
ATOM   42   O O   . THR A 1 6   ? 5.109   13.265  -2.067  1.00 13.54 ? 16  THR A O   1 
ATOM   43   C CB  . THR A 1 6   ? 2.445   15.033  -1.197  1.00 14.89 ? 16  THR A CB  1 
ATOM   44   O OG1 . THR A 1 6   ? 3.533   15.957  -1.291  1.00 16.84 ? 16  THR A OG1 1 
ATOM   45   C CG2 . THR A 1 6   ? 1.501   15.423  -0.056  1.00 17.21 ? 16  THR A CG2 1 
ATOM   46   N N   . ARG A 1 7   ? 3.229   13.023  -3.293  1.00 13.06 ? 17  ARG A N   1 
ATOM   47   C CA  . ARG A 1 7   ? 3.945   12.682  -4.508  1.00 13.29 ? 17  ARG A CA  1 
ATOM   48   C C   . ARG A 1 7   ? 5.036   13.699  -4.806  1.00 13.45 ? 17  ARG A C   1 
ATOM   49   O O   . ARG A 1 7   ? 6.154   13.330  -5.138  1.00 14.10 ? 17  ARG A O   1 
ATOM   50   C CB  . ARG A 1 7   ? 2.973   12.590  -5.683  1.00 12.75 ? 17  ARG A CB  1 
ATOM   51   C CG  . ARG A 1 7   ? 1.931   11.466  -5.563  1.00 12.71 ? 17  ARG A CG  1 
ATOM   52   C CD  . ARG A 1 7   ? 1.031   11.455  -6.784  1.00 12.55 ? 17  ARG A CD  1 
ATOM   53   N NE  . ARG A 1 7   ? 1.749   10.983  -7.975  1.00 12.22 ? 17  ARG A NE  1 
ATOM   54   C CZ  . ARG A 1 7   ? 1.710   9.721   -8.419  1.00 12.41 ? 17  ARG A CZ  1 
ATOM   55   N NH1 . ARG A 1 7   ? 1.024   8.789   -7.770  1.00 13.13 ? 17  ARG A NH1 1 
ATOM   56   N NH2 . ARG A 1 7   ? 2.368   9.385   -9.525  1.00 12.64 ? 17  ARG A NH2 1 
ATOM   57   N N   . ALA A 1 8   ? 4.720   14.992  -4.685  1.00 14.32 ? 18  ALA A N   1 
ATOM   58   C CA  . ALA A 1 8   ? 5.732   16.016  -4.968  1.00 15.38 ? 18  ALA A CA  1 
ATOM   59   C C   . ALA A 1 8   ? 6.929   15.908  -4.022  1.00 14.84 ? 18  ALA A C   1 
ATOM   60   O O   . ALA A 1 8   ? 8.086   16.116  -4.422  1.00 15.61 ? 18  ALA A O   1 
ATOM   61   C CB  . ALA A 1 8   ? 5.123   17.413  -4.896  1.00 16.30 ? 18  ALA A CB  1 
ATOM   62   N N   . GLU A 1 9   ? 6.644   15.580  -2.764  1.00 14.94 ? 19  GLU A N   1 
ATOM   63   C CA  . GLU A 1 9   ? 7.685   15.480  -1.731  1.00 14.83 ? 19  GLU A CA  1 
ATOM   64   C C   . GLU A 1 9   ? 8.642   14.313  -1.931  1.00 15.09 ? 19  GLU A C   1 
ATOM   65   O O   . GLU A 1 9   ? 9.768   14.358  -1.444  1.00 16.19 ? 19  GLU A O   1 
ATOM   66   C CB  . GLU A 1 9   ? 7.059   15.426  -0.340  1.00 14.94 ? 19  GLU A CB  1 
ATOM   67   C CG  . GLU A 1 9   ? 6.475   16.754  0.125   1.00 17.18 ? 19  GLU A CG  1 
ATOM   68   C CD  . GLU A 1 9   ? 5.687   16.578  1.407   1.00 18.93 ? 19  GLU A CD  1 
ATOM   69   O OE1 . GLU A 1 9   ? 6.275   16.767  2.490   1.00 23.36 ? 19  GLU A OE1 1 
ATOM   70   O OE2 . GLU A 1 9   ? 4.501   16.222  1.327   1.00 19.75 ? 19  GLU A OE2 1 
ATOM   71   N N   . TRP A 1 10  ? 8.215   13.273  -2.655  1.00 13.27 ? 20  TRP A N   1 
ATOM   72   C CA  . TRP A 1 10  ? 9.157   12.250  -3.058  1.00 13.82 ? 20  TRP A CA  1 
ATOM   73   C C   . TRP A 1 10  ? 9.574   12.322  -4.522  1.00 13.75 ? 20  TRP A C   1 
ATOM   74   O O   . TRP A 1 10  ? 10.218  11.411  -5.041  1.00 14.16 ? 20  TRP A O   1 
ATOM   75   C CB  . TRP A 1 10  ? 8.708   10.839  -2.644  1.00 13.28 ? 20  TRP A CB  1 
ATOM   76   C CG  . TRP A 1 10  ? 7.381   10.306  -3.158  1.00 10.95 ? 20  TRP A CG  1 
ATOM   77   C CD1 . TRP A 1 10  ? 6.170   10.390  -2.535  1.00 12.34 ? 20  TRP A CD1 1 
ATOM   78   C CD2 . TRP A 1 10  ? 7.187   9.463   -4.303  1.00 11.70 ? 20  TRP A CD2 1 
ATOM   79   N NE1 . TRP A 1 10  ? 5.211   9.699   -3.254  1.00 11.26 ? 20  TRP A NE1 1 
ATOM   80   C CE2 . TRP A 1 10  ? 5.809   9.129   -4.347  1.00 9.78  ? 20  TRP A CE2 1 
ATOM   81   C CE3 . TRP A 1 10  ? 8.037   8.977   -5.316  1.00 11.75 ? 20  TRP A CE3 1 
ATOM   82   C CZ2 . TRP A 1 10  ? 5.263   8.331   -5.344  1.00 11.36 ? 20  TRP A CZ2 1 
ATOM   83   C CZ3 . TRP A 1 10  ? 7.491   8.173   -6.308  1.00 12.44 ? 20  TRP A CZ3 1 
ATOM   84   C CH2 . TRP A 1 10  ? 6.113   7.852   -6.315  1.00 12.72 ? 20  TRP A CH2 1 
ATOM   85   N N   . ASN A 1 11  ? 9.227   13.430  -5.164  1.00 14.77 ? 21  ASN A N   1 
ATOM   86   C CA  . ASN A 1 11  ? 9.609   13.702  -6.548  1.00 15.62 ? 21  ASN A CA  1 
ATOM   87   C C   . ASN A 1 11  ? 9.126   12.606  -7.485  1.00 15.28 ? 21  ASN A C   1 
ATOM   88   O O   . ASN A 1 11  ? 9.859   12.135  -8.361  1.00 16.11 ? 21  ASN A O   1 
ATOM   89   C CB  . ASN A 1 11  ? 11.124  13.928  -6.669  1.00 16.66 ? 21  ASN A CB  1 
ATOM   90   C CG  . ASN A 1 11  ? 11.515  14.514  -8.002  1.00 20.79 ? 21  ASN A CG  1 
ATOM   91   O OD1 . ASN A 1 11  ? 10.768  15.313  -8.591  1.00 26.32 ? 21  ASN A OD1 1 
ATOM   92   N ND2 . ASN A 1 11  ? 12.673  14.106  -8.505  1.00 24.51 ? 21  ASN A ND2 1 
ATOM   93   N N   . ALA A 1 12  ? 7.876   12.206  -7.287  1.00 14.40 ? 22  ALA A N   1 
ATOM   94   C CA  . ALA A 1 12  ? 7.228   11.241  -8.160  1.00 14.14 ? 22  ALA A CA  1 
ATOM   95   C C   . ALA A 1 12  ? 7.170   11.730  -9.590  1.00 14.74 ? 22  ALA A C   1 
ATOM   96   O O   . ALA A 1 12  ? 7.085   12.933  -9.830  1.00 15.84 ? 22  ALA A O   1 
ATOM   97   C CB  . ALA A 1 12  ? 5.804   10.999  -7.660  1.00 13.98 ? 22  ALA A CB  1 
ATOM   98   N N   . LYS A 1 13  ? 7.175   10.797  -10.530 1.00 13.97 ? 23  LYS A N   1 
ATOM   99   C CA  . LYS A 1 13  ? 6.719   11.095  -11.880 1.00 14.40 ? 23  LYS A CA  1 
ATOM   100  C C   . LYS A 1 13  ? 5.197   11.056  -11.888 1.00 14.38 ? 23  LYS A C   1 
ATOM   101  O O   . LYS A 1 13  ? 4.576   10.367  -11.078 1.00 13.95 ? 23  LYS A O   1 
ATOM   102  C CB  . LYS A 1 13  ? 7.303   10.100  -12.874 1.00 15.30 ? 23  LYS A CB  1 
ATOM   103  C CG  . LYS A 1 13  ? 8.830   10.178  -12.886 1.00 18.20 ? 23  LYS A CG  1 
ATOM   104  C CD  . LYS A 1 13  ? 9.471   9.545   -14.090 1.00 21.72 ? 23  LYS A CD  1 
ATOM   105  C CE  . LYS A 1 13  ? 10.984  9.851   -14.081 1.00 21.99 ? 23  LYS A CE  1 
ATOM   106  N NZ  . LYS A 1 13  ? 11.328  11.278  -14.452 1.00 20.94 ? 23  LYS A NZ  1 
ATOM   107  N N   . PRO A 1 14  ? 4.569   11.813  -12.793 1.00 13.84 ? 24  PRO A N   1 
ATOM   108  C CA  . PRO A 1 14  ? 3.121   11.660  -12.927 1.00 14.31 ? 24  PRO A CA  1 
ATOM   109  C C   . PRO A 1 14  ? 2.801   10.348  -13.616 1.00 14.40 ? 24  PRO A C   1 
ATOM   110  O O   . PRO A 1 14  ? 3.681   9.755   -14.243 1.00 14.82 ? 24  PRO A O   1 
ATOM   111  C CB  . PRO A 1 14  ? 2.741   12.823  -13.848 1.00 14.48 ? 24  PRO A CB  1 
ATOM   112  C CG  . PRO A 1 14  ? 3.963   13.008  -14.677 1.00 14.64 ? 24  PRO A CG  1 
ATOM   113  C CD  . PRO A 1 14  ? 5.114   12.807  -13.736 1.00 14.70 ? 24  PRO A CD  1 
ATOM   114  N N   . PRO A 1 15  ? 1.547   9.876   -13.486 1.00 14.41 ? 25  PRO A N   1 
ATOM   115  C CA  . PRO A 1 15  ? 1.170   8.689   -14.229 1.00 14.94 ? 25  PRO A CA  1 
ATOM   116  C C   . PRO A 1 15  ? 1.384   8.873   -15.721 1.00 15.86 ? 25  PRO A C   1 
ATOM   117  O O   . PRO A 1 15  ? 1.304   9.986   -16.217 1.00 15.97 ? 25  PRO A O   1 
ATOM   118  C CB  . PRO A 1 15  ? -0.328  8.563   -13.934 1.00 14.83 ? 25  PRO A CB  1 
ATOM   119  C CG  . PRO A 1 15  ? -0.482  9.180   -12.615 1.00 15.48 ? 25  PRO A CG  1 
ATOM   120  C CD  . PRO A 1 15  ? 0.432   10.374  -12.658 1.00 14.70 ? 25  PRO A CD  1 
ATOM   121  N N   . ASN A 1 16  ? 1.690   7.776   -16.393 1.00 16.99 ? 26  ASN A N   1 
ATOM   122  C CA  . ASN A 1 16  ? 1.766   7.760   -17.848 1.00 19.36 ? 26  ASN A CA  1 
ATOM   123  C C   . ASN A 1 16  ? 0.871   6.619   -18.288 1.00 20.09 ? 26  ASN A C   1 
ATOM   124  O O   . ASN A 1 16  ? 1.244   5.432   -18.312 1.00 21.76 ? 26  ASN A O   1 
ATOM   125  C CB  . ASN A 1 16  ? 3.211   7.679   -18.364 1.00 20.48 ? 26  ASN A CB  1 
ATOM   126  C CG  . ASN A 1 16  ? 3.828   6.316   -18.197 1.00 24.09 ? 26  ASN A CG  1 
ATOM   127  O OD1 . ASN A 1 16  ? 4.937   6.066   -18.679 1.00 29.96 ? 26  ASN A OD1 1 
ATOM   128  N ND2 . ASN A 1 16  ? 3.127   5.420   -17.521 1.00 27.94 ? 26  ASN A ND2 1 
ATOM   129  N N   . GLY A 1 17  A -0.363  6.998   -18.534 1.00 19.30 ? 26  GLY A N   1 
ATOM   130  C CA  . GLY A 1 17  A -1.386  6.057   -18.901 1.00 17.77 ? 26  GLY A CA  1 
ATOM   131  C C   . GLY A 1 17  A -2.597  6.370   -18.063 1.00 17.51 ? 26  GLY A C   1 
ATOM   132  O O   . GLY A 1 17  A -2.483  6.807   -16.912 1.00 16.91 ? 26  GLY A O   1 
ATOM   133  N N   . ALA A 1 18  ? -3.757  6.119   -18.647 1.00 17.06 ? 27  ALA A N   1 
ATOM   134  C CA  . ALA A 1 18  ? -5.021  6.289   -17.969 1.00 16.82 ? 27  ALA A CA  1 
ATOM   135  C C   . ALA A 1 18  ? -5.119  5.298   -16.846 1.00 16.51 ? 27  ALA A C   1 
ATOM   136  O O   . ALA A 1 18  ? -4.552  4.198   -16.900 1.00 16.96 ? 27  ALA A O   1 
ATOM   137  C CB  . ALA A 1 18  ? -6.170  6.081   -18.952 1.00 16.93 ? 27  ALA A CB  1 
ATOM   138  N N   . ILE A 1 19  ? -5.824  5.712   -15.804 1.00 15.94 ? 28  ILE A N   1 
ATOM   139  C CA  . ILE A 1 19  ? -6.145  4.811   -14.727 1.00 15.62 ? 28  ILE A CA  1 
ATOM   140  C C   . ILE A 1 19  ? -7.644  4.872   -14.522 1.00 15.84 ? 28  ILE A C   1 
ATOM   141  O O   . ILE A 1 19  ? -8.210  5.960   -14.455 1.00 16.15 ? 28  ILE A O   1 
ATOM   142  C CB  . ILE A 1 19  ? -5.409  5.189   -13.441 1.00 14.80 ? 28  ILE A CB  1 
ATOM   143  C CG1 . ILE A 1 19  ? -3.895  5.054   -13.629 1.00 15.55 ? 28  ILE A CG1 1 
ATOM   144  C CG2 . ILE A 1 19  ? -5.826  4.249   -12.311 1.00 15.45 ? 28  ILE A CG2 1 
ATOM   145  C CD1 . ILE A 1 19  ? -3.096  5.739   -12.535 1.00 15.51 ? 28  ILE A CD1 1 
ATOM   146  N N   . ASP A 1 20  ? -8.275  3.709   -14.421 1.00 16.86 ? 29  ASP A N   1 
ATOM   147  C CA  . ASP A 1 20  ? -9.712  3.656   -14.163 1.00 17.26 ? 29  ASP A CA  1 
ATOM   148  C C   . ASP A 1 20  ? -10.060 4.254   -12.807 1.00 16.97 ? 29  ASP A C   1 
ATOM   149  O O   . ASP A 1 20  ? -9.253  4.204   -11.885 1.00 16.01 ? 29  ASP A O   1 
ATOM   150  C CB  . ASP A 1 20  ? -10.215 2.220   -14.264 1.00 18.48 ? 29  ASP A CB  1 
ATOM   151  C CG  . ASP A 1 20  ? -10.374 1.762   -15.711 1.00 23.13 ? 29  ASP A CG  1 
ATOM   152  O OD1 . ASP A 1 20  ? -10.867 2.561   -16.541 1.00 29.00 ? 29  ASP A OD1 1 
ATOM   153  O OD2 . ASP A 1 20  ? -9.991  0.615   -16.008 1.00 27.73 ? 29  ASP A OD2 1 
ATOM   154  N N   . SER A 1 21  ? -11.253 4.830   -12.690 1.00 17.26 ? 30  SER A N   1 
ATOM   155  C CA  . SER A 1 21  ? -11.692 5.432   -11.433 1.00 17.47 ? 30  SER A CA  1 
ATOM   156  C C   . SER A 1 21  ? -12.307 4.409   -10.474 1.00 17.34 ? 30  SER A C   1 
ATOM   157  O O   . SER A 1 21  ? -12.766 3.331   -10.883 1.00 16.77 ? 30  SER A O   1 
ATOM   158  C CB  . SER A 1 21  ? -12.708 6.536   -11.720 1.00 18.53 ? 30  SER A CB  1 
ATOM   159  O OG  . SER A 1 21  ? -13.862 5.983   -12.313 1.00 23.33 ? 30  SER A OG  1 
ATOM   160  N N   . MET A 1 22  ? -12.302 4.753   -9.191  1.00 16.32 ? 31  MET A N   1 
ATOM   161  C CA  . MET A 1 22  ? -13.021 3.972   -8.180  1.00 16.71 ? 31  MET A CA  1 
ATOM   162  C C   . MET A 1 22  ? -13.863 4.914   -7.358  1.00 17.34 ? 31  MET A C   1 
ATOM   163  O O   . MET A 1 22  ? -13.507 6.076   -7.195  1.00 18.05 ? 31  MET A O   1 
ATOM   164  C CB  . MET A 1 22  ? -12.066 3.266   -7.229  1.00 17.27 ? 31  MET A CB  1 
ATOM   165  C CG  . MET A 1 22  ? -11.174 2.273   -7.877  1.00 16.46 ? 31  MET A CG  1 
ATOM   166  S SD  . MET A 1 22  ? -10.445 1.199   -6.630  1.00 13.97 ? 31  MET A SD  1 
ATOM   167  C CE  . MET A 1 22  ? -9.361  2.267   -5.695  1.00 13.79 ? 31  MET A CE  1 
ATOM   168  N N   . VAL A 1 23  ? -14.956 4.381   -6.823  1.00 17.78 ? 32  VAL A N   1 
ATOM   169  C CA  . VAL A 1 23  ? -15.878 5.138   -5.990  1.00 19.22 ? 32  VAL A CA  1 
ATOM   170  C C   . VAL A 1 23  ? -15.390 5.046   -4.549  1.00 18.27 ? 32  VAL A C   1 
ATOM   171  O O   . VAL A 1 23  ? -15.221 3.951   -4.039  1.00 19.78 ? 32  VAL A O   1 
ATOM   172  C CB  . VAL A 1 23  ? -17.304 4.542   -6.125  1.00 19.41 ? 32  VAL A CB  1 
ATOM   173  C CG1 . VAL A 1 23  ? -18.262 5.124   -5.085  1.00 22.02 ? 32  VAL A CG1 1 
ATOM   174  C CG2 . VAL A 1 23  ? -17.830 4.753   -7.556  1.00 22.11 ? 32  VAL A CG2 1 
ATOM   175  N N   . THR A 1 24  ? -15.120 6.190   -3.925  1.00 18.38 ? 33  THR A N   1 
ATOM   176  C CA  . THR A 1 24  ? -14.746 6.250   -2.509  1.00 17.38 ? 33  THR A CA  1 
ATOM   177  C C   . THR A 1 24  ? -16.002 6.610   -1.704  1.00 16.92 ? 33  THR A C   1 
ATOM   178  O O   . THR A 1 24  ? -16.899 7.276   -2.235  1.00 18.48 ? 33  THR A O   1 
ATOM   179  C CB  . THR A 1 24  ? -13.675 7.321   -2.238  1.00 17.84 ? 33  THR A CB  1 
ATOM   180  O OG1 . THR A 1 24  ? -14.169 8.582   -2.700  1.00 17.95 ? 33  THR A OG1 1 
ATOM   181  C CG2 . THR A 1 24  ? -12.363 6.986   -2.931  1.00 17.54 ? 33  THR A CG2 1 
ATOM   182  N N   . PRO A 1 25  ? -16.071 6.205   -0.424  1.00 15.97 ? 34  PRO A N   1 
ATOM   183  C CA  . PRO A 1 25  ? -15.076 5.437   0.330   1.00 14.96 ? 34  PRO A CA  1 
ATOM   184  C C   . PRO A 1 25  ? -14.999 3.995   -0.144  1.00 13.44 ? 34  PRO A C   1 
ATOM   185  O O   . PRO A 1 25  ? -16.004 3.401   -0.546  1.00 13.74 ? 34  PRO A O   1 
ATOM   186  C CB  . PRO A 1 25  ? -15.598 5.520   1.769   1.00 15.29 ? 34  PRO A CB  1 
ATOM   187  C CG  . PRO A 1 25  ? -17.060 5.719   1.623   1.00 18.02 ? 34  PRO A CG  1 
ATOM   188  C CD  . PRO A 1 25  ? -17.236 6.565   0.413   1.00 15.97 ? 34  PRO A CD  1 
ATOM   189  N N   . LEU A 1 26  ? -13.783 3.448   -0.117  1.00 12.88 ? 35  LEU A N   1 
ATOM   190  C CA  . LEU A 1 26  ? -13.541 2.112   -0.627  1.00 12.19 ? 35  LEU A CA  1 
ATOM   191  C C   . LEU A 1 26  ? -13.916 1.064   0.395   1.00 12.25 ? 35  LEU A C   1 
ATOM   192  O O   . LEU A 1 26  ? -13.667 1.260   1.581   1.00 13.03 ? 35  LEU A O   1 
ATOM   193  C CB  . LEU A 1 26  ? -12.075 1.957   -0.987  1.00 12.28 ? 35  LEU A CB  1 
ATOM   194  C CG  . LEU A 1 26  ? -11.569 2.969   -2.008  1.00 11.64 ? 35  LEU A CG  1 
ATOM   195  C CD1 . LEU A 1 26  ? -10.059 2.983   -2.041  1.00 12.36 ? 35  LEU A CD1 1 
ATOM   196  C CD2 . LEU A 1 26  ? -12.145 2.682   -3.395  1.00 13.71 ? 35  LEU A CD2 1 
ATOM   197  N N   . PRO A 1 27  ? -14.548 -0.036  -0.053  1.00 11.33 ? 36  PRO A N   1 
ATOM   198  C CA  . PRO A 1 27  ? -14.933 -1.074  0.905   1.00 11.69 ? 36  PRO A CA  1 
ATOM   199  C C   . PRO A 1 27  ? -13.813 -1.915  1.505   1.00 11.06 ? 36  PRO A C   1 
ATOM   200  O O   . PRO A 1 27  ? -14.054 -2.569  2.523   1.00 10.82 ? 36  PRO A O   1 
ATOM   201  C CB  . PRO A 1 27  ? -15.909 -1.956  0.133   1.00 11.70 ? 36  PRO A CB  1 
ATOM   202  C CG  . PRO A 1 27  ? -16.022 -1.400  -1.220  1.00 14.55 ? 36  PRO A CG  1 
ATOM   203  C CD  . PRO A 1 27  ? -15.079 -0.282  -1.406  1.00 11.74 ? 36  PRO A CD  1 
ATOM   204  N N   . ARG A 1 28  ? -12.623 -1.907  0.899   1.00 10.79 ? 37  ARG A N   1 
ATOM   205  C CA  . ARG A 1 28  ? -11.553 -2.822  1.321   1.00 11.59 ? 37  ARG A CA  1 
ATOM   206  C C   . ARG A 1 28  ? -10.216 -2.122  1.392   1.00 11.38 ? 37  ARG A C   1 
ATOM   207  O O   . ARG A 1 28  ? -9.970  -1.189  0.636   1.00 11.27 ? 37  ARG A O   1 
ATOM   208  C CB  . ARG A 1 28  ? -11.401 -3.993  0.341   1.00 13.14 ? 37  ARG A CB  1 
ATOM   209  C CG  . ARG A 1 28  ? -12.705 -4.581  -0.113  1.00 15.39 ? 37  ARG A CG  1 
ATOM   210  C CD  . ARG A 1 28  ? -12.488 -5.931  -0.748  1.00 14.49 ? 37  ARG A CD  1 
ATOM   211  N NE  . ARG A 1 28  ? -11.720 -5.898  -1.991  1.00 14.49 ? 37  ARG A NE  1 
ATOM   212  C CZ  . ARG A 1 28  ? -11.900 -6.792  -2.971  1.00 15.46 ? 37  ARG A CZ  1 
ATOM   213  N NH1 . ARG A 1 28  ? -12.819 -7.741  -2.848  1.00 13.61 ? 37  ARG A NH1 1 
ATOM   214  N NH2 . ARG A 1 28  ? -11.179 -6.725  -4.078  1.00 15.22 ? 37  ARG A NH2 1 
ATOM   215  N N   . ALA A 1 29  ? -9.368  -2.589  2.307   1.00 10.73 ? 38  ALA A N   1 
ATOM   216  C CA  . ALA A 1 29  ? -7.951  -2.203  2.347   1.00 10.40 ? 38  ALA A CA  1 
ATOM   217  C C   . ALA A 1 29  ? -7.126  -3.464  2.213   1.00 10.53 ? 38  ALA A C   1 
ATOM   218  O O   . ALA A 1 29  ? -7.449  -4.479  2.824   1.00 11.92 ? 38  ALA A O   1 
ATOM   219  C CB  . ALA A 1 29  ? -7.625  -1.494  3.656   1.00 10.41 ? 38  ALA A CB  1 
ATOM   220  N N   . VAL A 1 30  ? -6.088  -3.401  1.384   1.00 10.00 ? 39  VAL A N   1 
ATOM   221  C CA  . VAL A 1 30  ? -5.270  -4.561  1.086   1.00 10.59 ? 39  VAL A CA  1 
ATOM   222  C C   . VAL A 1 30  ? -3.838  -4.240  1.478   1.00 10.78 ? 39  VAL A C   1 
ATOM   223  O O   . VAL A 1 30  ? -3.298  -3.239  1.045   1.00 11.49 ? 39  VAL A O   1 
ATOM   224  C CB  . VAL A 1 30  ? -5.344  -4.946  -0.418  1.00 10.51 ? 39  VAL A CB  1 
ATOM   225  C CG1 . VAL A 1 30  ? -4.370  -6.079  -0.736  1.00 12.64 ? 39  VAL A CG1 1 
ATOM   226  C CG2 . VAL A 1 30  ? -6.754  -5.408  -0.754  1.00 10.40 ? 39  VAL A CG2 1 
ATOM   227  N N   . ILE A 1 31  ? -3.239  -5.087  2.312   1.00 10.85 ? 40  ILE A N   1 
ATOM   228  C CA  . ILE A 1 31  ? -1.880  -4.882  2.772   1.00 11.14 ? 40  ILE A CA  1 
ATOM   229  C C   . ILE A 1 31  ? -0.912  -5.758  1.986   1.00 10.60 ? 40  ILE A C   1 
ATOM   230  O O   . ILE A 1 31  ? -1.048  -6.992  1.942   1.00 10.70 ? 40  ILE A O   1 
ATOM   231  C CB  . ILE A 1 31  ? -1.739  -5.195  4.272   1.00 11.29 ? 40  ILE A CB  1 
ATOM   232  C CG1 . ILE A 1 31  ? -2.790  -4.433  5.097   1.00 11.51 ? 40  ILE A CG1 1 
ATOM   233  C CG2 . ILE A 1 31  ? -0.314  -4.878  4.759   1.00 11.48 ? 40  ILE A CG2 1 
ATOM   234  C CD1 . ILE A 1 31  ? -2.734  -2.908  4.935   1.00 13.94 ? 40  ILE A CD1 1 
ATOM   235  N N   . ALA A 1 32  ? 0.073   -5.096  1.390   1.00 10.75 ? 41  ALA A N   1 
ATOM   236  C CA  . ALA A 1 32  ? 1.122   -5.736  0.606   1.00 10.81 ? 41  ALA A CA  1 
ATOM   237  C C   . ALA A 1 32  ? 2.499   -5.427  1.164   1.00 10.78 ? 41  ALA A C   1 
ATOM   238  O O   . ALA A 1 32  ? 2.655   -4.575  2.033   1.00 9.80  ? 41  ALA A O   1 
ATOM   239  C CB  . ALA A 1 32  ? 1.035   -5.262  -0.848  1.00 11.89 ? 41  ALA A CB  1 
ATOM   240  N N   . HIS A 1 33  ? 3.497   -6.178  0.702   1.00 10.68 ? 42  HIS A N   1 
ATOM   241  C CA  . HIS A 1 33  ? 4.878   -5.714  0.797   1.00 10.97 ? 42  HIS A CA  1 
ATOM   242  C C   . HIS A 1 33  ? 5.427   -5.554  -0.608  1.00 12.11 ? 42  HIS A C   1 
ATOM   243  O O   . HIS A 1 33  ? 4.872   -6.096  -1.571  1.00 12.32 ? 42  HIS A O   1 
ATOM   244  C CB  . HIS A 1 33  ? 5.759   -6.587  1.718   1.00 10.79 ? 42  HIS A CB  1 
ATOM   245  C CG  . HIS A 1 33  ? 6.157   -7.939  1.184   1.00 11.91 ? 42  HIS A CG  1 
ATOM   246  N ND1 . HIS A 1 33  ? 5.661   -8.522  0.035   1.00 14.64 ? 42  HIS A ND1 1 
ATOM   247  C CD2 . HIS A 1 33  ? 7.015   -8.843  1.720   1.00 10.96 ? 42  HIS A CD2 1 
ATOM   248  C CE1 . HIS A 1 33  ? 6.225   -9.716  -0.125  1.00 12.96 ? 42  HIS A CE1 1 
ATOM   249  N NE2 . HIS A 1 33  ? 7.039   -9.931  0.887   1.00 16.48 ? 42  HIS A NE2 1 
ATOM   250  N N   . THR A 1 34  ? 6.496   -4.782  -0.719  1.00 13.02 ? 43  THR A N   1 
ATOM   251  C CA  . THR A 1 34  ? 7.093   -4.566  -2.041  1.00 14.24 ? 43  THR A CA  1 
ATOM   252  C C   . THR A 1 34  ? 7.998   -5.719  -2.425  1.00 15.47 ? 43  THR A C   1 
ATOM   253  O O   . THR A 1 34  ? 8.306   -5.897  -3.614  1.00 16.25 ? 43  THR A O   1 
ATOM   254  C CB  . THR A 1 34  ? 7.883   -3.263  -2.105  1.00 14.43 ? 43  THR A CB  1 
ATOM   255  O OG1 . THR A 1 34  ? 8.931   -3.292  -1.133  1.00 15.05 ? 43  THR A OG1 1 
ATOM   256  C CG2 . THR A 1 34  ? 6.978   -2.098  -1.827  1.00 14.01 ? 43  THR A CG2 1 
ATOM   257  N N   . ALA A 1 35  ? 8.424   -6.472  -1.406  1.00 16.04 ? 44  ALA A N   1 
ATOM   258  C CA  . ALA A 1 35  ? 9.231   -7.695  -1.524  1.00 17.90 ? 44  ALA A CA  1 
ATOM   259  C C   . ALA A 1 35  ? 10.701  -7.437  -1.793  1.00 19.11 ? 44  ALA A C   1 
ATOM   260  O O   . ALA A 1 35  ? 11.496  -8.380  -1.869  1.00 21.15 ? 44  ALA A O   1 
ATOM   261  C CB  . ALA A 1 35  ? 8.637   -8.670  -2.558  1.00 18.35 ? 44  ALA A CB  1 
ATOM   262  N N   . GLY A 1 36  ? 11.067  -6.167  -1.917  1.00 19.71 ? 45  GLY A N   1 
ATOM   263  C CA  . GLY A 1 36  ? 12.455  -5.802  -2.217  1.00 19.69 ? 45  GLY A CA  1 
ATOM   264  C C   . GLY A 1 36  ? 13.210  -5.410  -0.969  1.00 19.70 ? 45  GLY A C   1 
ATOM   265  O O   . GLY A 1 36  ? 12.905  -5.873  0.137   1.00 20.11 ? 45  GLY A O   1 
ATOM   266  N N   . GLY A 1 37  ? 14.211  -4.557  -1.154  1.00 19.12 ? 46  GLY A N   1 
ATOM   267  C CA  . GLY A 1 37  ? 15.016  -4.085  -0.050  1.00 18.80 ? 46  GLY A CA  1 
ATOM   268  C C   . GLY A 1 37  ? 14.239  -3.195  0.901   1.00 18.24 ? 46  GLY A C   1 
ATOM   269  O O   . GLY A 1 37  ? 13.264  -2.544  0.517   1.00 19.51 ? 46  GLY A O   1 
ATOM   270  N N   . ALA A 1 38  ? 14.666  -3.206  2.150   1.00 18.40 ? 47  ALA A N   1 
ATOM   271  C CA  . ALA A 1 38  ? 14.100  -2.351  3.166   1.00 17.14 ? 47  ALA A CA  1 
ATOM   272  C C   . ALA A 1 38  ? 14.741  -0.986  3.045   1.00 16.29 ? 47  ALA A C   1 
ATOM   273  O O   . ALA A 1 38  ? 15.788  -0.831  2.417   1.00 17.18 ? 47  ALA A O   1 
ATOM   274  C CB  . ALA A 1 38  ? 14.371  -2.934  4.534   1.00 18.04 ? 47  ALA A CB  1 
ATOM   275  N N   . CYS A 1 39  ? 14.113  0.003   3.662   1.00 15.23 ? 48  CYS A N   1 
ATOM   276  C CA  . CYS A 1 39  ? 14.722  1.317   3.746   1.00 14.43 ? 48  CYS A CA  1 
ATOM   277  C C   . CYS A 1 39  ? 14.589  1.832   5.171   1.00 14.96 ? 48  CYS A C   1 
ATOM   278  O O   . CYS A 1 39  ? 13.601  1.534   5.848   1.00 16.51 ? 48  CYS A O   1 
ATOM   279  C CB  . CYS A 1 39  ? 14.080  2.257   2.736   1.00 14.15 ? 48  CYS A CB  1 
ATOM   280  S SG  . CYS A 1 39  ? 12.327  2.601   3.015   1.00 15.36 ? 48  CYS A SG  1 
ATOM   281  N N   . ALA A 1 40  ? 15.593  2.562   5.653   1.00 13.58 ? 49  ALA A N   1 
ATOM   282  C CA  . ALA A 1 40  ? 15.607  2.960   7.052   1.00 14.11 ? 49  ALA A CA  1 
ATOM   283  C C   . ALA A 1 40  ? 15.935  4.428   7.281   1.00 13.98 ? 49  ALA A C   1 
ATOM   284  O O   . ALA A 1 40  ? 16.201  4.837   8.408   1.00 15.68 ? 49  ALA A O   1 
ATOM   285  C CB  . ALA A 1 40  ? 16.583  2.070   7.839   1.00 14.16 ? 49  ALA A CB  1 
ATOM   286  N N   . ASP A 1 41  ? 15.917  5.237   6.232   1.00 13.24 ? 50  ASP A N   1 
ATOM   287  C CA  . ASP A 1 41  ? 16.080  6.666   6.440   1.00 12.26 ? 50  ASP A CA  1 
ATOM   288  C C   . ASP A 1 41  ? 15.351  7.406   5.333   1.00 11.75 ? 50  ASP A C   1 
ATOM   289  O O   . ASP A 1 41  ? 14.875  6.774   4.378   1.00 11.69 ? 50  ASP A O   1 
ATOM   290  C CB  . ASP A 1 41  ? 17.564  7.078   6.619   1.00 12.70 ? 50  ASP A CB  1 
ATOM   291  C CG  . ASP A 1 41  ? 18.372  7.066   5.326   1.00 13.03 ? 50  ASP A CG  1 
ATOM   292  O OD1 . ASP A 1 41  ? 17.857  7.419   4.254   1.00 12.04 ? 50  ASP A OD1 1 
ATOM   293  O OD2 . ASP A 1 41  ? 19.575  6.696   5.381   1.00 14.55 ? 50  ASP A OD2 1 
ATOM   294  N N   . ASP A 1 42  ? 15.225  8.716   5.463   1.00 11.76 ? 51  ASP A N   1 
ATOM   295  C CA  . ASP A 1 42  ? 14.395  9.468   4.538   1.00 11.87 ? 51  ASP A CA  1 
ATOM   296  C C   . ASP A 1 42  ? 14.987  9.489   3.139   1.00 12.36 ? 51  ASP A C   1 
ATOM   297  O O   . ASP A 1 42  ? 14.255  9.600   2.168   1.00 12.58 ? 51  ASP A O   1 
ATOM   298  C CB  . ASP A 1 42  ? 14.184  10.896  5.039   1.00 12.57 ? 51  ASP A CB  1 
ATOM   299  C CG  . ASP A 1 42  ? 13.267  10.958  6.241   1.00 14.27 ? 51  ASP A CG  1 
ATOM   300  O OD1 . ASP A 1 42  ? 12.742  9.914   6.677   1.00 13.95 ? 51  ASP A OD1 1 
ATOM   301  O OD2 . ASP A 1 42  ? 13.076  12.083  6.725   1.00 16.47 ? 51  ASP A OD2 1 
ATOM   302  N N   . VAL A 1 43  ? 16.306  9.369   3.035   1.00 11.21 ? 52  VAL A N   1 
ATOM   303  C CA  . VAL A 1 43  ? 16.939  9.372   1.711   1.00 11.49 ? 52  VAL A CA  1 
ATOM   304  C C   . VAL A 1 43  ? 16.641  8.057   1.019   1.00 11.37 ? 52  VAL A C   1 
ATOM   305  O O   . VAL A 1 43  ? 16.129  8.053   -0.109  1.00 11.85 ? 52  VAL A O   1 
ATOM   306  C CB  . VAL A 1 43  ? 18.452  9.562   1.810   1.00 11.17 ? 52  VAL A CB  1 
ATOM   307  C CG1 . VAL A 1 43  ? 19.080  9.513   0.424   1.00 12.83 ? 52  VAL A CG1 1 
ATOM   308  C CG2 . VAL A 1 43  ? 18.777  10.885  2.531   1.00 12.65 ? 52  VAL A CG2 1 
ATOM   309  N N   . THR A 1 44  ? 16.908  6.939   1.682   1.00 11.13 ? 53  THR A N   1 
ATOM   310  C CA  . THR A 1 44  ? 16.716  5.680   0.992   1.00 11.61 ? 53  THR A CA  1 
ATOM   311  C C   . THR A 1 44  ? 15.239  5.364   0.763   1.00 11.79 ? 53  THR A C   1 
ATOM   312  O O   . THR A 1 44  ? 14.885  4.813   -0.281  1.00 11.63 ? 53  THR A O   1 
ATOM   313  C CB  . THR A 1 44  ? 17.378  4.532   1.696   1.00 12.33 ? 53  THR A CB  1 
ATOM   314  O OG1 . THR A 1 44  ? 16.801  4.374   2.986   1.00 14.21 ? 53  THR A OG1 1 
ATOM   315  C CG2 . THR A 1 44  ? 18.870  4.771   1.839   1.00 13.38 ? 53  THR A CG2 1 
ATOM   316  N N   . CYS A 1 45  ? 14.372  5.702   1.713   1.00 11.65 ? 54  CYS A N   1 
ATOM   317  C CA  . CYS A 1 45  ? 12.944  5.431   1.473   1.00 11.30 ? 54  CYS A CA  1 
ATOM   318  C C   . CYS A 1 45  ? 12.397  6.225   0.292   1.00 11.40 ? 54  CYS A C   1 
ATOM   319  O O   . CYS A 1 45  ? 11.606  5.700   -0.514  1.00 11.79 ? 54  CYS A O   1 
ATOM   320  C CB  . CYS A 1 45  ? 12.103  5.671   2.719   1.00 11.65 ? 54  CYS A CB  1 
ATOM   321  S SG  . CYS A 1 45  ? 12.418  4.448   3.998   1.00 13.28 ? 54  CYS A SG  1 
ATOM   322  N N   . SER A 1 46  ? 12.823  7.476   0.168   1.00 11.49 ? 55  SER A N   1 
ATOM   323  C CA  . SER A 1 46  ? 12.384  8.292   -0.958  1.00 12.30 ? 55  SER A CA  1 
ATOM   324  C C   . SER A 1 46  ? 12.939  7.707   -2.258  1.00 12.38 ? 55  SER A C   1 
ATOM   325  O O   . SER A 1 46  ? 12.228  7.644   -3.277  1.00 12.80 ? 55  SER A O   1 
ATOM   326  C CB  . SER A 1 46  ? 12.804  9.734   -0.737  1.00 13.14 ? 55  SER A CB  1 
ATOM   327  O OG  A SER A 1 46  ? 12.437  10.542  -1.828  0.50 13.87 ? 55  SER A OG  1 
ATOM   328  O OG  B SER A 1 46  ? 14.196  9.879   -0.741  0.50 15.56 ? 55  SER A OG  1 
ATOM   329  N N   . GLN A 1 47  ? 14.183  7.234   -2.226  1.00 12.35 ? 56  GLN A N   1 
ATOM   330  C CA  . GLN A 1 47  ? 14.771  6.676   -3.431  1.00 12.76 ? 56  GLN A CA  1 
ATOM   331  C C   . GLN A 1 47  ? 14.106  5.359   -3.792  1.00 12.94 ? 56  GLN A C   1 
ATOM   332  O O   . GLN A 1 47  ? 13.861  5.082   -4.974  1.00 13.11 ? 56  GLN A O   1 
ATOM   333  C CB  . GLN A 1 47  ? 16.276  6.491   -3.285  1.00 13.39 ? 56  GLN A CB  1 
ATOM   334  C CG  . GLN A 1 47  ? 16.969  6.121   -4.619  1.00 17.06 ? 56  GLN A CG  1 
ATOM   335  C CD  . GLN A 1 47  ? 16.661  7.112   -5.758  1.00 20.49 ? 56  GLN A CD  1 
ATOM   336  O OE1 . GLN A 1 47  ? 16.087  6.741   -6.794  1.00 22.31 ? 56  GLN A OE1 1 
ATOM   337  N NE2 . GLN A 1 47  ? 17.013  8.375   -5.557  1.00 20.61 ? 56  GLN A NE2 1 
ATOM   338  N N   . HIS A 1 48  ? 13.787  4.550   -2.787  1.00 12.69 ? 57  HIS A N   1 
ATOM   339  C CA  . HIS A 1 48  ? 13.076  3.299   -3.039  1.00 13.30 ? 57  HIS A CA  1 
ATOM   340  C C   . HIS A 1 48  ? 11.715  3.581   -3.658  1.00 12.82 ? 57  HIS A C   1 
ATOM   341  O O   . HIS A 1 48  ? 11.261  2.843   -4.530  1.00 13.44 ? 57  HIS A O   1 
ATOM   342  C CB  . HIS A 1 48  ? 12.911  2.497   -1.746  1.00 14.26 ? 57  HIS A CB  1 
ATOM   343  C CG  . HIS A 1 48  ? 14.144  1.738   -1.362  1.00 17.53 ? 57  HIS A CG  1 
ATOM   344  N ND1 . HIS A 1 48  ? 14.106  0.466   -0.830  1.00 23.52 ? 57  HIS A ND1 1 
ATOM   345  C CD2 . HIS A 1 48  ? 15.453  2.072   -1.442  1.00 20.98 ? 57  HIS A CD2 1 
ATOM   346  C CE1 . HIS A 1 48  ? 15.341  0.051   -0.599  1.00 20.72 ? 57  HIS A CE1 1 
ATOM   347  N NE2 . HIS A 1 48  ? 16.174  1.008   -0.954  1.00 22.59 ? 57  HIS A NE2 1 
ATOM   348  N N   . MET A 1 49  ? 11.073  4.662   -3.223  1.00 11.69 ? 58  MET A N   1 
ATOM   349  C CA  . MET A 1 49  ? 9.795   5.053   -3.822  1.00 11.70 ? 58  MET A CA  1 
ATOM   350  C C   . MET A 1 49  ? 9.938   5.339   -5.317  1.00 11.61 ? 58  MET A C   1 
ATOM   351  O O   . MET A 1 49  ? 9.165   4.829   -6.131  1.00 12.33 ? 58  MET A O   1 
ATOM   352  C CB  . MET A 1 49  ? 9.216   6.288   -3.121  1.00 11.47 ? 58  MET A CB  1 
ATOM   353  C CG  . MET A 1 49  ? 8.580   6.011   -1.759  1.00 12.51 ? 58  MET A CG  1 
ATOM   354  S SD  . MET A 1 49  ? 7.101   4.992   -1.928  1.00 11.83 ? 58  MET A SD  1 
ATOM   355  C CE  . MET A 1 49  ? 6.091   6.057   -2.928  1.00 12.41 ? 58  MET A CE  1 
ATOM   356  N N   . ARG A 1 50  ? 10.924  6.150   -5.680  1.00 12.18 ? 59  ARG A N   1 
ATOM   357  C CA  . ARG A 1 50  ? 11.133  6.443   -7.093  1.00 11.84 ? 59  ARG A CA  1 
ATOM   358  C C   . ARG A 1 50  ? 11.536  5.202   -7.870  1.00 12.11 ? 59  ARG A C   1 
ATOM   359  O O   . ARG A 1 50  ? 11.068  4.991   -8.997  1.00 12.84 ? 59  ARG A O   1 
ATOM   360  C CB  . ARG A 1 50  ? 12.152  7.558   -7.271  1.00 11.99 ? 59  ARG A CB  1 
ATOM   361  C CG  . ARG A 1 50  ? 11.617  8.904   -6.806  1.00 12.52 ? 59  ARG A CG  1 
ATOM   362  C CD  . ARG A 1 50  ? 12.596  10.008  -7.070  1.00 14.60 ? 59  ARG A CD  1 
ATOM   363  N NE  . ARG A 1 50  ? 13.803  9.879   -6.263  1.00 13.92 ? 59  ARG A NE  1 
ATOM   364  C CZ  . ARG A 1 50  ? 13.914  10.276  -4.999  1.00 14.00 ? 59  ARG A CZ  1 
ATOM   365  N NH1 . ARG A 1 50  ? 12.888  10.821  -4.373  1.00 15.79 ? 59  ARG A NH1 1 
ATOM   366  N NH2 . ARG A 1 50  ? 15.056  10.118  -4.358  1.00 17.05 ? 59  ARG A NH2 1 
ATOM   367  N N   . ASN A 1 51  ? 12.371  4.356   -7.279  1.00 12.06 ? 60  ASN A N   1 
ATOM   368  C CA  . ASN A 1 51  ? 12.808  3.152   -7.969  1.00 12.86 ? 60  ASN A CA  1 
ATOM   369  C C   . ASN A 1 51  ? 11.650  2.197   -8.199  1.00 12.65 ? 60  ASN A C   1 
ATOM   370  O O   . ASN A 1 51  ? 11.543  1.597   -9.266  1.00 13.18 ? 60  ASN A O   1 
ATOM   371  C CB  . ASN A 1 51  ? 13.951  2.465   -7.223  1.00 13.00 ? 60  ASN A CB  1 
ATOM   372  C CG  . ASN A 1 51  ? 15.223  3.283   -7.241  1.00 15.48 ? 60  ASN A CG  1 
ATOM   373  O OD1 . ASN A 1 51  ? 15.342  4.247   -7.988  1.00 19.00 ? 60  ASN A OD1 1 
ATOM   374  N ND2 . ASN A 1 51  ? 16.182  2.901   -6.402  1.00 19.51 ? 60  ASN A ND2 1 
ATOM   375  N N   . LEU A 1 52  ? 10.770  2.070   -7.214  1.00 12.48 ? 61  LEU A N   1 
ATOM   376  C CA  . LEU A 1 52  ? 9.596   1.229   -7.379  1.00 12.71 ? 61  LEU A CA  1 
ATOM   377  C C   . LEU A 1 52  ? 8.662   1.794   -8.435  1.00 12.55 ? 61  LEU A C   1 
ATOM   378  O O   . LEU A 1 52  ? 8.182   1.056   -9.295  1.00 13.23 ? 61  LEU A O   1 
ATOM   379  C CB  . LEU A 1 52  ? 8.838   1.041   -6.068  1.00 13.93 ? 61  LEU A CB  1 
ATOM   380  C CG  . LEU A 1 52  ? 7.675   0.055   -6.186  1.00 16.62 ? 61  LEU A CG  1 
ATOM   381  C CD1 . LEU A 1 52  ? 8.127   -1.344  -6.640  1.00 19.74 ? 61  LEU A CD1 1 
ATOM   382  C CD2 . LEU A 1 52  ? 6.934   -0.013  -4.868  1.00 19.95 ? 61  LEU A CD2 1 
ATOM   383  N N   . GLN A 1 53  ? 8.377   3.088   -8.366  1.00 12.04 ? 62  GLN A N   1 
ATOM   384  C CA  . GLN A 1 53  ? 7.539   3.672   -9.394  1.00 11.35 ? 62  GLN A CA  1 
ATOM   385  C C   . GLN A 1 53  ? 8.131   3.425   -10.760 1.00 12.26 ? 62  GLN A C   1 
ATOM   386  O O   . GLN A 1 53  ? 7.412   3.022   -11.663 1.00 12.66 ? 62  GLN A O   1 
ATOM   387  C CB  . GLN A 1 53  ? 7.369   5.169   -9.173  1.00 11.24 ? 62  GLN A CB  1 
ATOM   388  C CG  . GLN A 1 53  ? 6.457   5.776   -10.214 1.00 11.13 ? 62  GLN A CG  1 
ATOM   389  C CD  . GLN A 1 53  ? 6.295   7.266   -10.101 1.00 11.25 ? 62  GLN A CD  1 
ATOM   390  O OE1 . GLN A 1 53  ? 7.256   7.998   -9.833  1.00 12.02 ? 62  GLN A OE1 1 
ATOM   391  N NE2 . GLN A 1 53  ? 5.073   7.737   -10.327 1.00 11.65 ? 62  GLN A NE2 1 
ATOM   392  N N   . ASN A 1 54  ? 9.426   3.696   -10.907 1.00 12.19 ? 63  ASN A N   1 
ATOM   393  C CA  . ASN A 1 54  ? 10.078  3.557   -12.212 1.00 13.26 ? 63  ASN A CA  1 
ATOM   394  C C   . ASN A 1 54  ? 10.062  2.107   -12.688 1.00 13.95 ? 63  ASN A C   1 
ATOM   395  O O   . ASN A 1 54  ? 9.839   1.848   -13.877 1.00 14.80 ? 63  ASN A O   1 
ATOM   396  C CB  . ASN A 1 54  ? 11.528  4.044   -12.172 1.00 12.67 ? 63  ASN A CB  1 
ATOM   397  C CG  . ASN A 1 54  ? 11.678  5.547   -11.929 1.00 15.84 ? 63  ASN A CG  1 
ATOM   398  O OD1 . ASN A 1 54  ? 12.784  6.003   -11.602 1.00 20.34 ? 63  ASN A OD1 1 
ATOM   399  N ND2 . ASN A 1 54  ? 10.609  6.315   -12.076 1.00 15.94 ? 63  ASN A ND2 1 
ATOM   400  N N   . PHE A 1 55  ? 10.301  1.162   -11.785 1.00 14.35 ? 64  PHE A N   1 
ATOM   401  C CA  . PHE A 1 55  ? 10.251  -0.253  -12.148 1.00 15.52 ? 64  PHE A CA  1 
ATOM   402  C C   . PHE A 1 55  ? 8.852   -0.655  -12.596 1.00 15.07 ? 64  PHE A C   1 
ATOM   403  O O   . PHE A 1 55  ? 8.673   -1.294  -13.634 1.00 15.45 ? 64  PHE A O   1 
ATOM   404  C CB  . PHE A 1 55  ? 10.675  -1.147  -10.982 1.00 16.31 ? 64  PHE A CB  1 
ATOM   405  C CG  . PHE A 1 55  ? 10.572  -2.621  -11.282 1.00 18.59 ? 64  PHE A CG  1 
ATOM   406  C CD1 . PHE A 1 55  ? 9.451   -3.353  -10.885 1.00 19.03 ? 64  PHE A CD1 1 
ATOM   407  C CD2 . PHE A 1 55  ? 11.596  -3.273  -11.969 1.00 20.41 ? 64  PHE A CD2 1 
ATOM   408  C CE1 . PHE A 1 55  ? 9.348   -4.715  -11.170 1.00 20.45 ? 64  PHE A CE1 1 
ATOM   409  C CE2 . PHE A 1 55  ? 11.501  -4.641  -12.255 1.00 22.49 ? 64  PHE A CE2 1 
ATOM   410  C CZ  . PHE A 1 55  ? 10.371  -5.357  -11.851 1.00 21.87 ? 64  PHE A CZ  1 
ATOM   411  N N   . GLN A 1 56  ? 7.846   -0.296  -11.809 1.00 13.97 ? 65  GLN A N   1 
ATOM   412  C CA  . GLN A 1 56  ? 6.484   -0.691  -12.148 1.00 13.93 ? 65  GLN A CA  1 
ATOM   413  C C   . GLN A 1 56  ? 5.996   -0.039  -13.439 1.00 14.17 ? 65  GLN A C   1 
ATOM   414  O O   . GLN A 1 56  ? 5.293   -0.667  -14.240 1.00 14.86 ? 65  GLN A O   1 
ATOM   415  C CB  . GLN A 1 56  ? 5.539   -0.370  -10.995 1.00 13.75 ? 65  GLN A CB  1 
ATOM   416  C CG  . GLN A 1 56  ? 5.865   -1.202  -9.768  1.00 13.92 ? 65  GLN A CG  1 
ATOM   417  C CD  . GLN A 1 56  ? 4.729   -1.249  -8.789  1.00 14.87 ? 65  GLN A CD  1 
ATOM   418  O OE1 . GLN A 1 56  ? 4.279   -2.334  -8.385  1.00 19.12 ? 65  GLN A OE1 1 
ATOM   419  N NE2 . GLN A 1 56  ? 4.217   -0.099  -8.445  1.00 13.86 ? 65  GLN A NE2 1 
ATOM   420  N N   . MET A 1 57  ? 6.357   1.217   -13.649 1.00 13.40 ? 66  MET A N   1 
ATOM   421  C CA  . MET A 1 57  ? 5.931   1.896   -14.854 1.00 14.27 ? 66  MET A CA  1 
ATOM   422  C C   . MET A 1 57  ? 6.725   1.416   -16.060 1.00 15.01 ? 66  MET A C   1 
ATOM   423  O O   . MET A 1 57  ? 6.153   1.184   -17.132 1.00 16.08 ? 66  MET A O   1 
ATOM   424  C CB  . MET A 1 57  ? 6.049   3.402   -14.674 1.00 13.54 ? 66  MET A CB  1 
ATOM   425  C CG  . MET A 1 57  ? 5.047   3.962   -13.675 1.00 13.66 ? 66  MET A CG  1 
ATOM   426  S SD  . MET A 1 57  ? 5.197   5.731   -13.385 1.00 14.02 ? 66  MET A SD  1 
ATOM   427  C CE  . MET A 1 57  ? 4.697   6.378   -14.970 1.00 13.32 ? 66  MET A CE  1 
ATOM   428  N N   . SER A 1 58  ? 8.037   1.259   -15.901 1.00 16.30 ? 67  SER A N   1 
ATOM   429  C CA  . SER A 1 58  ? 8.881   0.854   -17.030 1.00 17.42 ? 67  SER A CA  1 
ATOM   430  C C   . SER A 1 58  ? 8.896   -0.640  -17.339 1.00 18.41 ? 67  SER A C   1 
ATOM   431  O O   . SER A 1 58  ? 8.770   -1.020  -18.514 1.00 20.13 ? 67  SER A O   1 
ATOM   432  C CB  . SER A 1 58  ? 10.305  1.348   -16.827 1.00 17.62 ? 67  SER A CB  1 
ATOM   433  O OG  A SER A 1 58  ? 10.390  2.694   -17.219 0.50 16.92 ? 67  SER A OG  1 
ATOM   434  O OG  B SER A 1 58  ? 11.023  1.240   -18.040 0.50 18.52 ? 67  SER A OG  1 
ATOM   435  N N   . LYS A 1 59  ? 9.035   -1.482  -16.326 1.00 19.75 ? 68  LYS A N   1 
ATOM   436  C CA  . LYS A 1 59  ? 9.132   -2.928  -16.541 1.00 21.11 ? 68  LYS A CA  1 
ATOM   437  C C   . LYS A 1 59  ? 7.773   -3.617  -16.523 1.00 21.49 ? 68  LYS A C   1 
ATOM   438  O O   . LYS A 1 59  ? 7.489   -4.449  -17.393 1.00 22.36 ? 68  LYS A O   1 
ATOM   439  C CB  . LYS A 1 59  ? 10.056  -3.581  -15.505 1.00 20.91 ? 68  LYS A CB  1 
ATOM   440  C CG  . LYS A 1 59  ? 11.413  -2.903  -15.337 1.00 22.33 ? 68  LYS A CG  1 
ATOM   441  C CD  . LYS A 1 59  ? 12.249  -3.041  -16.571 1.00 22.83 ? 68  LYS A CD  1 
ATOM   442  C CE  . LYS A 1 59  ? 13.682  -2.606  -16.326 1.00 22.69 ? 68  LYS A CE  1 
ATOM   443  N NZ  . LYS A 1 59  ? 14.380  -2.549  -17.650 1.00 20.15 ? 68  LYS A NZ  1 
ATOM   444  N N   . GLN A 1 60  ? 6.944   -3.296  -15.528 1.00 21.18 ? 69  GLN A N   1 
ATOM   445  C CA  . GLN A 1 60  ? 5.619   -3.911  -15.418 1.00 21.16 ? 69  GLN A CA  1 
ATOM   446  C C   . GLN A 1 60  ? 4.606   -3.191  -16.313 1.00 20.56 ? 69  GLN A C   1 
ATOM   447  O O   . GLN A 1 60  ? 3.517   -3.728  -16.578 1.00 20.62 ? 69  GLN A O   1 
ATOM   448  C CB  . GLN A 1 60  ? 5.134   -3.976  -13.958 1.00 21.22 ? 69  GLN A CB  1 
ATOM   449  C CG  . GLN A 1 60  ? 5.930   -4.943  -13.044 1.00 21.81 ? 69  GLN A CG  1 
ATOM   450  C CD  . GLN A 1 60  ? 5.397   -4.992  -11.623 1.00 23.03 ? 69  GLN A CD  1 
ATOM   451  O OE1 . GLN A 1 60  ? 4.588   -5.866  -11.271 1.00 26.00 ? 69  GLN A OE1 1 
ATOM   452  N NE2 . GLN A 1 60  ? 5.847   -4.064  -10.790 1.00 24.33 ? 69  GLN A NE2 1 
ATOM   453  N N   . LYS A 1 61  ? 4.968   -1.997  -16.788 1.00 18.59 ? 70  LYS A N   1 
ATOM   454  C CA  . LYS A 1 61  ? 4.160   -1.204  -17.718 1.00 17.96 ? 70  LYS A CA  1 
ATOM   455  C C   . LYS A 1 61  ? 2.831   -0.725  -17.085 1.00 16.19 ? 70  LYS A C   1 
ATOM   456  O O   . LYS A 1 61  ? 1.845   -0.455  -17.778 1.00 15.50 ? 70  LYS A O   1 
ATOM   457  C CB  . LYS A 1 61  ? 3.932   -1.974  -19.044 1.00 18.22 ? 70  LYS A CB  1 
ATOM   458  C CG  . LYS A 1 61  ? 5.145   -2.764  -19.571 1.00 21.97 ? 70  LYS A CG  1 
ATOM   459  C CD  . LYS A 1 61  ? 6.240   -1.851  -20.099 1.00 26.35 ? 70  LYS A CD  1 
ATOM   460  C CE  . LYS A 1 61  ? 7.316   -2.663  -20.834 1.00 28.24 ? 70  LYS A CE  1 
ATOM   461  N NZ  . LYS A 1 61  ? 7.067   -2.716  -22.317 1.00 29.05 ? 70  LYS A NZ  1 
ATOM   462  N N   . PHE A 1 62  ? 2.833   -0.586  -15.760 1.00 14.69 ? 71  PHE A N   1 
ATOM   463  C CA  . PHE A 1 62  ? 1.716   0.063   -15.052 1.00 13.58 ? 71  PHE A CA  1 
ATOM   464  C C   . PHE A 1 62  ? 1.682   1.541   -15.409 1.00 12.80 ? 71  PHE A C   1 
ATOM   465  O O   . PHE A 1 62  ? 2.718   2.117   -15.777 1.00 12.86 ? 71  PHE A O   1 
ATOM   466  C CB  . PHE A 1 62  ? 1.871   -0.050  -13.527 1.00 13.74 ? 71  PHE A CB  1 
ATOM   467  C CG  . PHE A 1 62  ? 1.761   -1.438  -12.978 1.00 15.59 ? 71  PHE A CG  1 
ATOM   468  C CD1 . PHE A 1 62  ? 2.085   -1.663  -11.644 1.00 15.40 ? 71  PHE A CD1 1 
ATOM   469  C CD2 . PHE A 1 62  ? 1.305   -2.513  -13.754 1.00 17.27 ? 71  PHE A CD2 1 
ATOM   470  C CE1 . PHE A 1 62  ? 1.971   -2.936  -11.095 1.00 15.80 ? 71  PHE A CE1 1 
ATOM   471  C CE2 . PHE A 1 62  ? 1.193   -3.808  -13.206 1.00 17.81 ? 71  PHE A CE2 1 
ATOM   472  C CZ  . PHE A 1 62  ? 1.544   -4.005  -11.871 1.00 17.66 ? 71  PHE A CZ  1 
ATOM   473  N N   . SER A 1 63  ? 0.499   2.149   -15.300 1.00 12.16 ? 72  SER A N   1 
ATOM   474  C CA  . SER A 1 63  ? 0.361   3.579   -15.497 1.00 12.62 ? 72  SER A CA  1 
ATOM   475  C C   . SER A 1 63  ? 1.032   4.423   -14.425 1.00 11.96 ? 72  SER A C   1 
ATOM   476  O O   . SER A 1 63  ? 1.284   5.602   -14.651 1.00 12.48 ? 72  SER A O   1 
ATOM   477  C CB  . SER A 1 63  ? -1.108  3.963   -15.570 1.00 12.98 ? 72  SER A CB  1 
ATOM   478  O OG  . SER A 1 63  ? -1.727  3.267   -16.644 1.00 14.14 ? 72  SER A OG  1 
ATOM   479  N N   . ASP A 1 64  ? 1.276   3.827   -13.254 1.00 11.76 ? 73  ASP A N   1 
ATOM   480  C CA  . ASP A 1 64  ? 1.812   4.560   -12.102 1.00 11.57 ? 73  ASP A CA  1 
ATOM   481  C C   . ASP A 1 64  ? 2.258   3.514   -11.127 1.00 11.06 ? 73  ASP A C   1 
ATOM   482  O O   . ASP A 1 64  ? 1.993   2.325   -11.325 1.00 11.47 ? 73  ASP A O   1 
ATOM   483  C CB  . ASP A 1 64  ? 0.690   5.423   -11.504 1.00 11.78 ? 73  ASP A CB  1 
ATOM   484  C CG  . ASP A 1 64  ? 1.166   6.426   -10.460 1.00 11.67 ? 73  ASP A CG  1 
ATOM   485  O OD1 . ASP A 1 64  ? 0.274   6.945   -9.770  1.00 11.73 ? 73  ASP A OD1 1 
ATOM   486  O OD2 . ASP A 1 64  ? 2.380   6.699   -10.348 1.00 12.26 ? 73  ASP A OD2 1 
ATOM   487  N N   . ILE A 1 65  ? 2.947   3.943   -10.072 1.00 10.40 ? 74  ILE A N   1 
ATOM   488  C CA  . ILE A 1 65  ? 3.169   3.061   -8.931  1.00 10.88 ? 74  ILE A CA  1 
ATOM   489  C C   . ILE A 1 65  ? 1.824   2.426   -8.553  1.00 10.65 ? 74  ILE A C   1 
ATOM   490  O O   . ILE A 1 65  ? 0.790   3.070   -8.644  1.00 11.13 ? 74  ILE A O   1 
ATOM   491  C CB  . ILE A 1 65  ? 3.806   3.846   -7.766  1.00 10.74 ? 74  ILE A CB  1 
ATOM   492  C CG1 . ILE A 1 65  ? 4.445   2.899   -6.754  1.00 11.51 ? 74  ILE A CG1 1 
ATOM   493  C CG2 . ILE A 1 65  ? 2.835   4.925   -7.192  1.00 12.25 ? 74  ILE A CG2 1 
ATOM   494  C CD1 . ILE A 1 65  ? 5.400   3.647   -5.830  1.00 11.49 ? 74  ILE A CD1 1 
ATOM   495  N N   . GLY A 1 66  ? 1.838   1.154   -8.168  1.00 11.02 ? 75  GLY A N   1 
ATOM   496  C CA  . GLY A 1 66  ? 0.601   0.374   -8.128  1.00 9.88  ? 75  GLY A CA  1 
ATOM   497  C C   . GLY A 1 66  ? -0.283  0.557   -6.919  1.00 10.30 ? 75  GLY A C   1 
ATOM   498  O O   . GLY A 1 66  ? -1.426  0.106   -6.904  1.00 11.31 ? 75  GLY A O   1 
ATOM   499  N N   . TYR A 1 67  ? 0.265   1.193   -5.892  1.00 9.95  ? 76  TYR A N   1 
ATOM   500  C CA  . TYR A 1 67  ? -0.393  1.304   -4.587  1.00 10.12 ? 76  TYR A CA  1 
ATOM   501  C C   . TYR A 1 67  ? -0.848  2.718   -4.299  1.00 10.31 ? 76  TYR A C   1 
ATOM   502  O O   . TYR A 1 67  ? -0.359  3.688   -4.904  1.00 10.68 ? 76  TYR A O   1 
ATOM   503  C CB  . TYR A 1 67  ? 0.583   0.839   -3.491  1.00 10.87 ? 76  TYR A CB  1 
ATOM   504  C CG  . TYR A 1 67  ? 0.947   -0.607  -3.665  1.00 10.54 ? 76  TYR A CG  1 
ATOM   505  C CD1 . TYR A 1 67  ? 2.166   -0.980  -4.190  1.00 12.02 ? 76  TYR A CD1 1 
ATOM   506  C CD2 . TYR A 1 67  ? 0.042   -1.603  -3.330  1.00 11.58 ? 76  TYR A CD2 1 
ATOM   507  C CE1 . TYR A 1 67  ? 2.464   -2.310  -4.376  1.00 12.16 ? 76  TYR A CE1 1 
ATOM   508  C CE2 . TYR A 1 67  ? 0.328   -2.927  -3.526  1.00 13.38 ? 76  TYR A CE2 1 
ATOM   509  C CZ  . TYR A 1 67  ? 1.540   -3.277  -4.032  1.00 12.76 ? 76  TYR A CZ  1 
ATOM   510  O OH  . TYR A 1 67  ? 1.793   -4.621  -4.204  1.00 16.33 ? 76  TYR A OH  1 
ATOM   511  N N   . HIS A 1 68  ? -1.798  2.831   -3.366  1.00 9.75  ? 77  HIS A N   1 
ATOM   512  C CA  . HIS A 1 68  ? -2.272  4.128   -2.903  1.00 9.54  ? 77  HIS A CA  1 
ATOM   513  C C   . HIS A 1 68  ? -1.370  4.750   -1.866  1.00 9.63  ? 77  HIS A C   1 
ATOM   514  O O   . HIS A 1 68  ? -1.236  5.984   -1.815  1.00 9.98  ? 77  HIS A O   1 
ATOM   515  C CB  . HIS A 1 68  ? -3.693  4.008   -2.372  1.00 9.85  ? 77  HIS A CB  1 
ATOM   516  C CG  . HIS A 1 68  ? -4.612  3.411   -3.377  1.00 10.15 ? 77  HIS A CG  1 
ATOM   517  N ND1 . HIS A 1 68  ? -5.158  4.127   -4.418  1.00 13.75 ? 77  HIS A ND1 1 
ATOM   518  C CD2 . HIS A 1 68  ? -4.988  2.126   -3.567  1.00 8.15  ? 77  HIS A CD2 1 
ATOM   519  C CE1 . HIS A 1 68  ? -5.861  3.311   -5.185  1.00 8.63  ? 77  HIS A CE1 1 
ATOM   520  N NE2 . HIS A 1 68  ? -5.779  2.094   -4.684  1.00 14.02 ? 77  HIS A NE2 1 
ATOM   521  N N   . TYR A 1 69  ? -0.778  3.903   -1.019  1.00 9.81  ? 78  TYR A N   1 
ATOM   522  C CA  . TYR A 1 69  ? 0.152   4.372   -0.002  1.00 10.38 ? 78  TYR A CA  1 
ATOM   523  C C   . TYR A 1 69  ? 1.233   3.338   0.170   1.00 10.15 ? 78  TYR A C   1 
ATOM   524  O O   . TYR A 1 69  ? 0.976   2.136   0.025   1.00 10.30 ? 78  TYR A O   1 
ATOM   525  C CB  . TYR A 1 69  ? -0.553  4.515   1.336   1.00 11.24 ? 78  TYR A CB  1 
ATOM   526  C CG  . TYR A 1 69  ? -1.592  5.598   1.389   1.00 10.82 ? 78  TYR A CG  1 
ATOM   527  C CD1 . TYR A 1 69  ? -2.960  5.280   1.370   1.00 10.67 ? 78  TYR A CD1 1 
ATOM   528  C CD2 . TYR A 1 69  ? -1.222  6.936   1.487   1.00 11.71 ? 78  TYR A CD2 1 
ATOM   529  C CE1 . TYR A 1 69  ? -3.935  6.283   1.424   1.00 10.19 ? 78  TYR A CE1 1 
ATOM   530  C CE2 . TYR A 1 69  ? -2.185  7.944   1.560   1.00 12.48 ? 78  TYR A CE2 1 
ATOM   531  C CZ  . TYR A 1 69  ? -3.539  7.601   1.544   1.00 11.85 ? 78  TYR A CZ  1 
ATOM   532  O OH  . TYR A 1 69  ? -4.508  8.584   1.613   1.00 14.29 ? 78  TYR A OH  1 
ATOM   533  N N   . LEU A 1 70  ? 2.436   3.805   0.496   1.00 10.48 ? 79  LEU A N   1 
ATOM   534  C CA  . LEU A 1 70  ? 3.550   2.911   0.828   1.00 10.95 ? 79  LEU A CA  1 
ATOM   535  C C   . LEU A 1 70  ? 4.156   3.371   2.125   1.00 10.84 ? 79  LEU A C   1 
ATOM   536  O O   . LEU A 1 70  ? 4.139   4.557   2.436   1.00 11.35 ? 79  LEU A O   1 
ATOM   537  C CB  . LEU A 1 70  ? 4.607   2.911   -0.280  1.00 12.12 ? 79  LEU A CB  1 
ATOM   538  C CG  . LEU A 1 70  ? 4.062   2.255   -1.555  1.00 13.26 ? 79  LEU A CG  1 
ATOM   539  C CD1 . LEU A 1 70  ? 3.531   3.329   -2.521  1.00 15.83 ? 79  LEU A CD1 1 
ATOM   540  C CD2 . LEU A 1 70  ? 5.105   1.376   -2.204  1.00 16.52 ? 79  LEU A CD2 1 
ATOM   541  N N   . ILE A 1 71  ? 4.696   2.429   2.878   1.00 10.39 ? 80  ILE A N   1 
ATOM   542  C CA  . ILE A 1 71  ? 5.189   2.735   4.214   1.00 11.57 ? 80  ILE A CA  1 
ATOM   543  C C   . ILE A 1 71  ? 6.647   2.321   4.343   1.00 10.69 ? 80  ILE A C   1 
ATOM   544  O O   . ILE A 1 71  ? 6.991   1.153   4.182   1.00 11.01 ? 80  ILE A O   1 
ATOM   545  C CB  . ILE A 1 71  ? 4.348   2.047   5.298   1.00 11.54 ? 80  ILE A CB  1 
ATOM   546  C CG1 . ILE A 1 71  ? 2.852   2.377   5.098   1.00 14.58 ? 80  ILE A CG1 1 
ATOM   547  C CG2 . ILE A 1 71  ? 4.815   2.510   6.679   1.00 12.66 ? 80  ILE A CG2 1 
ATOM   548  C CD1 . ILE A 1 71  ? 1.950   1.694   6.075   1.00 16.05 ? 80  ILE A CD1 1 
ATOM   549  N N   . GLY A 1 72  ? 7.503   3.313   4.566   1.00 11.14 ? 81  GLY A N   1 
ATOM   550  C CA  . GLY A 1 72  ? 8.932   3.036   4.667   1.00 11.57 ? 81  GLY A CA  1 
ATOM   551  C C   . GLY A 1 72  ? 9.302   2.518   6.032   1.00 11.50 ? 81  GLY A C   1 
ATOM   552  O O   . GLY A 1 72  ? 8.554   2.672   7.004   1.00 11.80 ? 81  GLY A O   1 
ATOM   553  N N   . GLY A 1 73  ? 10.469  1.883   6.106   1.00 12.14 ? 82  GLY A N   1 
ATOM   554  C CA  . GLY A 1 73  ? 10.999  1.440   7.394   1.00 13.29 ? 82  GLY A CA  1 
ATOM   555  C C   . GLY A 1 73  ? 11.369  2.584   8.308   1.00 13.50 ? 82  GLY A C   1 
ATOM   556  O O   . GLY A 1 73  ? 11.611  2.391   9.494   1.00 14.49 ? 82  GLY A O   1 
ATOM   557  N N   . ASN A 1 74  ? 11.417  3.796   7.756   1.00 13.20 ? 83  ASN A N   1 
ATOM   558  C CA  . ASN A 1 74  ? 11.544  5.017   8.557   1.00 12.86 ? 83  ASN A CA  1 
ATOM   559  C C   . ASN A 1 74  ? 10.235  5.452   9.212   1.00 12.43 ? 83  ASN A C   1 
ATOM   560  O O   . ASN A 1 74  ? 10.177  6.493   9.887   1.00 14.20 ? 83  ASN A O   1 
ATOM   561  C CB  . ASN A 1 74  ? 12.046  6.169   7.681   1.00 13.16 ? 83  ASN A CB  1 
ATOM   562  C CG  . ASN A 1 74  ? 11.094  6.489   6.525   1.00 13.13 ? 83  ASN A CG  1 
ATOM   563  O OD1 . ASN A 1 74  ? 10.133  5.757   6.247   1.00 12.26 ? 83  ASN A OD1 1 
ATOM   564  N ND2 . ASN A 1 74  ? 11.361  7.610   5.846   1.00 11.40 ? 83  ASN A ND2 1 
ATOM   565  N N   . GLY A 1 75  ? 9.171   4.680   8.966   1.00 12.51 ? 84  GLY A N   1 
ATOM   566  C CA  . GLY A 1 75  ? 7.865   4.973   9.550   1.00 13.02 ? 84  GLY A CA  1 
ATOM   567  C C   . GLY A 1 75  ? 7.032   5.990   8.794   1.00 13.35 ? 84  GLY A C   1 
ATOM   568  O O   . GLY A 1 75  ? 5.956   6.366   9.261   1.00 14.94 ? 84  GLY A O   1 
ATOM   569  N N   . LYS A 1 76  ? 7.520   6.436   7.639   1.00 12.37 ? 85  LYS A N   1 
ATOM   570  C CA  . LYS A 1 76  ? 6.806   7.455   6.863   1.00 11.77 ? 85  LYS A CA  1 
ATOM   571  C C   . LYS A 1 76  ? 5.864   6.824   5.862   1.00 11.25 ? 85  LYS A C   1 
ATOM   572  O O   . LYS A 1 76  ? 6.140   5.757   5.314   1.00 11.10 ? 85  LYS A O   1 
ATOM   573  C CB  . LYS A 1 76  ? 7.783   8.385   6.151   1.00 12.44 ? 85  LYS A CB  1 
ATOM   574  C CG  . LYS A 1 76  ? 8.456   9.348   7.128   1.00 14.09 ? 85  LYS A CG  1 
ATOM   575  C CD  . LYS A 1 76  ? 9.223   10.442  6.416   1.00 16.93 ? 85  LYS A CD  1 
ATOM   576  C CE  . LYS A 1 76  ? 9.698   11.503  7.416   1.00 19.51 ? 85  LYS A CE  1 
ATOM   577  N NZ  A LYS A 1 76  ? 10.345  12.629  6.729   0.50 20.72 ? 85  LYS A NZ  1 
ATOM   578  N NZ  B LYS A 1 76  ? 10.631  10.940  8.425   0.50 18.68 ? 85  LYS A NZ  1 
ATOM   579  N N   . VAL A 1 77  ? 4.757   7.520   5.621   1.00 10.57 ? 86  VAL A N   1 
ATOM   580  C CA  . VAL A 1 77  ? 3.739   7.067   4.681   1.00 10.92 ? 86  VAL A CA  1 
ATOM   581  C C   . VAL A 1 77  ? 3.876   7.928   3.439   1.00 10.95 ? 86  VAL A C   1 
ATOM   582  O O   . VAL A 1 77  ? 3.843   9.152   3.530   1.00 12.27 ? 86  VAL A O   1 
ATOM   583  C CB  . VAL A 1 77  ? 2.328   7.246   5.231   1.00 10.87 ? 86  VAL A CB  1 
ATOM   584  C CG1 . VAL A 1 77  ? 1.304   6.842   4.163   1.00 10.96 ? 86  VAL A CG1 1 
ATOM   585  C CG2 . VAL A 1 77  ? 2.144   6.443   6.530   1.00 11.75 ? 86  VAL A CG2 1 
ATOM   586  N N   . TYR A 1 78  ? 4.083   7.266   2.298   1.00 11.07 ? 87  TYR A N   1 
ATOM   587  C CA  . TYR A 1 78  ? 4.253   7.933   1.005   1.00 10.60 ? 87  TYR A CA  1 
ATOM   588  C C   . TYR A 1 78  ? 3.001   7.775   0.166   1.00 10.76 ? 87  TYR A C   1 
ATOM   589  O O   . TYR A 1 78  ? 2.429   6.687   0.053   1.00 10.45 ? 87  TYR A O   1 
ATOM   590  C CB  . TYR A 1 78  ? 5.461   7.357   0.261   1.00 10.87 ? 87  TYR A CB  1 
ATOM   591  C CG  . TYR A 1 78  ? 6.745   7.571   0.998   1.00 10.85 ? 87  TYR A CG  1 
ATOM   592  C CD1 . TYR A 1 78  ? 7.107   6.728   2.045   1.00 10.24 ? 87  TYR A CD1 1 
ATOM   593  C CD2 . TYR A 1 78  ? 7.585   8.625   0.669   1.00 11.12 ? 87  TYR A CD2 1 
ATOM   594  C CE1 . TYR A 1 78  ? 8.273   6.934   2.769   1.00 11.46 ? 87  TYR A CE1 1 
ATOM   595  C CE2 . TYR A 1 78  ? 8.764   8.859   1.385   1.00 10.89 ? 87  TYR A CE2 1 
ATOM   596  C CZ  . TYR A 1 78  ? 9.101   8.004   2.439   1.00 10.60 ? 87  TYR A CZ  1 
ATOM   597  O OH  . TYR A 1 78  ? 10.254  8.222   3.165   1.00 11.98 ? 87  TYR A OH  1 
ATOM   598  N N   . GLU A 1 79  ? 2.589   8.870   -0.439  1.00 11.03 ? 88  GLU A N   1 
ATOM   599  C CA  . GLU A 1 79  ? 1.422   8.882   -1.302  1.00 11.43 ? 88  GLU A CA  1 
ATOM   600  C C   . GLU A 1 79  ? 1.703   8.258   -2.670  1.00 11.72 ? 88  GLU A C   1 
ATOM   601  O O   . GLU A 1 79  ? 2.693   8.602   -3.319  1.00 11.37 ? 88  GLU A O   1 
ATOM   602  C CB  . GLU A 1 79  ? 0.996   10.323  -1.531  1.00 11.94 ? 88  GLU A CB  1 
ATOM   603  C CG  . GLU A 1 79  ? -0.219  10.446  -2.414  1.00 13.12 ? 88  GLU A CG  1 
ATOM   604  C CD  . GLU A 1 79  ? -0.595  11.890  -2.672  1.00 15.36 ? 88  GLU A CD  1 
ATOM   605  O OE1 . GLU A 1 79  ? 0.297   12.777  -2.654  1.00 14.55 ? 88  GLU A OE1 1 
ATOM   606  O OE2 . GLU A 1 79  ? -1.798  12.112  -2.907  1.00 18.71 ? 88  GLU A OE2 1 
ATOM   607  N N   . GLY A 1 80  ? 0.819   7.349   -3.071  1.00 10.85 ? 89  GLY A N   1 
ATOM   608  C CA  . GLY A 1 80  ? 0.853   6.740   -4.405  1.00 10.94 ? 89  GLY A CA  1 
ATOM   609  C C   . GLY A 1 80  ? -0.316  7.241   -5.231  1.00 11.71 ? 89  GLY A C   1 
ATOM   610  O O   . GLY A 1 80  ? -0.551  8.455   -5.333  1.00 11.99 ? 89  GLY A O   1 
ATOM   611  N N   . ARG A 1 81  ? -1.059  6.312   -5.836  1.00 11.19 ? 90  ARG A N   1 
ATOM   612  C CA  . ARG A 1 81  ? -2.285  6.697   -6.554  1.00 12.19 ? 90  ARG A CA  1 
ATOM   613  C C   . ARG A 1 81  ? -3.318  7.308   -5.633  1.00 12.69 ? 90  ARG A C   1 
ATOM   614  O O   . ARG A 1 81  ? -3.350  7.010   -4.441  1.00 12.32 ? 90  ARG A O   1 
ATOM   615  C CB  . ARG A 1 81  ? -2.936  5.485   -7.216  1.00 11.57 ? 90  ARG A CB  1 
ATOM   616  C CG  . ARG A 1 81  ? -2.071  4.832   -8.241  1.00 12.14 ? 90  ARG A CG  1 
ATOM   617  C CD  . ARG A 1 81  ? -2.738  3.586   -8.831  1.00 11.35 ? 90  ARG A CD  1 
ATOM   618  N NE  . ARG A 1 81  ? -1.757  2.961   -9.710  1.00 10.22 ? 90  ARG A NE  1 
ATOM   619  C CZ  . ARG A 1 81  ? -2.035  2.261   -10.814 1.00 10.57 ? 90  ARG A CZ  1 
ATOM   620  N NH1 . ARG A 1 81  ? -3.292  2.029   -11.200 1.00 10.98 ? 90  ARG A NH1 1 
ATOM   621  N NH2 . ARG A 1 81  ? -1.024  1.786   -11.541 1.00 11.25 ? 90  ARG A NH2 1 
ATOM   622  N N   . SER A 1 82  ? -4.194  8.149   -6.191  1.00 13.52 ? 91  SER A N   1 
ATOM   623  C CA  . SER A 1 82  ? -5.333  8.651   -5.454  1.00 14.74 ? 91  SER A CA  1 
ATOM   624  C C   . SER A 1 82  ? -6.273  7.507   -5.089  1.00 14.05 ? 91  SER A C   1 
ATOM   625  O O   . SER A 1 82  ? -6.434  6.583   -5.884  1.00 13.91 ? 91  SER A O   1 
ATOM   626  C CB  . SER A 1 82  ? -6.116  9.629   -6.322  1.00 14.98 ? 91  SER A CB  1 
ATOM   627  O OG  . SER A 1 82  ? -7.286  10.033  -5.643  1.00 18.45 ? 91  SER A OG  1 
ATOM   628  N N   . PRO A 1 83  ? -6.913  7.562   -3.907  1.00 15.24 ? 92  PRO A N   1 
ATOM   629  C CA  . PRO A 1 83  ? -7.902  6.542   -3.602  1.00 14.84 ? 92  PRO A CA  1 
ATOM   630  C C   . PRO A 1 83  ? -9.039  6.422   -4.612  1.00 15.05 ? 92  PRO A C   1 
ATOM   631  O O   . PRO A 1 83  ? -9.690  5.375   -4.649  1.00 14.84 ? 92  PRO A O   1 
ATOM   632  C CB  . PRO A 1 83  ? -8.442  6.983   -2.235  1.00 15.70 ? 92  PRO A CB  1 
ATOM   633  C CG  . PRO A 1 83  ? -7.315  7.743   -1.637  1.00 17.61 ? 92  PRO A CG  1 
ATOM   634  C CD  . PRO A 1 83  ? -6.733  8.495   -2.773  1.00 15.76 ? 92  PRO A CD  1 
ATOM   635  N N   . SER A 1 84  ? -9.293  7.466   -5.411  1.00 14.64 ? 93  SER A N   1 
ATOM   636  C CA  . SER A 1 84  ? -10.320 7.358   -6.456  1.00 14.52 ? 93  SER A CA  1 
ATOM   637  C C   . SER A 1 84  ? -9.769  6.847   -7.779  1.00 14.22 ? 93  SER A C   1 
ATOM   638  O O   . SER A 1 84  ? -10.448 6.905   -8.810  1.00 14.09 ? 93  SER A O   1 
ATOM   639  C CB  . SER A 1 84  ? -11.064 8.684   -6.712  1.00 15.64 ? 93  SER A CB  1 
ATOM   640  O OG  A SER A 1 84  ? -11.143 9.512   -5.578  0.50 15.86 ? 93  SER A OG  1 
ATOM   641  O OG  B SER A 1 84  ? -10.240 9.780   -6.454  0.50 14.25 ? 93  SER A OG  1 
ATOM   642  N N   . GLN A 1 85  ? -8.523  6.381   -7.761  1.00 13.30 ? 94  GLN A N   1 
ATOM   643  C CA  . GLN A 1 85  ? -7.931  5.735   -8.931  1.00 13.22 ? 94  GLN A CA  1 
ATOM   644  C C   . GLN A 1 85  ? -7.705  4.275   -8.583  1.00 12.09 ? 94  GLN A C   1 
ATOM   645  O O   . GLN A 1 85  ? -7.079  3.971   -7.572  1.00 12.74 ? 94  GLN A O   1 
ATOM   646  C CB  . GLN A 1 85  ? -6.583  6.383   -9.309  1.00 13.69 ? 94  GLN A CB  1 
ATOM   647  C CG  . GLN A 1 85  ? -6.725  7.783   -9.876  1.00 15.25 ? 94  GLN A CG  1 
ATOM   648  C CD  . GLN A 1 85  ? -5.387  8.472   -10.104 1.00 14.71 ? 94  GLN A CD  1 
ATOM   649  O OE1 . GLN A 1 85  ? -5.191  9.153   -11.129 1.00 18.39 ? 94  GLN A OE1 1 
ATOM   650  N NE2 . GLN A 1 85  ? -4.486  8.367   -9.144  1.00 13.41 ? 94  GLN A NE2 1 
ATOM   651  N N   . ARG A 1 86  ? -8.178  3.377   -9.437  1.00 11.88 ? 95  ARG A N   1 
ATOM   652  C CA  . ARG A 1 86  ? -7.955  1.950   -9.228  1.00 11.40 ? 95  ARG A CA  1 
ATOM   653  C C   . ARG A 1 86  ? -6.467  1.670   -9.079  1.00 12.10 ? 95  ARG A C   1 
ATOM   654  O O   . ARG A 1 86  ? -5.637  2.286   -9.760  1.00 12.35 ? 95  ARG A O   1 
ATOM   655  C CB  . ARG A 1 86  ? -8.532  1.166   -10.410 1.00 12.08 ? 95  ARG A CB  1 
ATOM   656  C CG  . ARG A 1 86  ? -8.542  -0.328  -10.172 1.00 13.69 ? 95  ARG A CG  1 
ATOM   657  C CD  . ARG A 1 86  ? -8.986  -1.061  -11.429 1.00 20.04 ? 95  ARG A CD  1 
ATOM   658  N NE  . ARG A 1 86  ? -10.410 -0.870  -11.673 1.00 23.25 ? 95  ARG A NE  1 
ATOM   659  C CZ  . ARG A 1 86  ? -11.011 -0.959  -12.855 1.00 25.81 ? 95  ARG A CZ  1 
ATOM   660  N NH1 . ARG A 1 86  ? -10.315 -1.200  -13.963 1.00 27.42 ? 95  ARG A NH1 1 
ATOM   661  N NH2 . ARG A 1 86  ? -12.321 -0.775  -12.923 1.00 26.60 ? 95  ARG A NH2 1 
ATOM   662  N N   . GLY A 1 87  ? -6.122  0.782   -8.153  1.00 10.94 ? 96  GLY A N   1 
ATOM   663  C CA  . GLY A 1 87  ? -4.739  0.357   -8.003  1.00 11.82 ? 96  GLY A CA  1 
ATOM   664  C C   . GLY A 1 87  ? -4.360  -0.690  -9.027  1.00 11.65 ? 96  GLY A C   1 
ATOM   665  O O   . GLY A 1 87  ? -5.177  -1.090  -9.862  1.00 11.84 ? 96  GLY A O   1 
ATOM   666  N N   . ALA A 1 88  ? -3.095  -1.095  -8.981  1.00 11.39 ? 97  ALA A N   1 
ATOM   667  C CA  . ALA A 1 88  ? -2.583  -2.150  -9.850  1.00 11.44 ? 97  ALA A CA  1 
ATOM   668  C C   . ALA A 1 88  ? -1.756  -3.065  -8.974  1.00 13.03 ? 97  ALA A C   1 
ATOM   669  O O   . ALA A 1 88  ? -0.524  -2.950  -8.900  1.00 15.21 ? 97  ALA A O   1 
ATOM   670  C CB  . ALA A 1 88  ? -1.742  -1.569  -10.986 1.00 12.04 ? 97  ALA A CB  1 
ATOM   671  N N   . PHE A 1 89  ? -2.447  -3.958  -8.282  1.00 12.81 ? 98  PHE A N   1 
ATOM   672  C CA  . PHE A 1 89  ? -1.791  -4.937  -7.416  1.00 12.81 ? 98  PHE A CA  1 
ATOM   673  C C   . PHE A 1 89  ? -2.530  -6.271  -7.372  1.00 13.37 ? 98  PHE A C   1 
ATOM   674  O O   . PHE A 1 89  ? -1.980  -7.238  -6.866  1.00 14.39 ? 98  PHE A O   1 
ATOM   675  C CB  . PHE A 1 89  ? -1.566  -4.378  -5.993  1.00 12.51 ? 98  PHE A CB  1 
ATOM   676  C CG  . PHE A 1 89  ? -2.810  -3.846  -5.351  1.00 11.30 ? 98  PHE A CG  1 
ATOM   677  C CD1 . PHE A 1 89  ? -3.695  -4.698  -4.699  1.00 13.30 ? 98  PHE A CD1 1 
ATOM   678  C CD2 . PHE A 1 89  ? -3.099  -2.488  -5.406  1.00 11.28 ? 98  PHE A CD2 1 
ATOM   679  C CE1 . PHE A 1 89  ? -4.866  -4.186  -4.116  1.00 12.74 ? 98  PHE A CE1 1 
ATOM   680  C CE2 . PHE A 1 89  ? -4.265  -1.974  -4.836  1.00 11.91 ? 98  PHE A CE2 1 
ATOM   681  C CZ  . PHE A 1 89  ? -5.144  -2.821  -4.183  1.00 13.92 ? 98  PHE A CZ  1 
ATOM   682  N N   . ALA A 1 90  ? -3.744  -6.349  -7.930  1.00 12.99 ? 99  ALA A N   1 
ATOM   683  C CA  . ALA A 1 90  ? -4.548  -7.557  -7.759  1.00 13.64 ? 99  ALA A CA  1 
ATOM   684  C C   . ALA A 1 90  ? -5.404  -7.946  -8.958  1.00 13.75 ? 99  ALA A C   1 
ATOM   685  O O   . ALA A 1 90  ? -6.357  -8.719  -8.812  1.00 13.66 ? 99  ALA A O   1 
ATOM   686  C CB  . ALA A 1 90  ? -5.439  -7.407  -6.517  1.00 14.71 ? 99  ALA A CB  1 
ATOM   687  N N   . GLY A 1 91  ? -5.094  -7.396  -10.131 1.00 13.63 ? 100 GLY A N   1 
ATOM   688  C CA  . GLY A 1 91  ? -5.849  -7.750  -11.351 1.00 14.76 ? 100 GLY A CA  1 
ATOM   689  C C   . GLY A 1 91  ? -7.352  -7.592  -11.168 1.00 14.78 ? 100 GLY A C   1 
ATOM   690  O O   . GLY A 1 91  ? -7.827  -6.525  -10.812 1.00 14.45 ? 100 GLY A O   1 
ATOM   691  N N   . PRO A 1 92  ? -8.129  -8.669  -11.388 1.00 15.70 ? 101 PRO A N   1 
ATOM   692  C CA  . PRO A 1 92  ? -9.585  -8.559  -11.255 1.00 16.31 ? 101 PRO A CA  1 
ATOM   693  C C   . PRO A 1 92  ? -10.054 -8.104  -9.877  1.00 15.92 ? 101 PRO A C   1 
ATOM   694  O O   . PRO A 1 92  ? -11.194 -7.630  -9.721  1.00 17.23 ? 101 PRO A O   1 
ATOM   695  C CB  . PRO A 1 92  ? -10.068 -9.992  -11.524 1.00 16.89 ? 101 PRO A CB  1 
ATOM   696  C CG  . PRO A 1 92  ? -8.911  -10.846 -11.271 1.00 19.27 ? 101 PRO A CG  1 
ATOM   697  C CD  . PRO A 1 92  ? -7.717  -10.034 -11.744 1.00 16.06 ? 101 PRO A CD  1 
ATOM   698  N N   . ASN A 1 93  ? -9.178  -8.238  -8.882  1.00 14.65 ? 102 ASN A N   1 
ATOM   699  C CA  . ASN A 1 93  ? -9.510  -7.851  -7.512  1.00 14.15 ? 102 ASN A CA  1 
ATOM   700  C C   . ASN A 1 93  ? -9.013  -6.466  -7.111  1.00 13.50 ? 102 ASN A C   1 
ATOM   701  O O   . ASN A 1 93  ? -9.034  -6.109  -5.943  1.00 13.55 ? 102 ASN A O   1 
ATOM   702  C CB  . ASN A 1 93  ? -9.016  -8.923  -6.537  1.00 14.11 ? 102 ASN A CB  1 
ATOM   703  C CG  . ASN A 1 93  ? -9.704  -10.253 -6.764  1.00 14.93 ? 102 ASN A CG  1 
ATOM   704  O OD1 . ASN A 1 93  ? -10.913 -10.307 -7.001  1.00 15.51 ? 102 ASN A OD1 1 
ATOM   705  N ND2 . ASN A 1 93  ? -8.932  -11.332 -6.721  1.00 15.36 ? 102 ASN A ND2 1 
ATOM   706  N N   . ASN A 1 94  ? -8.578  -5.682  -8.094  1.00 12.87 ? 103 ASN A N   1 
ATOM   707  C CA  . ASN A 1 94  ? -8.191  -4.306  -7.818  1.00 13.05 ? 103 ASN A CA  1 
ATOM   708  C C   . ASN A 1 94  ? -9.385  -3.481  -7.358  1.00 12.88 ? 103 ASN A C   1 
ATOM   709  O O   . ASN A 1 94  ? -9.230  -2.527  -6.605  1.00 12.51 ? 103 ASN A O   1 
ATOM   710  C CB  . ASN A 1 94  ? -7.603  -3.656  -9.075  1.00 13.31 ? 103 ASN A CB  1 
ATOM   711  C CG  . ASN A 1 94  ? -6.174  -4.065  -9.332  1.00 12.86 ? 103 ASN A CG  1 
ATOM   712  O OD1 . ASN A 1 94  ? -5.394  -4.228  -8.397  1.00 13.86 ? 103 ASN A OD1 1 
ATOM   713  N ND2 . ASN A 1 94  ? -5.819  -4.237  -10.605 1.00 14.41 ? 103 ASN A ND2 1 
ATOM   714  N N   . ASP A 1 95  ? -10.577 -3.831  -7.821  1.00 12.92 ? 104 ASP A N   1 
ATOM   715  C CA  . ASP A 1 95  ? -11.748 -2.997  -7.585  1.00 12.73 ? 104 ASP A CA  1 
ATOM   716  C C   . ASP A 1 95  ? -12.002 -2.759  -6.102  1.00 12.23 ? 104 ASP A C   1 
ATOM   717  O O   . ASP A 1 95  ? -11.890 -3.669  -5.280  1.00 11.52 ? 104 ASP A O   1 
ATOM   718  C CB  . ASP A 1 95  ? -12.996 -3.632  -8.189  1.00 13.37 ? 104 ASP A CB  1 
ATOM   719  C CG  . ASP A 1 95  ? -12.971 -3.663  -9.710  1.00 16.82 ? 104 ASP A CG  1 
ATOM   720  O OD1 . ASP A 1 95  ? -11.918 -3.342  -10.304 1.00 19.12 ? 104 ASP A OD1 1 
ATOM   721  O OD2 . ASP A 1 95  ? -14.008 -4.030  -10.306 1.00 19.87 ? 104 ASP A OD2 1 
ATOM   722  N N   . GLY A 1 96  ? -12.369 -1.531  -5.778  1.00 11.52 ? 105 GLY A N   1 
ATOM   723  C CA  . GLY A 1 96  ? -12.848 -1.172  -4.452  1.00 11.39 ? 105 GLY A CA  1 
ATOM   724  C C   . GLY A 1 96  ? -11.835 -1.333  -3.337  1.00 11.16 ? 105 GLY A C   1 
ATOM   725  O O   . GLY A 1 96  ? -12.220 -1.503  -2.183  1.00 11.24 ? 105 GLY A O   1 
ATOM   726  N N   . SER A 1 97  ? -10.552 -1.253  -3.672  1.00 11.16 ? 106 SER A N   1 
ATOM   727  C CA  . SER A 1 97  ? -9.524  -1.626  -2.706  1.00 11.22 ? 106 SER A CA  1 
ATOM   728  C C   . SER A 1 97  ? -8.459  -0.567  -2.552  1.00 11.15 ? 106 SER A C   1 
ATOM   729  O O   . SER A 1 97  ? -7.854  -0.154  -3.525  1.00 11.61 ? 106 SER A O   1 
ATOM   730  C CB  . SER A 1 97  ? -8.866  -2.931  -3.148  1.00 11.16 ? 106 SER A CB  1 
ATOM   731  O OG  . SER A 1 97  ? -9.855  -3.944  -3.301  1.00 13.29 ? 106 SER A OG  1 
ATOM   732  N N   . LEU A 1 98  ? -8.231  -0.159  -1.314  1.00 10.46 ? 107 LEU A N   1 
ATOM   733  C CA  . LEU A 1 98  ? -7.129  0.720   -0.991  1.00 10.43 ? 107 LEU A CA  1 
ATOM   734  C C   . LEU A 1 98  ? -5.884  -0.122  -0.773  1.00 10.51 ? 107 LEU A C   1 
ATOM   735  O O   . LEU A 1 98  ? -5.837  -0.937  0.149   1.00 10.85 ? 107 LEU A O   1 
ATOM   736  C CB  . LEU A 1 98  ? -7.456  1.470   0.300   1.00 10.50 ? 107 LEU A CB  1 
ATOM   737  C CG  . LEU A 1 98  ? -6.475  2.569   0.681   1.00 10.41 ? 107 LEU A CG  1 
ATOM   738  C CD1 . LEU A 1 98  ? -6.627  3.762   -0.280  1.00 12.30 ? 107 LEU A CD1 1 
ATOM   739  C CD2 . LEU A 1 98  ? -6.742  2.996   2.114   1.00 11.38 ? 107 LEU A CD2 1 
ATOM   740  N N   . GLY A 1 99  ? -4.873  0.054   -1.622  1.00 10.54 ? 108 GLY A N   1 
ATOM   741  C CA  . GLY A 1 99  ? -3.659  -0.766  -1.530  1.00 10.06 ? 108 GLY A CA  1 
ATOM   742  C C   . GLY A 1 99  ? -2.576  -0.042  -0.764  1.00 9.97  ? 108 GLY A C   1 
ATOM   743  O O   . GLY A 1 99  ? -2.173  1.079   -1.136  1.00 10.22 ? 108 GLY A O   1 
ATOM   744  N N   . ILE A 1 100 ? -2.113  -0.683  0.307   1.00 9.97  ? 109 ILE A N   1 
ATOM   745  C CA  . ILE A 1 100 ? -1.076  -0.113  1.165   1.00 10.11 ? 109 ILE A CA  1 
ATOM   746  C C   . ILE A 1 100 ? 0.064   -1.120  1.173   1.00 10.08 ? 109 ILE A C   1 
ATOM   747  O O   . ILE A 1 100 ? -0.131  -2.271  1.559   1.00 10.94 ? 109 ILE A O   1 
ATOM   748  C CB  . ILE A 1 100 ? -1.605  0.057   2.593   1.00 10.05 ? 109 ILE A CB  1 
ATOM   749  C CG1 . ILE A 1 100 ? -2.775  1.053   2.604   1.00 10.29 ? 109 ILE A CG1 1 
ATOM   750  C CG2 . ILE A 1 100 ? -0.491  0.579   3.487   1.00 11.92 ? 109 ILE A CG2 1 
ATOM   751  C CD1 . ILE A 1 100 ? -3.645  0.947   3.824   1.00 11.36 ? 109 ILE A CD1 1 
ATOM   752  N N   . ALA A 1 101 ? 1.241   -0.693  0.715   1.00 9.97  ? 110 ALA A N   1 
ATOM   753  C CA  . ALA A 1 101 ? 2.389   -1.600  0.668   1.00 9.55  ? 110 ALA A CA  1 
ATOM   754  C C   . ALA A 1 101 ? 3.471   -1.153  1.617   1.00 9.75  ? 110 ALA A C   1 
ATOM   755  O O   . ALA A 1 101 ? 3.866   0.017   1.622   1.00 10.09 ? 110 ALA A O   1 
ATOM   756  C CB  . ALA A 1 101 ? 2.953   -1.703  -0.752  1.00 10.11 ? 110 ALA A CB  1 
ATOM   757  N N   . PHE A 1 102 ? 3.935   -2.084  2.441   1.00 9.81  ? 111 PHE A N   1 
ATOM   758  C CA  . PHE A 1 102 ? 5.102   -1.819  3.245   1.00 10.09 ? 111 PHE A CA  1 
ATOM   759  C C   . PHE A 1 102 ? 6.324   -2.031  2.376   1.00 10.75 ? 111 PHE A C   1 
ATOM   760  O O   . PHE A 1 102 ? 6.451   -3.054  1.675   1.00 10.30 ? 111 PHE A O   1 
ATOM   761  C CB  . PHE A 1 102 ? 5.161   -2.794  4.412   1.00 10.55 ? 111 PHE A CB  1 
ATOM   762  C CG  . PHE A 1 102 ? 4.213   -2.481  5.537   1.00 10.31 ? 111 PHE A CG  1 
ATOM   763  C CD1 . PHE A 1 102 ? 2.851   -2.736  5.419   1.00 10.56 ? 111 PHE A CD1 1 
ATOM   764  C CD2 . PHE A 1 102 ? 4.710   -1.982  6.746   1.00 11.12 ? 111 PHE A CD2 1 
ATOM   765  C CE1 . PHE A 1 102 ? 1.992   -2.465  6.471   1.00 10.38 ? 111 PHE A CE1 1 
ATOM   766  C CE2 . PHE A 1 102 ? 3.856   -1.713  7.813   1.00 11.64 ? 111 PHE A CE2 1 
ATOM   767  C CZ  . PHE A 1 102 ? 2.501   -1.962  7.680   1.00 11.58 ? 111 PHE A CZ  1 
ATOM   768  N N   . ILE A 1 103 ? 7.223   -1.059  2.430   1.00 10.44 ? 112 ILE A N   1 
ATOM   769  C CA  . ILE A 1 103 ? 8.456   -1.163  1.660   1.00 11.30 ? 112 ILE A CA  1 
ATOM   770  C C   . ILE A 1 103 ? 9.376   -2.136  2.389   1.00 11.23 ? 112 ILE A C   1 
ATOM   771  O O   . ILE A 1 103 ? 9.692   -1.938  3.575   1.00 12.09 ? 112 ILE A O   1 
ATOM   772  C CB  . ILE A 1 103 ? 9.152   0.196   1.492   1.00 11.13 ? 112 ILE A CB  1 
ATOM   773  C CG1 . ILE A 1 103 ? 8.215   1.177   0.759   1.00 12.63 ? 112 ILE A CG1 1 
ATOM   774  C CG2 . ILE A 1 103 ? 10.499  -0.012  0.757   1.00 13.10 ? 112 ILE A CG2 1 
ATOM   775  C CD1 . ILE A 1 103 ? 8.684   2.619   0.752   1.00 13.43 ? 112 ILE A CD1 1 
ATOM   776  N N   . GLY A 1 104 ? 9.781   -3.175  1.663   1.00 11.59 ? 113 GLY A N   1 
ATOM   777  C CA  . GLY A 1 104 ? 10.637  -4.227  2.209   1.00 12.28 ? 113 GLY A CA  1 
ATOM   778  C C   . GLY A 1 104 ? 10.077  -5.610  1.980   1.00 12.10 ? 113 GLY A C   1 
ATOM   779  O O   . GLY A 1 104 ? 9.090   -5.779  1.265   1.00 12.07 ? 113 GLY A O   1 
ATOM   780  N N   . ASN A 1 105 ? 10.713  -6.602  2.606   1.00 12.72 ? 114 ASN A N   1 
ATOM   781  C CA  . ASN A 1 105 ? 10.292  -7.977  2.480   1.00 13.12 ? 114 ASN A CA  1 
ATOM   782  C C   . ASN A 1 105 ? 10.050  -8.532  3.866   1.00 13.48 ? 114 ASN A C   1 
ATOM   783  O O   . ASN A 1 105 ? 10.974  -8.639  4.685   1.00 14.37 ? 114 ASN A O   1 
ATOM   784  C CB  . ASN A 1 105 ? 11.322  -8.824  1.732   1.00 13.55 ? 114 ASN A CB  1 
ATOM   785  C CG  . ASN A 1 105 ? 10.787  -10.201 1.399   1.00 16.26 ? 114 ASN A CG  1 
ATOM   786  O OD1 . ASN A 1 105 ? 10.325  -10.933 2.279   1.00 18.79 ? 114 ASN A OD1 1 
ATOM   787  N ND2 . ASN A 1 105 ? 10.801  -10.540 0.124   1.00 20.95 ? 114 ASN A ND2 1 
ATOM   788  N N   . PHE A 1 106 ? 8.799   -8.882  4.126   1.00 13.14 ? 115 PHE A N   1 
ATOM   789  C CA  . PHE A 1 106 ? 8.394   -9.248  5.477   1.00 13.06 ? 115 PHE A CA  1 
ATOM   790  C C   . PHE A 1 106 ? 7.923   -10.682 5.570   1.00 13.24 ? 115 PHE A C   1 
ATOM   791  O O   . PHE A 1 106 ? 7.040   -11.023 6.355   1.00 13.84 ? 115 PHE A O   1 
ATOM   792  C CB  . PHE A 1 106 ? 7.398   -8.201  5.982   1.00 12.76 ? 115 PHE A CB  1 
ATOM   793  C CG  . PHE A 1 106 ? 7.963   -6.833  5.907   1.00 13.13 ? 115 PHE A CG  1 
ATOM   794  C CD1 . PHE A 1 106 ? 7.564   -5.933  4.919   1.00 11.92 ? 115 PHE A CD1 1 
ATOM   795  C CD2 . PHE A 1 106 ? 9.015   -6.489  6.738   1.00 12.70 ? 115 PHE A CD2 1 
ATOM   796  C CE1 . PHE A 1 106 ? 8.170   -4.688  4.830   1.00 12.83 ? 115 PHE A CE1 1 
ATOM   797  C CE2 . PHE A 1 106 ? 9.623   -5.263  6.658   1.00 12.44 ? 115 PHE A CE2 1 
ATOM   798  C CZ  . PHE A 1 106 ? 9.207   -4.352  5.697   1.00 11.08 ? 115 PHE A CZ  1 
ATOM   799  N N   . GLU A 1 107 ? 8.571   -11.529 4.768   1.00 14.28 ? 116 GLU A N   1 
ATOM   800  C CA  . GLU A 1 107 ? 8.337   -12.961 4.842   1.00 15.62 ? 116 GLU A CA  1 
ATOM   801  C C   . GLU A 1 107 ? 8.815   -13.478 6.189   1.00 16.11 ? 116 GLU A C   1 
ATOM   802  O O   . GLU A 1 107 ? 8.134   -14.282 6.829   1.00 16.44 ? 116 GLU A O   1 
ATOM   803  C CB  . GLU A 1 107 ? 9.084   -13.689 3.726   1.00 15.69 ? 116 GLU A CB  1 
ATOM   804  C CG  . GLU A 1 107 ? 8.361   -13.703 2.402   1.00 18.79 ? 116 GLU A CG  1 
ATOM   805  C CD  . GLU A 1 107 ? 7.318   -14.822 2.305   1.00 22.68 ? 116 GLU A CD  1 
ATOM   806  O OE1 . GLU A 1 107 ? 7.474   -15.677 1.405   1.00 27.74 ? 116 GLU A OE1 1 
ATOM   807  O OE2 . GLU A 1 107 ? 6.370   -14.878 3.121   1.00 21.38 ? 116 GLU A OE2 1 
ATOM   808  N N   . GLU A 1 108 ? 9.978   -13.008 6.631   1.00 16.86 ? 117 GLU A N   1 
ATOM   809  C CA  . GLU A 1 108 ? 10.590  -13.647 7.796   1.00 18.17 ? 117 GLU A CA  1 
ATOM   810  C C   . GLU A 1 108 ? 10.731  -12.799 9.020   1.00 18.45 ? 117 GLU A C   1 
ATOM   811  O O   . GLU A 1 108 ? 10.917  -13.328 10.113  1.00 18.90 ? 117 GLU A O   1 
ATOM   812  C CB  . GLU A 1 108 ? 11.917  -14.258 7.402   1.00 18.77 ? 117 GLU A CB  1 
ATOM   813  C CG  . GLU A 1 108 ? 11.641  -15.496 6.595   1.00 21.98 ? 117 GLU A CG  1 
ATOM   814  C CD  . GLU A 1 108 ? 12.840  -16.007 5.919   1.00 24.59 ? 117 GLU A CD  1 
ATOM   815  O OE1 . GLU A 1 108 ? 13.923  -15.899 6.523   1.00 27.16 ? 117 GLU A OE1 1 
ATOM   816  O OE2 . GLU A 1 108 ? 12.698  -16.522 4.784   1.00 25.13 ? 117 GLU A OE2 1 
ATOM   817  N N   . ARG A 1 109 ? 10.647  -11.487 8.842   1.00 18.30 ? 118 ARG A N   1 
ATOM   818  C CA  . ARG A 1 109 ? 10.603  -10.591 9.972   1.00 18.83 ? 118 ARG A CA  1 
ATOM   819  C C   . ARG A 1 109 ? 9.521   -9.557  9.721   1.00 17.18 ? 118 ARG A C   1 
ATOM   820  O O   . ARG A 1 109 ? 9.197   -9.262  8.559   1.00 16.56 ? 118 ARG A O   1 
ATOM   821  C CB  . ARG A 1 109 ? 11.966  -9.925  10.183  1.00 19.21 ? 118 ARG A CB  1 
ATOM   822  C CG  . ARG A 1 109 ? 12.337  -8.884  9.159   1.00 23.23 ? 118 ARG A CG  1 
ATOM   823  C CD  . ARG A 1 109 ? 13.731  -8.297  9.435   1.00 23.74 ? 118 ARG A CD  1 
ATOM   824  N NE  . ARG A 1 109 ? 13.789  -7.486  10.654  1.00 32.18 ? 118 ARG A NE  1 
ATOM   825  C CZ  . ARG A 1 109 ? 14.916  -7.114  11.255  1.00 35.14 ? 118 ARG A CZ  1 
ATOM   826  N NH1 . ARG A 1 109 ? 16.098  -7.479  10.757  1.00 36.82 ? 118 ARG A NH1 1 
ATOM   827  N NH2 . ARG A 1 109 ? 14.866  -6.378  12.360  1.00 37.71 ? 118 ARG A NH2 1 
ATOM   828  N N   . ALA A 1 110 ? 8.958   -9.038  10.805  1.00 16.18 ? 119 ALA A N   1 
ATOM   829  C CA  . ALA A 1 110 ? 7.932   -7.992  10.747  1.00 15.97 ? 119 ALA A CA  1 
ATOM   830  C C   . ALA A 1 110 ? 8.536   -6.648  10.372  1.00 15.44 ? 119 ALA A C   1 
ATOM   831  O O   . ALA A 1 110 ? 9.725   -6.406  10.612  1.00 15.54 ? 119 ALA A O   1 
ATOM   832  C CB  . ALA A 1 110 ? 7.229   -7.874  12.094  1.00 16.36 ? 119 ALA A CB  1 
ATOM   833  N N   . PRO A 1 111 ? 7.712   -5.749  9.793   1.00 14.16 ? 120 PRO A N   1 
ATOM   834  C CA  . PRO A 1 111 ? 8.133   -4.363  9.647   1.00 14.29 ? 120 PRO A CA  1 
ATOM   835  C C   . PRO A 1 111 ? 8.453   -3.752  11.017  1.00 14.42 ? 120 PRO A C   1 
ATOM   836  O O   . PRO A 1 111 ? 8.018   -4.284  12.061  1.00 15.10 ? 120 PRO A O   1 
ATOM   837  C CB  . PRO A 1 111 ? 6.887   -3.678  9.069   1.00 14.08 ? 120 PRO A CB  1 
ATOM   838  C CG  . PRO A 1 111 ? 6.123   -4.791  8.378   1.00 14.28 ? 120 PRO A CG  1 
ATOM   839  C CD  . PRO A 1 111 ? 6.349   -5.977  9.265   1.00 14.14 ? 120 PRO A CD  1 
ATOM   840  N N   . ASN A 1 112 ? 9.181   -2.642  10.988  1.00 14.85 ? 121 ASN A N   1 
ATOM   841  C CA  . ASN A 1 112 ? 9.502   -1.863  12.184  1.00 15.25 ? 121 ASN A CA  1 
ATOM   842  C C   . ASN A 1 112 ? 8.228   -1.375  12.864  1.00 15.09 ? 121 ASN A C   1 
ATOM   843  O O   . ASN A 1 112 ? 7.222   -1.123  12.197  1.00 13.89 ? 121 ASN A O   1 
ATOM   844  C CB  . ASN A 1 112 ? 10.362  -0.649  11.797  1.00 16.01 ? 121 ASN A CB  1 
ATOM   845  C CG  . ASN A 1 112 ? 11.708  -1.038  11.210  1.00 18.27 ? 121 ASN A CG  1 
ATOM   846  O OD1 . ASN A 1 112 ? 12.199  -2.154  11.415  1.00 22.20 ? 121 ASN A OD1 1 
ATOM   847  N ND2 . ASN A 1 112 ? 12.326  -0.113  10.502  1.00 20.52 ? 121 ASN A ND2 1 
ATOM   848  N N   . LYS A 1 113 ? 8.277   -1.203  14.180  1.00 14.95 ? 122 LYS A N   1 
ATOM   849  C CA  . LYS A 1 113 ? 7.123   -0.695  14.918  1.00 15.91 ? 122 LYS A CA  1 
ATOM   850  C C   . LYS A 1 113 ? 6.608   0.613   14.332  1.00 14.63 ? 122 LYS A C   1 
ATOM   851  O O   . LYS A 1 113 ? 5.392   0.796   14.220  1.00 14.54 ? 122 LYS A O   1 
ATOM   852  C CB  . LYS A 1 113 ? 7.438   -0.508  16.412  1.00 16.84 ? 122 LYS A CB  1 
ATOM   853  C CG  . LYS A 1 113 ? 6.349   0.246   17.177  1.00 18.99 ? 122 LYS A CG  1 
ATOM   854  C CD  . LYS A 1 113 ? 6.731   0.491   18.615  1.00 19.58 ? 122 LYS A CD  1 
ATOM   855  C CE  . LYS A 1 113 ? 5.586   1.100   19.384  1.00 20.97 ? 122 LYS A CE  1 
ATOM   856  N NZ  . LYS A 1 113 ? 5.337   2.527   19.044  1.00 21.00 ? 122 LYS A NZ  1 
ATOM   857  N N   . GLU A 1 114 ? 7.511   1.524   13.963  1.00 14.07 ? 123 GLU A N   1 
ATOM   858  C CA  . GLU A 1 114 ? 7.088   2.818   13.420  1.00 14.45 ? 123 GLU A CA  1 
ATOM   859  C C   . GLU A 1 114 ? 6.273   2.638   12.149  1.00 13.62 ? 123 GLU A C   1 
ATOM   860  O O   . GLU A 1 114 ? 5.332   3.379   11.908  1.00 13.70 ? 123 GLU A O   1 
ATOM   861  C CB  . GLU A 1 114 ? 8.276   3.717   13.132  1.00 16.14 ? 123 GLU A CB  1 
ATOM   862  C CG  . GLU A 1 114 ? 8.938   4.246   14.378  1.00 19.87 ? 123 GLU A CG  1 
ATOM   863  C CD  . GLU A 1 114 ? 9.835   3.217   14.995  1.00 24.05 ? 123 GLU A CD  1 
ATOM   864  O OE1 . GLU A 1 114 ? 10.254  2.277   14.262  1.00 25.30 ? 123 GLU A OE1 1 
ATOM   865  O OE2 . GLU A 1 114 ? 10.126  3.345   16.212  1.00 26.24 ? 123 GLU A OE2 1 
ATOM   866  N N   . ALA A 1 115 ? 6.640   1.658   11.335  1.00 12.60 ? 124 ALA A N   1 
ATOM   867  C CA  . ALA A 1 115 ? 5.896   1.381   10.108  1.00 11.81 ? 124 ALA A CA  1 
ATOM   868  C C   . ALA A 1 115 ? 4.534   0.800   10.417  1.00 11.62 ? 124 ALA A C   1 
ATOM   869  O O   . ALA A 1 115 ? 3.535   1.195   9.826   1.00 12.31 ? 124 ALA A O   1 
ATOM   870  C CB  . ALA A 1 115 ? 6.672   0.449   9.215   1.00 11.77 ? 124 ALA A CB  1 
ATOM   871  N N   . LEU A 1 116 ? 4.488   -0.130  11.359  1.00 11.62 ? 125 LEU A N   1 
ATOM   872  C CA  . LEU A 1 116 ? 3.203   -0.707  11.758  1.00 11.43 ? 125 LEU A CA  1 
ATOM   873  C C   . LEU A 1 116 ? 2.296   0.339   12.364  1.00 11.32 ? 125 LEU A C   1 
ATOM   874  O O   . LEU A 1 116 ? 1.110   0.363   12.050  1.00 11.86 ? 125 LEU A O   1 
ATOM   875  C CB  . LEU A 1 116 ? 3.397   -1.870  12.739  1.00 12.34 ? 125 LEU A CB  1 
ATOM   876  C CG  . LEU A 1 116 ? 4.186   -3.051  12.183  1.00 12.38 ? 125 LEU A CG  1 
ATOM   877  C CD1 . LEU A 1 116 ? 4.606   -3.946  13.325  1.00 14.05 ? 125 LEU A CD1 1 
ATOM   878  C CD2 . LEU A 1 116 ? 3.316   -3.824  11.242  1.00 13.13 ? 125 LEU A CD2 1 
ATOM   879  N N   . ASP A 1 117 ? 2.843   1.196   13.231  1.00 11.29 ? 126 ASP A N   1 
ATOM   880  C CA  . ASP A 1 117 ? 2.042   2.289   13.805  1.00 11.17 ? 126 ASP A CA  1 
ATOM   881  C C   . ASP A 1 117 ? 1.490   3.171   12.700  1.00 11.14 ? 126 ASP A C   1 
ATOM   882  O O   . ASP A 1 117 ? 0.325   3.536   12.713  1.00 12.76 ? 126 ASP A O   1 
ATOM   883  C CB  . ASP A 1 117 ? 2.873   3.166   14.725  1.00 11.91 ? 126 ASP A CB  1 
ATOM   884  C CG  . ASP A 1 117 ? 3.222   2.493   16.031  1.00 13.40 ? 126 ASP A CG  1 
ATOM   885  O OD1 . ASP A 1 117 ? 2.639   1.429   16.382  1.00 15.78 ? 126 ASP A OD1 1 
ATOM   886  O OD2 . ASP A 1 117 ? 4.087   3.065   16.717  1.00 16.02 ? 126 ASP A OD2 1 
ATOM   887  N N   . ALA A 1 118 ? 2.353   3.518   11.747  1.00 11.47 ? 127 ALA A N   1 
ATOM   888  C CA  . ALA A 1 118 ? 1.981   4.377   10.632  1.00 11.10 ? 127 ALA A CA  1 
ATOM   889  C C   . ALA A 1 118 ? 0.817   3.766   9.834   1.00 11.26 ? 127 ALA A C   1 
ATOM   890  O O   . ALA A 1 118 ? -0.135  4.478   9.468   1.00 11.28 ? 127 ALA A O   1 
ATOM   891  C CB  . ALA A 1 118 ? 3.191   4.615   9.737   1.00 10.96 ? 127 ALA A CB  1 
ATOM   892  N N   . ALA A 1 119 ? 0.873   2.454   9.588   1.00 10.93 ? 128 ALA A N   1 
ATOM   893  C CA  . ALA A 1 119 ? -0.214  1.771   8.873   1.00 11.20 ? 128 ALA A CA  1 
ATOM   894  C C   . ALA A 1 119 ? -1.533  1.851   9.639   1.00 11.85 ? 128 ALA A C   1 
ATOM   895  O O   . ALA A 1 119 ? -2.570  2.129   9.054   1.00 12.04 ? 128 ALA A O   1 
ATOM   896  C CB  . ALA A 1 119 ? 0.158   0.316   8.605   1.00 11.59 ? 128 ALA A CB  1 
ATOM   897  N N   . LYS A 1 120 ? -1.502  1.608   10.946  1.00 11.19 ? 129 LYS A N   1 
ATOM   898  C CA  . LYS A 1 120 ? -2.749  1.668   11.732  1.00 12.09 ? 129 LYS A CA  1 
ATOM   899  C C   . LYS A 1 120 ? -3.305  3.089   11.759  1.00 12.23 ? 129 LYS A C   1 
ATOM   900  O O   . LYS A 1 120 ? -4.520  3.299   11.652  1.00 12.34 ? 129 LYS A O   1 
ATOM   901  C CB  . LYS A 1 120 ? -2.519  1.155   13.150  1.00 13.01 ? 129 LYS A CB  1 
ATOM   902  C CG  . LYS A 1 120 ? -2.100  -0.292  13.156  1.00 14.93 ? 129 LYS A CG  1 
ATOM   903  C CD  . LYS A 1 120 ? -1.524  -0.724  14.500  1.00 19.63 ? 129 LYS A CD  1 
ATOM   904  C CE  . LYS A 1 120 ? -1.021  -2.147  14.395  1.00 21.71 ? 129 LYS A CE  1 
ATOM   905  N NZ  . LYS A 1 120 ? -0.410  -2.601  15.682  1.00 21.88 ? 129 LYS A NZ  1 
ATOM   906  N N   . GLU A 1 121 ? -2.413  4.066   11.882  1.00 12.23 ? 130 GLU A N   1 
ATOM   907  C CA  . GLU A 1 121 ? -2.838  5.459   11.886  1.00 11.68 ? 130 GLU A CA  1 
ATOM   908  C C   . GLU A 1 121 ? -3.379  5.842   10.515  1.00 11.29 ? 130 GLU A C   1 
ATOM   909  O O   . GLU A 1 121 ? -4.368  6.582   10.399  1.00 12.38 ? 130 GLU A O   1 
ATOM   910  C CB  . GLU A 1 121 ? -1.667  6.376   12.278  1.00 12.14 ? 130 GLU A CB  1 
ATOM   911  C CG  . GLU A 1 121 ? -1.261  6.228   13.733  1.00 15.23 ? 130 GLU A CG  1 
ATOM   912  C CD  . GLU A 1 121 ? 0.184   6.574   14.000  1.00 19.06 ? 130 GLU A CD  1 
ATOM   913  O OE1 . GLU A 1 121 ? 0.806   7.226   13.146  1.00 21.25 ? 130 GLU A OE1 1 
ATOM   914  O OE2 . GLU A 1 121 ? 0.697   6.186   15.085  1.00 22.77 ? 130 GLU A OE2 1 
ATOM   915  N N   . LEU A 1 122 ? -2.758  5.316   9.467   1.00 11.33 ? 131 LEU A N   1 
ATOM   916  C CA  . LEU A 1 122 ? -3.235  5.580   8.119   1.00 10.78 ? 131 LEU A CA  1 
ATOM   917  C C   . LEU A 1 122 ? -4.628  5.027   7.865   1.00 11.39 ? 131 LEU A C   1 
ATOM   918  O O   . LEU A 1 122 ? -5.452  5.701   7.252   1.00 11.70 ? 131 LEU A O   1 
ATOM   919  C CB  . LEU A 1 122 ? -2.243  4.990   7.128   1.00 10.85 ? 131 LEU A CB  1 
ATOM   920  C CG  . LEU A 1 122 ? -2.660  5.061   5.661   1.00 10.43 ? 131 LEU A CG  1 
ATOM   921  C CD1 . LEU A 1 122 ? -2.721  6.505   5.225   1.00 12.59 ? 131 LEU A CD1 1 
ATOM   922  C CD2 . LEU A 1 122 ? -1.654  4.286   4.832   1.00 10.61 ? 131 LEU A CD2 1 
ATOM   923  N N   . LEU A 1 123 ? -4.902  3.807   8.332   1.00 11.10 ? 132 LEU A N   1 
ATOM   924  C CA  . LEU A 1 123 ? -6.226  3.243   8.162   1.00 10.90 ? 132 LEU A CA  1 
ATOM   925  C C   . LEU A 1 123 ? -7.265  4.101   8.859   1.00 11.27 ? 132 LEU A C   1 
ATOM   926  O O   . LEU A 1 123 ? -8.314  4.400   8.293   1.00 11.72 ? 132 LEU A O   1 
ATOM   927  C CB  . LEU A 1 123 ? -6.266  1.803   8.678   1.00 11.15 ? 132 LEU A CB  1 
ATOM   928  C CG  . LEU A 1 123 ? -5.497  0.818   7.797   1.00 11.00 ? 132 LEU A CG  1 
ATOM   929  C CD1 . LEU A 1 123 ? -5.216  -0.480  8.534   1.00 13.28 ? 132 LEU A CD1 1 
ATOM   930  C CD2 . LEU A 1 123 ? -6.267  0.582   6.488   1.00 12.77 ? 132 LEU A CD2 1 
ATOM   931  N N   . GLU A 1 124 ? -6.960  4.507   10.083  1.00 11.28 ? 133 GLU A N   1 
ATOM   932  C CA  . GLU A 1 124 ? -7.869  5.379   10.832  1.00 12.30 ? 133 GLU A CA  1 
ATOM   933  C C   . GLU A 1 124 ? -8.117  6.672   10.070  1.00 12.25 ? 133 GLU A C   1 
ATOM   934  O O   . GLU A 1 124 ? -9.264  7.131   9.952   1.00 12.62 ? 133 GLU A O   1 
ATOM   935  C CB  . GLU A 1 124 ? -7.308  5.677   12.213  1.00 13.00 ? 133 GLU A CB  1 
ATOM   936  C CG  . GLU A 1 124 ? -8.246  6.545   13.050  1.00 17.25 ? 133 GLU A CG  1 
ATOM   937  C CD  . GLU A 1 124 ? -7.608  7.055   14.317  1.00 24.65 ? 133 GLU A CD  1 
ATOM   938  O OE1 . GLU A 1 124 ? -8.186  7.968   14.946  1.00 26.82 ? 133 GLU A OE1 1 
ATOM   939  O OE2 . GLU A 1 124 ? -6.519  6.572   14.678  1.00 30.23 ? 133 GLU A OE2 1 
ATOM   940  N N   . GLN A 1 125 ? -7.040  7.247   9.550   1.00 12.36 ? 134 GLN A N   1 
ATOM   941  C CA  . GLN A 1 125 ? -7.141  8.483   8.797   1.00 12.20 ? 134 GLN A CA  1 
ATOM   942  C C   . GLN A 1 125 ? -7.939  8.312   7.503   1.00 12.29 ? 134 GLN A C   1 
ATOM   943  O O   . GLN A 1 125 ? -8.748  9.157   7.149   1.00 12.81 ? 134 GLN A O   1 
ATOM   944  C CB  . GLN A 1 125 ? -5.740  8.981   8.492   1.00 12.26 ? 134 GLN A CB  1 
ATOM   945  C CG  . GLN A 1 125 ? -5.702  10.238  7.656   1.00 13.19 ? 134 GLN A CG  1 
ATOM   946  C CD  . GLN A 1 125 ? -4.355  10.896  7.745   1.00 16.24 ? 134 GLN A CD  1 
ATOM   947  O OE1 . GLN A 1 125 ? -3.533  10.802  6.821   1.00 19.05 ? 134 GLN A OE1 1 
ATOM   948  N NE2 . GLN A 1 125 ? -4.089  11.515  8.878   1.00 14.82 ? 134 GLN A NE2 1 
ATOM   949  N N   . ALA A 1 126 ? -7.701  7.213   6.807   1.00 11.90 ? 135 ALA A N   1 
ATOM   950  C CA  . ALA A 1 126 ? -8.423  6.951   5.574   1.00 11.44 ? 135 ALA A CA  1 
ATOM   951  C C   . ALA A 1 126 ? -9.928  6.848   5.835   1.00 11.27 ? 135 ALA A C   1 
ATOM   952  O O   . ALA A 1 126 ? -10.733 7.312   5.019   1.00 11.44 ? 135 ALA A O   1 
ATOM   953  C CB  . ALA A 1 126 ? -7.905  5.674   4.918   1.00 11.31 ? 135 ALA A CB  1 
ATOM   954  N N   . VAL A 1 127 ? -10.319 6.222   6.953   1.00 11.30 ? 136 VAL A N   1 
ATOM   955  C CA  . VAL A 1 127 ? -11.744 6.200   7.323   1.00 12.16 ? 136 VAL A CA  1 
ATOM   956  C C   . VAL A 1 127 ? -12.263 7.611   7.602   1.00 12.88 ? 136 VAL A C   1 
ATOM   957  O O   . VAL A 1 127 ? -13.307 7.997   7.063   1.00 13.19 ? 136 VAL A O   1 
ATOM   958  C CB  . VAL A 1 127 ? -12.011 5.283   8.535   1.00 11.14 ? 136 VAL A CB  1 
ATOM   959  C CG1 . VAL A 1 127 ? -13.469 5.387   8.981   1.00 12.45 ? 136 VAL A CG1 1 
ATOM   960  C CG2 . VAL A 1 127 ? -11.663 3.825   8.185   1.00 12.41 ? 136 VAL A CG2 1 
ATOM   961  N N   . LYS A 1 128 ? -11.531 8.375   8.408   1.00 13.01 ? 137 LYS A N   1 
ATOM   962  C CA  . LYS A 1 128 ? -11.991 9.730   8.745   1.00 14.07 ? 137 LYS A CA  1 
ATOM   963  C C   . LYS A 1 128 ? -12.104 10.642  7.541   1.00 14.62 ? 137 LYS A C   1 
ATOM   964  O O   . LYS A 1 128 ? -12.945 11.559  7.514   1.00 15.92 ? 137 LYS A O   1 
ATOM   965  C CB  . LYS A 1 128 ? -11.080 10.346  9.791   1.00 14.00 ? 137 LYS A CB  1 
ATOM   966  C CG  . LYS A 1 128 ? -11.384 9.807   11.149  1.00 15.93 ? 137 LYS A CG  1 
ATOM   967  C CD  . LYS A 1 128 ? -10.306 10.142  12.135  1.00 16.02 ? 137 LYS A CD  1 
ATOM   968  C CE  . LYS A 1 128 ? -10.855 9.909   13.525  1.00 19.12 ? 137 LYS A CE  1 
ATOM   969  N NZ  . LYS A 1 128 ? -9.867  10.284  14.556  1.00 20.32 ? 137 LYS A NZ  1 
ATOM   970  N N   . GLN A 1 129 ? -11.264 10.393  6.545   1.00 14.24 ? 138 GLN A N   1 
ATOM   971  C CA  . GLN A 1 129 ? -11.233 11.203  5.336   1.00 15.32 ? 138 GLN A CA  1 
ATOM   972  C C   . GLN A 1 129 ? -12.127 10.666  4.222   1.00 14.78 ? 138 GLN A C   1 
ATOM   973  O O   . GLN A 1 129 ? -12.091 11.184  3.095   1.00 15.63 ? 138 GLN A O   1 
ATOM   974  C CB  . GLN A 1 129 ? -9.797  11.351  4.845   1.00 15.46 ? 138 GLN A CB  1 
ATOM   975  C CG  . GLN A 1 129 ? -8.948  12.152  5.805   1.00 18.75 ? 138 GLN A CG  1 
ATOM   976  C CD  . GLN A 1 129 ? -7.516  12.321  5.336   1.00 23.89 ? 138 GLN A CD  1 
ATOM   977  O OE1 . GLN A 1 129 ? -7.100  11.751  4.325   1.00 28.28 ? 138 GLN A OE1 1 
ATOM   978  N NE2 . GLN A 1 129 ? -6.748  13.106  6.083   1.00 26.88 ? 138 GLN A NE2 1 
ATOM   979  N N   . ALA A 1 130 ? -12.918 9.645   4.531   1.00 14.21 ? 139 ALA A N   1 
ATOM   980  C CA  . ALA A 1 130 ? -13.862 9.037   3.575   1.00 13.24 ? 139 ALA A CA  1 
ATOM   981  C C   . ALA A 1 130 ? -13.169 8.382   2.378   1.00 13.32 ? 139 ALA A C   1 
ATOM   982  O O   . ALA A 1 130 ? -13.742 8.300   1.295   1.00 14.27 ? 139 ALA A O   1 
ATOM   983  C CB  . ALA A 1 130 ? -14.895 10.069  3.083   1.00 13.77 ? 139 ALA A CB  1 
ATOM   984  N N   . GLN A 1 131 ? -11.922 7.942   2.572   1.00 13.08 ? 140 GLN A N   1 
ATOM   985  C CA  . GLN A 1 131 ? -11.224 7.192   1.522   1.00 12.65 ? 140 GLN A CA  1 
ATOM   986  C C   . GLN A 1 131 ? -11.554 5.714   1.652   1.00 12.16 ? 140 GLN A C   1 
ATOM   987  O O   . GLN A 1 131 ? -11.552 4.972   0.668   1.00 12.48 ? 140 GLN A O   1 
ATOM   988  C CB  . GLN A 1 131 ? -9.710  7.393   1.617   1.00 13.09 ? 140 GLN A CB  1 
ATOM   989  C CG  . GLN A 1 131 ? -9.290  8.824   1.360   1.00 14.13 ? 140 GLN A CG  1 
ATOM   990  C CD  . GLN A 1 131 ? -7.821  9.064   1.558   1.00 18.70 ? 140 GLN A CD  1 
ATOM   991  O OE1 . GLN A 1 131 ? -7.351  10.199  1.407   1.00 24.19 ? 140 GLN A OE1 1 
ATOM   992  N NE2 . GLN A 1 131 ? -7.081  8.019   1.901   1.00 15.57 ? 140 GLN A NE2 1 
ATOM   993  N N   . LEU A 1 132 ? -11.857 5.313   2.886   1.00 11.94 ? 141 LEU A N   1 
ATOM   994  C CA  . LEU A 1 132 ? -12.107 3.931   3.237   1.00 11.43 ? 141 LEU A CA  1 
ATOM   995  C C   . LEU A 1 132 ? -13.371 3.890   4.082   1.00 11.24 ? 141 LEU A C   1 
ATOM   996  O O   . LEU A 1 132 ? -13.554 4.735   4.950   1.00 11.65 ? 141 LEU A O   1 
ATOM   997  C CB  . LEU A 1 132 ? -10.907 3.427   4.041   1.00 11.51 ? 141 LEU A CB  1 
ATOM   998  C CG  . LEU A 1 132 ? -10.834 1.954   4.443   1.00 10.96 ? 141 LEU A CG  1 
ATOM   999  C CD1 . LEU A 1 132 ? -10.801 0.986   3.251   1.00 12.51 ? 141 LEU A CD1 1 
ATOM   1000 C CD2 . LEU A 1 132 ? -9.610  1.749   5.336   1.00 12.52 ? 141 LEU A CD2 1 
ATOM   1001 N N   . VAL A 1 133 ? -14.257 2.935   3.812   1.00 11.37 ? 142 VAL A N   1 
ATOM   1002 C CA  . VAL A 1 133 ? -15.467 2.839   4.609   1.00 11.15 ? 142 VAL A CA  1 
ATOM   1003 C C   . VAL A 1 133 ? -15.121 2.457   6.036   1.00 11.14 ? 142 VAL A C   1 
ATOM   1004 O O   . VAL A 1 133 ? -14.082 1.825   6.286   1.00 11.18 ? 142 VAL A O   1 
ATOM   1005 C CB  . VAL A 1 133 ? -16.467 1.799   4.062   1.00 11.71 ? 142 VAL A CB  1 
ATOM   1006 C CG1 . VAL A 1 133 ? -16.847 2.109   2.622   1.00 12.61 ? 142 VAL A CG1 1 
ATOM   1007 C CG2 . VAL A 1 133 ? -15.921 0.414   4.163   1.00 12.02 ? 142 VAL A CG2 1 
ATOM   1008 N N   . GLU A 1 134 ? -15.977 2.837   6.981   1.00 11.26 ? 143 GLU A N   1 
ATOM   1009 C CA  . GLU A 1 134 ? -15.716 2.482   8.358   1.00 11.76 ? 143 GLU A CA  1 
ATOM   1010 C C   . GLU A 1 134 ? -15.741 0.967   8.557   1.00 12.06 ? 143 GLU A C   1 
ATOM   1011 O O   . GLU A 1 134 ? -14.851 0.406   9.203   1.00 12.84 ? 143 GLU A O   1 
ATOM   1012 C CB  . GLU A 1 134 ? -16.709 3.168   9.296   1.00 11.62 ? 143 GLU A CB  1 
ATOM   1013 C CG  . GLU A 1 134 ? -16.361 2.954   10.769  1.00 11.78 ? 143 GLU A CG  1 
ATOM   1014 C CD  . GLU A 1 134 ? -17.440 3.421   11.717  1.00 13.16 ? 143 GLU A CD  1 
ATOM   1015 O OE1 . GLU A 1 134 ? -18.631 3.247   11.398  1.00 12.53 ? 143 GLU A OE1 1 
ATOM   1016 O OE2 . GLU A 1 134 ? -17.056 3.926   12.794  1.00 13.33 ? 143 GLU A OE2 1 
ATOM   1017 N N   . GLY A 1 135 ? -16.751 0.302   7.982   1.00 11.94 ? 144 GLY A N   1 
ATOM   1018 C CA  . GLY A 1 135 ? -16.872 -1.153  8.098   1.00 12.92 ? 144 GLY A CA  1 
ATOM   1019 C C   . GLY A 1 135 ? -16.066 -1.830  7.014   1.00 13.00 ? 144 GLY A C   1 
ATOM   1020 O O   . GLY A 1 135 ? -16.607 -2.621  6.241   1.00 13.70 ? 144 GLY A O   1 
ATOM   1021 N N   . TYR A 1 136 ? -14.782 -1.494  6.924   1.00 12.08 ? 145 TYR A N   1 
ATOM   1022 C CA  . TYR A 1 136 ? -13.961 -2.022  5.823   1.00 12.11 ? 145 TYR A CA  1 
ATOM   1023 C C   . TYR A 1 136 ? -13.569 -3.465  6.033   1.00 12.51 ? 145 TYR A C   1 
ATOM   1024 O O   . TYR A 1 136 ? -13.616 -3.981  7.150   1.00 13.45 ? 145 TYR A O   1 
ATOM   1025 C CB  . TYR A 1 136 ? -12.723 -1.148  5.563   1.00 11.94 ? 145 TYR A CB  1 
ATOM   1026 C CG  . TYR A 1 136 ? -11.736 -1.003  6.706   1.00 11.82 ? 145 TYR A CG  1 
ATOM   1027 C CD1 . TYR A 1 136 ? -10.627 -1.858  6.808   1.00 13.43 ? 145 TYR A CD1 1 
ATOM   1028 C CD2 . TYR A 1 136 ? -11.857 0.027   7.626   1.00 11.34 ? 145 TYR A CD2 1 
ATOM   1029 C CE1 . TYR A 1 136 ? -9.703  -1.719  7.822   1.00 12.08 ? 145 TYR A CE1 1 
ATOM   1030 C CE2 . TYR A 1 136 ? -10.910 0.197   8.657   1.00 12.08 ? 145 TYR A CE2 1 
ATOM   1031 C CZ  . TYR A 1 136 ? -9.841  -0.690  8.741   1.00 11.72 ? 145 TYR A CZ  1 
ATOM   1032 O OH  . TYR A 1 136 ? -8.902  -0.541  9.745   1.00 14.38 ? 145 TYR A OH  1 
ATOM   1033 N N   . LYS A 1 137 ? -13.236 -4.133  4.935   1.00 12.00 ? 146 LYS A N   1 
ATOM   1034 C CA  . LYS A 1 137 ? -12.588 -5.431  5.016   1.00 11.71 ? 146 LYS A CA  1 
ATOM   1035 C C   . LYS A 1 137 ? -11.109 -5.206  4.871   1.00 12.02 ? 146 LYS A C   1 
ATOM   1036 O O   . LYS A 1 137 ? -10.671 -4.587  3.901   1.00 12.41 ? 146 LYS A O   1 
ATOM   1037 C CB  . LYS A 1 137 ? -13.055 -6.333  3.875   1.00 12.04 ? 146 LYS A CB  1 
ATOM   1038 C CG  . LYS A 1 137 ? -14.556 -6.546  3.832   1.00 13.05 ? 146 LYS A CG  1 
ATOM   1039 C CD  . LYS A 1 137 ? -15.082 -7.137  5.132   1.00 15.57 ? 146 LYS A CD  1 
ATOM   1040 C CE  . LYS A 1 137 ? -16.579 -7.434  4.963   1.00 20.45 ? 146 LYS A CE  1 
ATOM   1041 N NZ  . LYS A 1 137 ? -17.259 -7.712  6.266   1.00 22.13 ? 146 LYS A NZ  1 
ATOM   1042 N N   . LEU A 1 138 ? -10.338 -5.691  5.843   1.00 10.98 ? 147 LEU A N   1 
ATOM   1043 C CA  . LEU A 1 138 ? -8.896  -5.633  5.744   1.00 11.13 ? 147 LEU A CA  1 
ATOM   1044 C C   . LEU A 1 138 ? -8.401  -6.972  5.241   1.00 11.82 ? 147 LEU A C   1 
ATOM   1045 O O   . LEU A 1 138 ? -8.724  -8.019  5.824   1.00 11.49 ? 147 LEU A O   1 
ATOM   1046 C CB  . LEU A 1 138 ? -8.275  -5.328  7.105   1.00 11.55 ? 147 LEU A CB  1 
ATOM   1047 C CG  . LEU A 1 138 ? -6.752  -5.287  7.150   1.00 12.56 ? 147 LEU A CG  1 
ATOM   1048 C CD1 . LEU A 1 138 ? -6.226  -4.019  6.517   1.00 12.83 ? 147 LEU A CD1 1 
ATOM   1049 C CD2 . LEU A 1 138 ? -6.325  -5.391  8.604   1.00 15.46 ? 147 LEU A CD2 1 
ATOM   1050 N N   . LEU A 1 139 ? -7.588  -6.950  4.188   1.00 11.18 ? 148 LEU A N   1 
ATOM   1051 C CA  . LEU A 1 139 ? -7.121  -8.185  3.563   1.00 11.09 ? 148 LEU A CA  1 
ATOM   1052 C C   . LEU A 1 139 ? -5.630  -8.148  3.336   1.00 11.08 ? 148 LEU A C   1 
ATOM   1053 O O   . LEU A 1 139 ? -5.074  -7.089  3.092   1.00 10.98 ? 148 LEU A O   1 
ATOM   1054 C CB  . LEU A 1 139 ? -7.775  -8.360  2.196   1.00 11.54 ? 148 LEU A CB  1 
ATOM   1055 C CG  . LEU A 1 139 ? -9.301  -8.444  2.264   1.00 12.42 ? 148 LEU A CG  1 
ATOM   1056 C CD1 . LEU A 1 139 ? -9.875  -8.295  0.861   1.00 14.80 ? 148 LEU A CD1 1 
ATOM   1057 C CD2 . LEU A 1 139 ? -9.728  -9.766  2.853   1.00 13.78 ? 148 LEU A CD2 1 
ATOM   1058 N N   . GLY A 1 140 ? -4.974  -9.296  3.409   1.00 10.02 ? 149 GLY A N   1 
ATOM   1059 C CA  . GLY A 1 140 ? -3.610  -9.342  2.899   1.00 10.07 ? 149 GLY A CA  1 
ATOM   1060 C C   . GLY A 1 140 ? -3.625  -9.476  1.395   1.00 10.83 ? 149 GLY A C   1 
ATOM   1061 O O   . GLY A 1 140 ? -4.572  -10.017 0.817   1.00 10.32 ? 149 GLY A O   1 
ATOM   1062 N N   . HIS A 1 141 ? -2.549  -9.023  0.764   1.00 10.92 ? 150 HIS A N   1 
ATOM   1063 C CA  . HIS A 1 141 ? -2.380  -9.115  -0.681  1.00 10.72 ? 150 HIS A CA  1 
ATOM   1064 C C   . HIS A 1 141 ? -2.612  -10.563 -1.157  1.00 11.38 ? 150 HIS A C   1 
ATOM   1065 O O   . HIS A 1 141 ? -3.274  -10.793 -2.165  1.00 11.61 ? 150 HIS A O   1 
ATOM   1066 C CB  . HIS A 1 141 ? -0.968  -8.622  -0.979  1.00 11.23 ? 150 HIS A CB  1 
ATOM   1067 C CG  . HIS A 1 141 ? -0.714  -8.266  -2.409  1.00 10.30 ? 150 HIS A CG  1 
ATOM   1068 N ND1 . HIS A 1 141 ? 0.544   -7.920  -2.852  1.00 11.16 ? 150 HIS A ND1 1 
ATOM   1069 C CD2 . HIS A 1 141 ? -1.530  -8.203  -3.488  1.00 12.66 ? 150 HIS A CD2 1 
ATOM   1070 C CE1 . HIS A 1 141 ? 0.491   -7.658  -4.146  1.00 13.13 ? 150 HIS A CE1 1 
ATOM   1071 N NE2 . HIS A 1 141 ? -0.754  -7.832  -4.558  1.00 12.49 ? 150 HIS A NE2 1 
ATOM   1072 N N   . ARG A 1 142 ? -2.104  -11.529 -0.393  1.00 11.92 ? 151 ARG A N   1 
ATOM   1073 C CA  . ARG A 1 142 ? -2.251  -12.940 -0.749  1.00 12.76 ? 151 ARG A CA  1 
ATOM   1074 C C   . ARG A 1 142 ? -3.705  -13.419 -0.791  1.00 12.41 ? 151 ARG A C   1 
ATOM   1075 O O   . ARG A 1 142 ? -3.995  -14.483 -1.354  1.00 13.77 ? 151 ARG A O   1 
ATOM   1076 C CB  . ARG A 1 142 ? -1.481  -13.819 0.233   1.00 12.44 ? 151 ARG A CB  1 
ATOM   1077 C CG  . ARG A 1 142 ? -1.887  -13.657 1.690   1.00 13.28 ? 151 ARG A CG  1 
ATOM   1078 C CD  . ARG A 1 142 ? -1.181  -14.667 2.575   1.00 14.87 ? 151 ARG A CD  1 
ATOM   1079 N NE  . ARG A 1 142 ? 0.260   -14.461 2.563   1.00 14.53 ? 151 ARG A NE  1 
ATOM   1080 C CZ  . ARG A 1 142 ? 1.109   -15.210 3.250   1.00 15.61 ? 151 ARG A CZ  1 
ATOM   1081 N NH1 . ARG A 1 142 ? 0.645   -16.197 4.013   1.00 15.07 ? 151 ARG A NH1 1 
ATOM   1082 N NH2 . ARG A 1 142 ? 2.410   -14.965 3.181   1.00 15.03 ? 151 ARG A NH2 1 
ATOM   1083 N N   . GLN A 1 143 ? -4.613  -12.675 -0.167  1.00 12.22 ? 152 GLN A N   1 
ATOM   1084 C CA  . GLN A 1 143 ? -6.023  -13.065 -0.193  1.00 12.46 ? 152 GLN A CA  1 
ATOM   1085 C C   . GLN A 1 143 ? -6.718  -12.605 -1.476  1.00 13.03 ? 152 GLN A C   1 
ATOM   1086 O O   . GLN A 1 143 ? -7.827  -13.063 -1.770  1.00 13.89 ? 152 GLN A O   1 
ATOM   1087 C CB  . GLN A 1 143 ? -6.762  -12.531 1.027   1.00 12.43 ? 152 GLN A CB  1 
ATOM   1088 C CG  . GLN A 1 143 ? -6.162  -13.011 2.333   1.00 12.27 ? 152 GLN A CG  1 
ATOM   1089 C CD  . GLN A 1 143 ? -6.875  -12.435 3.517   1.00 12.46 ? 152 GLN A CD  1 
ATOM   1090 O OE1 . GLN A 1 143 ? -6.372  -11.508 4.184   1.00 13.26 ? 152 GLN A OE1 1 
ATOM   1091 N NE2 . GLN A 1 143 ? -8.054  -12.982 3.809   1.00 12.78 ? 152 GLN A NE2 1 
ATOM   1092 N N   . VAL A 1 144 ? -6.062  -11.724 -2.232  1.00 13.63 ? 153 VAL A N   1 
ATOM   1093 C CA  . VAL A 1 144 ? -6.652  -11.172 -3.447  1.00 13.70 ? 153 VAL A CA  1 
ATOM   1094 C C   . VAL A 1 144 ? -5.810  -11.391 -4.704  1.00 14.35 ? 153 VAL A C   1 
ATOM   1095 O O   . VAL A 1 144 ? -6.243  -11.053 -5.810  1.00 14.67 ? 153 VAL A O   1 
ATOM   1096 C CB  . VAL A 1 144 ? -6.945  -9.667  -3.298  1.00 14.15 ? 153 VAL A CB  1 
ATOM   1097 C CG1 . VAL A 1 144 ? -7.873  -9.412  -2.115  1.00 14.67 ? 153 VAL A CG1 1 
ATOM   1098 C CG2 . VAL A 1 144 ? -5.654  -8.857  -3.155  1.00 13.44 ? 153 VAL A CG2 1 
ATOM   1099 N N   . SER A 1 145 ? -4.611  -11.937 -4.532  1.00 14.60 ? 154 SER A N   1 
ATOM   1100 C CA  . SER A 1 145 ? -3.672  -12.134 -5.622  1.00 15.88 ? 154 SER A CA  1 
ATOM   1101 C C   . SER A 1 145 ? -2.856  -13.363 -5.284  1.00 16.28 ? 154 SER A C   1 
ATOM   1102 O O   . SER A 1 145 ? -2.664  -13.670 -4.101  1.00 16.65 ? 154 SER A O   1 
ATOM   1103 C CB  . SER A 1 145 ? -2.757  -10.926 -5.732  1.00 16.42 ? 154 SER A CB  1 
ATOM   1104 O OG  . SER A 1 145 ? -1.887  -11.035 -6.851  1.00 20.94 ? 154 SER A OG  1 
ATOM   1105 N N   . ALA A 1 146 ? -2.383  -14.069 -6.311  1.00 17.23 ? 155 ALA A N   1 
ATOM   1106 C CA  . ALA A 1 146 ? -1.544  -15.237 -6.092  1.00 17.28 ? 155 ALA A CA  1 
ATOM   1107 C C   . ALA A 1 146 ? -0.123  -14.775 -5.809  1.00 17.01 ? 155 ALA A C   1 
ATOM   1108 O O   . ALA A 1 146 ? 0.679   -14.544 -6.715  1.00 17.75 ? 155 ALA A O   1 
ATOM   1109 C CB  . ALA A 1 146 ? -1.597  -16.173 -7.311  1.00 17.92 ? 155 ALA A CB  1 
ATOM   1110 N N   . THR A 1 147 ? 0.163   -14.611 -4.522  1.00 16.10 ? 156 THR A N   1 
ATOM   1111 C CA  . THR A 1 147 ? 1.423   -14.046 -4.068  1.00 15.92 ? 156 THR A CA  1 
ATOM   1112 C C   . THR A 1 147 ? 1.635   -14.399 -2.603  1.00 15.32 ? 156 THR A C   1 
ATOM   1113 O O   . THR A 1 147 ? 0.677   -14.697 -1.896  1.00 15.14 ? 156 THR A O   1 
ATOM   1114 C CB  . THR A 1 147 ? 1.449   -12.501 -4.238  1.00 15.36 ? 156 THR A CB  1 
ATOM   1115 O OG1 . THR A 1 147 ? 2.698   -11.975 -3.773  1.00 15.68 ? 156 THR A OG1 1 
ATOM   1116 C CG2 . THR A 1 147 ? 0.289   -11.810 -3.476  1.00 15.66 ? 156 THR A CG2 1 
ATOM   1117 N N   . LYS A 1 148 ? 2.893   -14.368 -2.162  1.00 15.67 ? 157 LYS A N   1 
ATOM   1118 C CA  . LYS A 1 148 ? 3.221   -14.492 -0.747  1.00 15.55 ? 157 LYS A CA  1 
ATOM   1119 C C   . LYS A 1 148 ? 3.032   -13.163 -0.029  1.00 14.30 ? 157 LYS A C   1 
ATOM   1120 O O   . LYS A 1 148 ? 2.958   -13.125 1.194   1.00 14.97 ? 157 LYS A O   1 
ATOM   1121 C CB  . LYS A 1 148 ? 4.667   -14.952 -0.548  1.00 17.13 ? 157 LYS A CB  1 
ATOM   1122 C CG  . LYS A 1 148 ? 4.946   -16.373 -1.061  1.00 20.40 ? 157 LYS A CG  1 
ATOM   1123 C CD  . LYS A 1 148 ? 4.022   -17.415 -0.410  1.00 25.47 ? 157 LYS A CD  1 
ATOM   1124 C CE  . LYS A 1 148 ? 4.700   -18.214 0.705   1.00 28.88 ? 157 LYS A CE  1 
ATOM   1125 N NZ  . LYS A 1 148 ? 5.010   -17.418 1.929   1.00 30.58 ? 157 LYS A NZ  1 
ATOM   1126 N N   . SER A 1 149 ? 2.989   -12.077 -0.795  1.00 13.57 ? 158 SER A N   1 
ATOM   1127 C CA  . SER A 1 149 ? 2.822   -10.746 -0.215  1.00 12.70 ? 158 SER A CA  1 
ATOM   1128 C C   . SER A 1 149 ? 1.607   -10.755 0.719   1.00 12.67 ? 158 SER A C   1 
ATOM   1129 O O   . SER A 1 149 ? 0.588   -11.353 0.374   1.00 13.15 ? 158 SER A O   1 
ATOM   1130 C CB  . SER A 1 149 ? 2.630   -9.758  -1.348  1.00 12.57 ? 158 SER A CB  1 
ATOM   1131 O OG  . SER A 1 149 ? 2.395   -8.459  -0.851  1.00 10.94 ? 158 SER A OG  1 
ATOM   1132 N N   . PRO A 1 150 ? 1.682   -10.093 1.892   1.00 12.55 ? 159 PRO A N   1 
ATOM   1133 C CA  . PRO A 1 150 ? 2.704   -9.172  2.389   1.00 12.32 ? 159 PRO A CA  1 
ATOM   1134 C C   . PRO A 1 150 ? 3.832   -9.841  3.169   1.00 12.37 ? 159 PRO A C   1 
ATOM   1135 O O   . PRO A 1 150 ? 4.556   -9.167  3.910   1.00 11.03 ? 159 PRO A O   1 
ATOM   1136 C CB  . PRO A 1 150 ? 1.890   -8.242  3.299   1.00 12.04 ? 159 PRO A CB  1 
ATOM   1137 C CG  . PRO A 1 150 ? 0.868   -9.195  3.933   1.00 12.20 ? 159 PRO A CG  1 
ATOM   1138 C CD  . PRO A 1 150 ? 0.543   -10.205 2.837   1.00 12.24 ? 159 PRO A CD  1 
ATOM   1139 N N   . GLY A 1 151 ? 3.997   -11.143 2.946   1.00 11.93 ? 160 GLY A N   1 
ATOM   1140 C CA  . GLY A 1 151 ? 5.021   -11.912 3.643   1.00 13.17 ? 160 GLY A CA  1 
ATOM   1141 C C   . GLY A 1 151 ? 4.427   -12.529 4.886   1.00 13.21 ? 160 GLY A C   1 
ATOM   1142 O O   . GLY A 1 151 ? 3.563   -11.948 5.555   1.00 13.70 ? 160 GLY A O   1 
ATOM   1143 N N   . GLU A 1 152 ? 4.899   -13.718 5.232   1.00 13.44 ? 161 GLU A N   1 
ATOM   1144 C CA  . GLU A 1 152 ? 4.295   -14.433 6.352   1.00 14.10 ? 161 GLU A CA  1 
ATOM   1145 C C   . GLU A 1 152 ? 4.236   -13.621 7.642   1.00 13.65 ? 161 GLU A C   1 
ATOM   1146 O O   . GLU A 1 152 ? 3.213   -13.625 8.335   1.00 14.02 ? 161 GLU A O   1 
ATOM   1147 C CB  A GLU A 1 152 ? 5.034   -15.746 6.633   0.50 14.13 ? 161 GLU A CB  1 
ATOM   1148 C CB  B GLU A 1 152 ? 5.047   -15.740 6.580   0.50 14.49 ? 161 GLU A CB  1 
ATOM   1149 C CG  A GLU A 1 152 ? 4.976   -16.778 5.524   0.50 15.20 ? 161 GLU A CG  1 
ATOM   1150 C CG  B GLU A 1 152 ? 4.246   -16.763 7.336   0.50 17.27 ? 161 GLU A CG  1 
ATOM   1151 C CD  A GLU A 1 152 ? 3.577   -17.313 5.247   0.50 16.03 ? 161 GLU A CD  1 
ATOM   1152 C CD  B GLU A 1 152 ? 3.090   -17.338 6.527   0.50 19.66 ? 161 GLU A CD  1 
ATOM   1153 O OE1 A GLU A 1 152 ? 3.321   -17.673 4.079   0.50 18.84 ? 161 GLU A OE1 1 
ATOM   1154 O OE1 B GLU A 1 152 ? 3.165   -17.357 5.278   0.50 21.17 ? 161 GLU A OE1 1 
ATOM   1155 O OE2 A GLU A 1 152 ? 2.737   -17.396 6.179   0.50 16.18 ? 161 GLU A OE2 1 
ATOM   1156 O OE2 B GLU A 1 152 ? 2.103   -17.767 7.153   0.50 21.91 ? 161 GLU A OE2 1 
ATOM   1157 N N   . ALA A 1 153 ? 5.332   -12.934 7.979   1.00 13.09 ? 162 ALA A N   1 
ATOM   1158 C CA  . ALA A 1 153 ? 5.406   -12.259 9.271   1.00 13.05 ? 162 ALA A CA  1 
ATOM   1159 C C   . ALA A 1 153 ? 4.447   -11.087 9.325   1.00 13.25 ? 162 ALA A C   1 
ATOM   1160 O O   . ALA A 1 153 ? 3.763   -10.863 10.328  1.00 14.31 ? 162 ALA A O   1 
ATOM   1161 C CB  . ALA A 1 153 ? 6.835   -11.789 9.563   1.00 13.22 ? 162 ALA A CB  1 
ATOM   1162 N N   . LEU A 1 154 ? 4.390   -10.337 8.227   1.00 12.15 ? 163 LEU A N   1 
ATOM   1163 C CA  . LEU A 1 154 ? 3.484   -9.204  8.193   1.00 12.08 ? 163 LEU A CA  1 
ATOM   1164 C C   . LEU A 1 154 ? 2.027   -9.667  8.079   1.00 11.85 ? 163 LEU A C   1 
ATOM   1165 O O   . LEU A 1 154 ? 1.134   -9.111  8.729   1.00 13.37 ? 163 LEU A O   1 
ATOM   1166 C CB  . LEU A 1 154 ? 3.887   -8.257  7.063   1.00 12.02 ? 163 LEU A CB  1 
ATOM   1167 C CG  . LEU A 1 154 ? 2.950   -7.077  6.799   1.00 12.92 ? 163 LEU A CG  1 
ATOM   1168 C CD1 . LEU A 1 154 ? 2.636   -6.264  8.068   1.00 13.16 ? 163 LEU A CD1 1 
ATOM   1169 C CD2 . LEU A 1 154 ? 3.600   -6.190  5.766   1.00 12.46 ? 163 LEU A CD2 1 
ATOM   1170 N N   . TYR A 1 155 ? 1.789   -10.696 7.280   1.00 12.08 ? 164 TYR A N   1 
ATOM   1171 C CA  . TYR A 1 155 ? 0.437   -11.246 7.178   1.00 12.70 ? 164 TYR A CA  1 
ATOM   1172 C C   . TYR A 1 155 ? -0.092  -11.700 8.533   1.00 13.72 ? 164 TYR A C   1 
ATOM   1173 O O   . TYR A 1 155 ? -1.227  -11.396 8.883   1.00 13.07 ? 164 TYR A O   1 
ATOM   1174 C CB  . TYR A 1 155 ? 0.384   -12.395 6.181   1.00 13.40 ? 164 TYR A CB  1 
ATOM   1175 C CG  . TYR A 1 155 ? -1.013  -12.902 5.930   1.00 13.38 ? 164 TYR A CG  1 
ATOM   1176 C CD1 . TYR A 1 155 ? -1.378  -14.191 6.321   1.00 14.55 ? 164 TYR A CD1 1 
ATOM   1177 C CD2 . TYR A 1 155 ? -1.981  -12.084 5.340   1.00 14.86 ? 164 TYR A CD2 1 
ATOM   1178 C CE1 . TYR A 1 155 ? -2.662  -14.667 6.094   1.00 14.85 ? 164 TYR A CE1 1 
ATOM   1179 C CE2 . TYR A 1 155 ? -3.268  -12.555 5.105   1.00 15.46 ? 164 TYR A CE2 1 
ATOM   1180 C CZ  . TYR A 1 155 ? -3.592  -13.845 5.493   1.00 15.74 ? 164 TYR A CZ  1 
ATOM   1181 O OH  . TYR A 1 155 ? -4.868  -14.315 5.265   1.00 16.85 ? 164 TYR A OH  1 
ATOM   1182 N N   . ALA A 1 156 ? 0.758   -12.350 9.321   1.00 14.67 ? 165 ALA A N   1 
ATOM   1183 C CA  . ALA A 1 156 ? 0.340   -12.822 10.653  1.00 14.44 ? 165 ALA A CA  1 
ATOM   1184 C C   . ALA A 1 156 ? -0.100  -11.672 11.551  1.00 14.20 ? 165 ALA A C   1 
ATOM   1185 O O   . ALA A 1 156 ? -1.026  -11.810 12.368  1.00 14.70 ? 165 ALA A O   1 
ATOM   1186 C CB  . ALA A 1 156 ? 1.458   -13.571 11.307  1.00 15.31 ? 165 ALA A CB  1 
ATOM   1187 N N   . LEU A 1 157 ? 0.575   -10.536 11.402  1.00 13.56 ? 166 LEU A N   1 
ATOM   1188 C CA  . LEU A 1 157 ? 0.244   -9.356  12.181  1.00 13.50 ? 166 LEU A CA  1 
ATOM   1189 C C   . LEU A 1 157 ? -1.089  -8.757  11.734  1.00 14.09 ? 166 LEU A C   1 
ATOM   1190 O O   . LEU A 1 157 ? -1.965  -8.480  12.572  1.00 13.87 ? 166 LEU A O   1 
ATOM   1191 C CB  . LEU A 1 157 ? 1.365   -8.311  12.093  1.00 13.94 ? 166 LEU A CB  1 
ATOM   1192 C CG  . LEU A 1 157 ? 2.698   -8.666  12.747  1.00 15.29 ? 166 LEU A CG  1 
ATOM   1193 C CD1 . LEU A 1 157 ? 3.700   -7.542  12.461  1.00 16.30 ? 166 LEU A CD1 1 
ATOM   1194 C CD2 . LEU A 1 157 ? 2.522   -8.885  14.261  1.00 16.71 ? 166 LEU A CD2 1 
ATOM   1195 N N   . ILE A 1 158 ? -1.252  -8.569  10.421  1.00 13.98 ? 167 ILE A N   1 
ATOM   1196 C CA  . ILE A 1 158 ? -2.468  -7.906  9.943   1.00 14.82 ? 167 ILE A CA  1 
ATOM   1197 C C   . ILE A 1 158 ? -3.709  -8.755  10.226  1.00 14.58 ? 167 ILE A C   1 
ATOM   1198 O O   . ILE A 1 158 ? -4.789  -8.219  10.434  1.00 13.82 ? 167 ILE A O   1 
ATOM   1199 C CB  . ILE A 1 158 ? -2.393  -7.450  8.453   1.00 14.93 ? 167 ILE A CB  1 
ATOM   1200 C CG1 . ILE A 1 158 ? -2.380  -8.628  7.495   1.00 18.30 ? 167 ILE A CG1 1 
ATOM   1201 C CG2 . ILE A 1 158 ? -1.189  -6.566  8.230   1.00 16.68 ? 167 ILE A CG2 1 
ATOM   1202 C CD1 . ILE A 1 158 ? -3.637  -8.782  6.703   1.00 23.26 ? 167 ILE A CD1 1 
ATOM   1203 N N   . GLN A 1 159 ? -3.554  -10.079 10.267  1.00 14.17 ? 168 GLN A N   1 
ATOM   1204 C CA  . GLN A 1 159 ? -4.708  -10.921 10.614  1.00 14.73 ? 168 GLN A CA  1 
ATOM   1205 C C   . GLN A 1 159 ? -5.241  -10.599 11.997  1.00 14.70 ? 168 GLN A C   1 
ATOM   1206 O O   . GLN A 1 159 ? -6.373  -10.963 12.332  1.00 14.64 ? 168 GLN A O   1 
ATOM   1207 C CB  . GLN A 1 159 ? -4.332  -12.397 10.589  1.00 14.64 ? 168 GLN A CB  1 
ATOM   1208 C CG  . GLN A 1 159 ? -4.095  -12.966 9.211   1.00 15.92 ? 168 GLN A CG  1 
ATOM   1209 C CD  . GLN A 1 159 ? -3.848  -14.443 9.270   1.00 17.11 ? 168 GLN A CD  1 
ATOM   1210 O OE1 . GLN A 1 159 ? -4.674  -15.244 8.814   1.00 19.49 ? 168 GLN A OE1 1 
ATOM   1211 N NE2 . GLN A 1 159 ? -2.736  -14.824 9.859   1.00 16.29 ? 168 GLN A NE2 1 
ATOM   1212 N N   . GLN A 1 160 ? -4.411  -9.977  12.826  1.00 14.58 ? 169 GLN A N   1 
ATOM   1213 C CA  . GLN A 1 160 ? -4.832  -9.627  14.177  1.00 15.67 ? 169 GLN A CA  1 
ATOM   1214 C C   . GLN A 1 160 ? -5.470  -8.249  14.284  1.00 14.27 ? 169 GLN A C   1 
ATOM   1215 O O   . GLN A 1 160 ? -6.010  -7.894  15.344  1.00 15.34 ? 169 GLN A O   1 
ATOM   1216 C CB  . GLN A 1 160 ? -3.661  -9.668  15.169  1.00 15.78 ? 169 GLN A CB  1 
ATOM   1217 C CG  . GLN A 1 160 ? -2.871  -10.956 15.144  1.00 17.93 ? 169 GLN A CG  1 
ATOM   1218 C CD  . GLN A 1 160 ? -1.572  -10.900 15.960  1.00 20.57 ? 169 GLN A CD  1 
ATOM   1219 O OE1 . GLN A 1 160 ? -1.063  -11.938 16.391  1.00 30.32 ? 169 GLN A OE1 1 
ATOM   1220 N NE2 . GLN A 1 160 ? -1.027  -9.701  16.163  1.00 27.39 ? 169 GLN A NE2 1 
ATOM   1221 N N   . TRP A 1 161 ? -5.370  -7.461  13.217  1.00 13.80 ? 170 TRP A N   1 
ATOM   1222 C CA  . TRP A 1 161 ? -5.883  -6.105  13.224  1.00 13.30 ? 170 TRP A CA  1 
ATOM   1223 C C   . TRP A 1 161 ? -7.398  -6.064  13.097  1.00 12.99 ? 170 TRP A C   1 
ATOM   1224 O O   . TRP A 1 161 ? -8.013  -6.989  12.552  1.00 12.48 ? 170 TRP A O   1 
ATOM   1225 C CB  . TRP A 1 161 ? -5.289  -5.312  12.058  1.00 13.37 ? 170 TRP A CB  1 
ATOM   1226 C CG  . TRP A 1 161 ? -3.822  -5.057  12.159  1.00 14.47 ? 170 TRP A CG  1 
ATOM   1227 C CD1 . TRP A 1 161 ? -2.946  -5.550  13.089  1.00 16.21 ? 170 TRP A CD1 1 
ATOM   1228 C CD2 . TRP A 1 161 ? -3.049  -4.285  11.241  1.00 15.69 ? 170 TRP A CD2 1 
ATOM   1229 N NE1 . TRP A 1 161 ? -1.668  -5.098  12.818  1.00 16.13 ? 170 TRP A NE1 1 
ATOM   1230 C CE2 . TRP A 1 161 ? -1.704  -4.329  11.683  1.00 16.51 ? 170 TRP A CE2 1 
ATOM   1231 C CE3 . TRP A 1 161 ? -3.363  -3.551  10.086  1.00 15.30 ? 170 TRP A CE3 1 
ATOM   1232 C CZ2 . TRP A 1 161 ? -0.674  -3.665  11.009  1.00 16.22 ? 170 TRP A CZ2 1 
ATOM   1233 C CZ3 . TRP A 1 161 ? -2.336  -2.889  9.412   1.00 17.10 ? 170 TRP A CZ3 1 
ATOM   1234 C CH2 . TRP A 1 161 ? -1.008  -2.960  9.878   1.00 16.34 ? 170 TRP A CH2 1 
ATOM   1235 N N   . PRO A 1 162 ? -8.007  -4.963  13.568  1.00 13.97 ? 171 PRO A N   1 
ATOM   1236 C CA  . PRO A 1 162 ? -9.436  -4.793  13.396  1.00 14.08 ? 171 PRO A CA  1 
ATOM   1237 C C   . PRO A 1 162 ? -9.839  -4.910  11.934  1.00 13.89 ? 171 PRO A C   1 
ATOM   1238 O O   . PRO A 1 162 ? -9.127  -4.441  11.031  1.00 13.47 ? 171 PRO A O   1 
ATOM   1239 C CB  . PRO A 1 162 ? -9.691  -3.378  13.909  1.00 14.81 ? 171 PRO A CB  1 
ATOM   1240 C CG  . PRO A 1 162 ? -8.549  -3.087  14.840  1.00 15.75 ? 171 PRO A CG  1 
ATOM   1241 C CD  . PRO A 1 162 ? -7.383  -3.840  14.291  1.00 14.70 ? 171 PRO A CD  1 
ATOM   1242 N N   . ASN A 1 163 ? -10.958 -5.591  11.726  1.00 13.76 ? 172 ASN A N   1 
ATOM   1243 C CA  . ASN A 1 163 ? -11.591 -5.731  10.420  1.00 13.73 ? 172 ASN A CA  1 
ATOM   1244 C C   . ASN A 1 163 ? -10.904 -6.692  9.472   1.00 13.76 ? 172 ASN A C   1 
ATOM   1245 O O   . ASN A 1 163 ? -11.308 -6.802  8.321   1.00 13.46 ? 172 ASN A O   1 
ATOM   1246 C CB  . ASN A 1 163 ? -11.783 -4.381  9.731   1.00 14.73 ? 172 ASN A CB  1 
ATOM   1247 C CG  . ASN A 1 163 ? -12.859 -3.561  10.367  1.00 16.38 ? 172 ASN A CG  1 
ATOM   1248 O OD1 . ASN A 1 163 ? -13.786 -4.090  10.978  1.00 17.88 ? 172 ASN A OD1 1 
ATOM   1249 N ND2 . ASN A 1 163 ? -12.765 -2.252  10.203  1.00 19.79 ? 172 ASN A ND2 1 
ATOM   1250 N N   . TRP A 1 164 ? -9.877  -7.404  9.936   1.00 13.04 ? 173 TRP A N   1 
ATOM   1251 C CA  . TRP A 1 164 ? -9.334  -8.437  9.087   1.00 13.51 ? 173 TRP A CA  1 
ATOM   1252 C C   . TRP A 1 164 ? -10.427 -9.446  8.758   1.00 13.94 ? 173 TRP A C   1 
ATOM   1253 O O   . TRP A 1 164 ? -11.196 -9.858  9.641   1.00 14.40 ? 173 TRP A O   1 
ATOM   1254 C CB  . TRP A 1 164 ? -8.124  -9.132  9.702   1.00 13.54 ? 173 TRP A CB  1 
ATOM   1255 C CG  . TRP A 1 164 ? -7.644  -10.201 8.768   1.00 13.18 ? 173 TRP A CG  1 
ATOM   1256 C CD1 . TRP A 1 164 ? -6.949  -10.017 7.594   1.00 14.07 ? 173 TRP A CD1 1 
ATOM   1257 C CD2 . TRP A 1 164 ? -7.873  -11.612 8.881   1.00 14.42 ? 173 TRP A CD2 1 
ATOM   1258 N NE1 . TRP A 1 164 ? -6.728  -11.238 6.980   1.00 14.64 ? 173 TRP A NE1 1 
ATOM   1259 C CE2 . TRP A 1 164 ? -7.287  -12.227 7.748   1.00 15.37 ? 173 TRP A CE2 1 
ATOM   1260 C CE3 . TRP A 1 164 ? -8.528  -12.415 9.822   1.00 13.94 ? 173 TRP A CE3 1 
ATOM   1261 C CZ2 . TRP A 1 164 ? -7.320  -13.609 7.537   1.00 16.23 ? 173 TRP A CZ2 1 
ATOM   1262 C CZ3 . TRP A 1 164 ? -8.563  -13.798 9.615   1.00 14.76 ? 173 TRP A CZ3 1 
ATOM   1263 C CH2 . TRP A 1 164 ? -7.962  -14.376 8.476   1.00 15.56 ? 173 TRP A CH2 1 
ATOM   1264 N N   . SER A 1 165 ? -10.526 -9.782  7.476   1.00 13.83 ? 174 SER A N   1 
ATOM   1265 C CA  . SER A 1 165 ? -11.510 -10.731 6.960   1.00 14.22 ? 174 SER A CA  1 
ATOM   1266 C C   . SER A 1 165 ? -10.822 -11.947 6.422   1.00 15.46 ? 174 SER A C   1 
ATOM   1267 O O   . SER A 1 165 ? -9.803  -11.834 5.747   1.00 14.58 ? 174 SER A O   1 
ATOM   1268 C CB  . SER A 1 165 ? -12.296 -10.102 5.818   1.00 14.85 ? 174 SER A CB  1 
ATOM   1269 O OG  . SER A 1 165 ? -13.035 -11.107 5.140   1.00 17.64 ? 174 SER A OG  1 
ATOM   1270 N N   . GLU A 1 166 ? -11.400 -13.110 6.716   1.00 16.25 ? 175 GLU A N   1 
ATOM   1271 C CA  . GLU A 1 166 ? -10.805 -14.373 6.335   1.00 18.83 ? 175 GLU A CA  1 
ATOM   1272 C C   . GLU A 1 166 ? -11.063 -14.756 4.868   1.00 18.16 ? 175 GLU A C   1 
ATOM   1273 O O   . GLU A 1 166 ? -10.508 -15.731 4.379   1.00 18.23 ? 175 GLU A O   1 
ATOM   1274 C CB  . GLU A 1 166 ? -11.254 -15.486 7.308   1.00 19.37 ? 175 GLU A CB  1 
ATOM   1275 C CG  . GLU A 1 166 ? -12.742 -15.800 7.261   1.00 22.81 ? 175 GLU A CG  1 
ATOM   1276 C CD  . GLU A 1 166 ? -13.195 -16.826 8.305   1.00 23.92 ? 175 GLU A CD  1 
ATOM   1277 O OE1 . GLU A 1 166 ? -14.030 -17.684 7.948   1.00 31.14 ? 175 GLU A OE1 1 
ATOM   1278 O OE2 . GLU A 1 166 ? -12.734 -16.778 9.467   1.00 30.07 ? 175 GLU A OE2 1 
ATOM   1279 N N   . GLU A 1 167 ? -11.875 -13.978 4.153   1.00 17.95 ? 176 GLU A N   1 
ATOM   1280 C CA  . GLU A 1 167 ? -12.218 -14.358 2.779   1.00 18.35 ? 176 GLU A CA  1 
ATOM   1281 C C   . GLU A 1 167 ? -10.991 -14.539 1.893   1.00 19.39 ? 176 GLU A C   1 
ATOM   1282 O O   . GLU A 1 167 ? -10.026 -13.776 1.978   1.00 18.68 ? 176 GLU A O   1 
ATOM   1283 C CB  . GLU A 1 167 ? -13.171 -13.345 2.156   1.00 18.45 ? 176 GLU A CB  1 
ATOM   1284 C CG  . GLU A 1 167 ? -12.538 -11.964 2.001   1.00 17.38 ? 176 GLU A CG  1 
ATOM   1285 C CD  . GLU A 1 167 ? -13.458 -10.968 1.319   1.00 19.09 ? 176 GLU A CD  1 
ATOM   1286 O OE1 . GLU A 1 167 ? -13.114 -9.773  1.320   1.00 17.65 ? 176 GLU A OE1 1 
ATOM   1287 O OE2 . GLU A 1 167 ? -14.511 -11.363 0.769   1.00 19.18 ? 176 GLU A OE2 1 
ATOM   1288 N N   . MET A 1 168 ? -11.031 -15.563 1.047   1.00 20.50 ? 177 MET A N   1 
ATOM   1289 C CA  . MET A 1 168 ? -9.997  -15.796 0.052   1.00 22.22 ? 177 MET A CA  1 
ATOM   1290 C C   . MET A 1 168 ? -10.647 -15.619 -1.296  1.00 23.09 ? 177 MET A C   1 
ATOM   1291 O O   . MET A 1 168 ? -11.654 -16.284 -1.594  1.00 23.69 ? 177 MET A O   1 
ATOM   1292 C CB  . MET A 1 168 ? -9.435  -17.213 0.161   1.00 22.60 ? 177 MET A CB  1 
ATOM   1293 C CG  . MET A 1 168 ? -8.729  -17.510 1.458   1.00 24.94 ? 177 MET A CG  1 
ATOM   1294 S SD  . MET A 1 168 ? -7.309  -16.428 1.680   1.00 29.12 ? 177 MET A SD  1 
ATOM   1295 C CE  . MET A 1 168 ? -6.246  -16.927 0.332   1.00 30.34 ? 177 MET A CE  1 
ATOM   1296 N N   . LEU A 1 169 ? -10.103 -14.720 -2.110  1.00 23.41 ? 178 LEU A N   1 
ATOM   1297 C CA  . LEU A 1 169 ? -10.782 -14.378 -3.360  1.00 24.81 ? 178 LEU A CA  1 
ATOM   1298 C C   . LEU A 1 169 ? -10.470 -15.339 -4.497  1.00 25.91 ? 178 LEU A C   1 
ATOM   1299 O O   . LEU A 1 169 ? -9.421  -15.984 -4.507  1.00 26.93 ? 178 LEU A O   1 
ATOM   1300 C CB  . LEU A 1 169 ? -10.518 -12.924 -3.748  1.00 24.14 ? 178 LEU A CB  1 
ATOM   1301 C CG  . LEU A 1 169 ? -11.004 -11.894 -2.720  1.00 24.25 ? 178 LEU A CG  1 
ATOM   1302 C CD1 . LEU A 1 169 ? -11.103 -10.527 -3.369  1.00 23.48 ? 178 LEU A CD1 1 
ATOM   1303 C CD2 . LEU A 1 169 ? -12.351 -12.267 -2.120  1.00 25.25 ? 178 LEU A CD2 1 
ATOM   1304 O OXT . LEU A 1 169 ? -11.283 -15.487 -5.427  1.00 27.15 ? 178 LEU A OXT 1 
HETATM 1305 O O   . HOH B 2 .   ? -9.087  12.867  13.983  1.00 29.35 ? 179 HOH A O   1 
HETATM 1306 O O   . HOH B 2 .   ? -4.839  8.367   12.429  1.00 19.81 ? 180 HOH A O   1 
HETATM 1307 O O   . HOH B 2 .   ? -6.922  10.197  12.028  1.00 31.11 ? 181 HOH A O   1 
HETATM 1308 O O   . HOH B 2 .   ? 0.832   15.408  5.596   1.00 30.68 ? 182 HOH A O   1 
HETATM 1309 O O   . HOH B 2 .   ? 4.173   9.583   7.511   1.00 19.03 ? 183 HOH A O   1 
HETATM 1310 O O   . HOH B 2 .   ? 4.375   8.305   9.858   1.00 22.75 ? 184 HOH A O   1 
HETATM 1311 O O   . HOH B 2 .   ? -0.258  14.951  -3.983  1.00 25.24 ? 185 HOH A O   1 
HETATM 1312 O O   . HOH B 2 .   ? 2.024   16.162  -4.648  1.00 19.66 ? 186 HOH A O   1 
HETATM 1313 O O   . HOH B 2 .   ? 11.559  10.467  2.673   1.00 14.92 ? 187 HOH A O   1 
HETATM 1314 O O   . HOH B 2 .   ? -3.788  10.548  -1.588  1.00 22.58 ? 188 HOH A O   1 
HETATM 1315 O O   . HOH B 2 .   ? -3.277  7.944   -1.927  1.00 16.10 ? 189 HOH A O   1 
HETATM 1316 O O   . HOH B 2 .   ? -2.365  10.657  -5.292  1.00 15.12 ? 190 HOH A O   1 
HETATM 1317 O O   . HOH B 2 .   ? -1.536  11.380  -9.694  1.00 16.28 ? 191 HOH A O   1 
HETATM 1318 O O   . HOH B 2 .   ? 12.587  13.047  -1.308  1.00 38.98 ? 192 HOH A O   1 
HETATM 1319 O O   . HOH B 2 .   ? 9.919   7.950   -9.983  1.00 16.85 ? 193 HOH A O   1 
HETATM 1320 O O   . HOH B 2 .   ? 14.746  13.216  -6.739  1.00 36.69 ? 194 HOH A O   1 
HETATM 1321 O O   . HOH B 2 .   ? 11.066  10.334  -10.112 1.00 18.44 ? 195 HOH A O   1 
HETATM 1322 O O   . HOH B 2 .   ? 10.563  13.829  -13.519 1.00 44.61 ? 196 HOH A O   1 
HETATM 1323 O O   . HOH B 2 .   ? 5.547   10.027  -16.248 1.00 22.04 ? 197 HOH A O   1 
HETATM 1324 O O   . HOH B 2 .   ? 7.416   12.223  -16.440 1.00 25.08 ? 198 HOH A O   1 
HETATM 1325 O O   . HOH B 2 .   ? -2.870  10.977  -14.305 1.00 18.84 ? 199 HOH A O   1 
HETATM 1326 O O   . HOH B 2 .   ? -0.683  11.760  -15.647 1.00 22.31 ? 200 HOH A O   1 
HETATM 1327 O O   . HOH B 2 .   ? -1.783  8.741   -9.418  1.00 16.01 ? 201 HOH A O   1 
HETATM 1328 O O   . HOH B 2 .   ? 2.815   11.578  -17.987 1.00 29.81 ? 202 HOH A O   1 
HETATM 1329 O O   . HOH B 2 .   ? -3.657  9.114   -15.826 1.00 27.84 ? 203 HOH A O   1 
HETATM 1330 O O   . HOH B 2 .   ? 3.483   3.418   -18.080 1.00 25.66 ? 204 HOH A O   1 
HETATM 1331 O O   . HOH B 2 .   ? -8.329  -0.729  -17.825 1.00 27.40 ? 205 HOH A O   1 
HETATM 1332 O O   . HOH B 2 .   ? -9.137  4.035   -17.956 1.00 34.98 ? 206 HOH A O   1 
HETATM 1333 O O   . HOH B 2 .   ? -12.780 4.503   -15.196 1.00 35.63 ? 207 HOH A O   1 
HETATM 1334 O O   . HOH B 2 .   ? -12.598 0.804   -18.059 1.00 30.80 ? 208 HOH A O   1 
HETATM 1335 O O   . HOH B 2 .   ? -15.731 4.893   -10.548 1.00 35.24 ? 209 HOH A O   1 
HETATM 1336 O O   . HOH B 2 .   ? -8.461  8.032   -12.779 1.00 34.18 ? 210 HOH A O   1 
HETATM 1337 O O   . HOH B 2 .   ? -10.344 8.687   -10.991 1.00 30.30 ? 211 HOH A O   1 
HETATM 1338 O O   . HOH B 2 .   ? -12.555 0.528   -10.535 1.00 24.49 ? 212 HOH A O   1 
HETATM 1339 O O   . HOH B 2 .   ? -15.562 1.275   -4.430  1.00 22.09 ? 213 HOH A O   1 
HETATM 1340 O O   . HOH B 2 .   ? -19.503 7.467   -2.418  1.00 42.46 ? 214 HOH A O   1 
HETATM 1341 O O   . HOH B 2 .   ? -17.852 0.426   -3.588  1.00 36.53 ? 215 HOH A O   1 
HETATM 1342 O O   . HOH B 2 .   ? -15.313 9.681   -0.428  1.00 24.25 ? 216 HOH A O   1 
HETATM 1343 O O   . HOH B 2 .   ? -15.179 6.744   5.632   1.00 20.00 ? 217 HOH A O   1 
HETATM 1344 O O   . HOH B 2 .   ? -18.750 -1.962  -3.637  1.00 35.90 ? 218 HOH A O   1 
HETATM 1345 O O   . HOH B 2 .   ? -12.047 11.454  0.488   1.00 38.67 ? 219 HOH A O   1 
HETATM 1346 O O   . HOH B 2 .   ? -17.777 7.300   5.441   1.00 32.23 ? 220 HOH A O   1 
HETATM 1347 O O   . HOH B 2 .   ? -17.382 -2.466  -6.415  1.00 34.14 ? 221 HOH A O   1 
HETATM 1348 O O   . HOH B 2 .   ? -16.563 -3.279  3.448   1.00 12.74 ? 222 HOH A O   1 
HETATM 1349 O O   . HOH B 2 .   ? -12.618 -8.541  -5.852  1.00 14.65 ? 223 HOH A O   1 
HETATM 1350 O O   . HOH B 2 .   ? 6.129   -11.656 -2.345  1.00 34.08 ? 224 HOH A O   1 
HETATM 1351 O O   . HOH B 2 .   ? 4.260   -5.304  -4.255  1.00 29.79 ? 225 HOH A O   1 
HETATM 1352 O O   . HOH B 2 .   ? 1.729   -3.668  -7.458  1.00 27.88 ? 226 HOH A O   1 
HETATM 1353 O O   . HOH B 2 .   ? 0.808   -7.272  -7.566  1.00 36.46 ? 227 HOH A O   1 
HETATM 1354 O O   . HOH B 2 .   ? 5.156   -13.999 -3.915  1.00 30.50 ? 228 HOH A O   1 
HETATM 1355 O O   . HOH B 2 .   ? 11.223  -2.513  -1.748  1.00 26.71 ? 229 HOH A O   1 
HETATM 1356 O O   . HOH B 2 .   ? 5.819   -9.766  -4.517  1.00 47.70 ? 230 HOH A O   1 
HETATM 1357 O O   . HOH B 2 .   ? 11.681  -0.648  4.908   1.00 15.40 ? 231 HOH A O   1 
HETATM 1358 O O   . HOH B 2 .   ? 12.161  -2.049  7.278   1.00 17.10 ? 232 HOH A O   1 
HETATM 1359 O O   . HOH B 2 .   ? 14.203  -0.539  8.077   1.00 26.45 ? 233 HOH A O   1 
HETATM 1360 O O   . HOH B 2 .   ? 16.579  -1.641  7.768   1.00 37.78 ? 234 HOH A O   1 
HETATM 1361 O O   . HOH B 2 .   ? 15.742  -4.289  7.507   1.00 31.98 ? 235 HOH A O   1 
HETATM 1362 O O   . HOH B 2 .   ? 13.044  -4.735  7.392   1.00 21.80 ? 236 HOH A O   1 
HETATM 1363 O O   . HOH B 2 .   ? 11.931  -4.818  9.984   1.00 27.88 ? 237 HOH A O   1 
HETATM 1364 O O   . HOH B 2 .   ? 9.601   -1.606  8.277   1.00 12.79 ? 238 HOH A O   1 
HETATM 1365 O O   . HOH B 2 .   ? 8.127   -0.967  5.830   1.00 12.14 ? 239 HOH A O   1 
HETATM 1366 O O   . HOH B 2 .   ? 18.166  2.596   4.524   1.00 17.52 ? 240 HOH A O   1 
HETATM 1367 O O   . HOH B 2 .   ? 12.641  -6.235  4.831   1.00 27.19 ? 241 HOH A O   1 
HETATM 1368 O O   . HOH B 2 .   ? 18.174  4.200   10.363  1.00 25.25 ? 242 HOH A O   1 
HETATM 1369 O O   . HOH B 2 .   ? 14.408  6.071   10.266  1.00 26.43 ? 243 HOH A O   1 
HETATM 1370 O O   . HOH B 2 .   ? 13.671  3.712   11.353  1.00 47.07 ? 244 HOH A O   1 
HETATM 1371 O O   . HOH B 2 .   ? 11.546  3.457   12.325  1.00 33.82 ? 245 HOH A O   1 
HETATM 1372 O O   . HOH B 2 .   ? 18.529  -0.693  9.584   1.00 39.60 ? 246 HOH A O   1 
HETATM 1373 O O   . HOH B 2 .   ? 14.124  8.650   9.431   1.00 29.38 ? 247 HOH A O   1 
HETATM 1374 O O   . HOH B 2 .   ? 16.315  10.274  -1.836  1.00 25.35 ? 248 HOH A O   1 
HETATM 1375 O O   . HOH B 2 .   ? 18.612  4.022   -2.398  1.00 46.04 ? 249 HOH A O   1 
HETATM 1376 O O   . HOH B 2 .   ? 18.882  6.325   -1.728  1.00 26.84 ? 250 HOH A O   1 
HETATM 1377 O O   . HOH B 2 .   ? -13.894 -7.256  -8.646  1.00 26.89 ? 251 HOH A O   1 
HETATM 1378 O O   . HOH B 2 .   ? 18.525  9.264   -3.448  1.00 23.27 ? 252 HOH A O   1 
HETATM 1379 O O   . HOH B 2 .   ? 15.375  8.780   -8.751  1.00 27.65 ? 253 HOH A O   1 
HETATM 1380 O O   . HOH B 2 .   ? 13.529  8.962   -10.738 1.00 26.30 ? 254 HOH A O   1 
HETATM 1381 O O   . HOH B 2 .   ? 13.817  1.167   -11.152 1.00 26.20 ? 255 HOH A O   1 
HETATM 1382 O O   . HOH B 2 .   ? 9.867   4.773   -15.668 1.00 36.77 ? 256 HOH A O   1 
HETATM 1383 O O   . HOH B 2 .   ? 12.146  6.673   -15.207 1.00 29.59 ? 257 HOH A O   1 
HETATM 1384 O O   . HOH B 2 .   ? 12.925  -0.274  -18.819 1.00 28.69 ? 258 HOH A O   1 
HETATM 1385 O O   . HOH B 2 .   ? 3.139   -6.696  -15.808 1.00 27.71 ? 259 HOH A O   1 
HETATM 1386 O O   . HOH B 2 .   ? 9.217   8.124   -18.753 1.00 31.64 ? 260 HOH A O   1 
HETATM 1387 O O   . HOH B 2 .   ? 6.436   4.219   -18.580 1.00 38.24 ? 261 HOH A O   1 
HETATM 1388 O O   . HOH B 2 .   ? 2.800   -5.905  -8.420  1.00 35.18 ? 262 HOH A O   1 
HETATM 1389 O O   . HOH B 2 .   ? 0.640   -3.550  -16.884 1.00 15.54 ? 263 HOH A O   1 
HETATM 1390 O O   . HOH B 2 .   ? -4.487  10.009  4.255   1.00 22.96 ? 264 HOH A O   1 
HETATM 1391 O O   . HOH B 2 .   ? -5.900  11.848  -2.452  1.00 39.16 ? 265 HOH A O   1 
HETATM 1392 O O   . HOH B 2 .   ? 5.154   5.871   13.227  1.00 18.32 ? 266 HOH A O   1 
HETATM 1393 O O   . HOH B 2 .   ? 5.067   5.467   15.882  1.00 22.06 ? 267 HOH A O   1 
HETATM 1394 O O   . HOH B 2 .   ? 12.563  -7.481  6.667   1.00 38.92 ? 268 HOH A O   1 
HETATM 1395 O O   . HOH B 2 .   ? 7.579   -5.140  14.608  1.00 21.61 ? 269 HOH A O   1 
HETATM 1396 O O   . HOH B 2 .   ? 10.965  -1.689  15.100  1.00 28.70 ? 270 HOH A O   1 
HETATM 1397 O O   . HOH B 2 .   ? 12.232  0.926   14.386  1.00 23.38 ? 271 HOH A O   1 
HETATM 1398 O O   . HOH B 2 .   ? 9.478   9.522   10.557  1.00 37.75 ? 272 HOH A O   1 
HETATM 1399 O O   . HOH B 2 .   ? -4.642  12.343  3.013   1.00 45.46 ? 273 HOH A O   1 
HETATM 1400 O O   . HOH B 2 .   ? -2.472  12.328  -7.335  1.00 22.37 ? 274 HOH A O   1 
HETATM 1401 O O   . HOH B 2 .   ? -5.284  -1.222  -12.567 1.00 20.33 ? 275 HOH A O   1 
HETATM 1402 O O   . HOH B 2 .   ? -9.870  10.664  -3.767  1.00 37.79 ? 276 HOH A O   1 
HETATM 1403 O O   . HOH B 2 .   ? -7.313  -0.730  -6.143  1.00 10.99 ? 277 HOH A O   1 
HETATM 1404 O O   . HOH B 2 .   ? -0.976  -6.949  -10.090 1.00 27.37 ? 278 HOH A O   1 
HETATM 1405 O O   . HOH B 2 .   ? -8.331  -2.802  -15.824 1.00 19.86 ? 279 HOH A O   1 
HETATM 1406 O O   . HOH B 2 .   ? 0.784   -9.826  -7.081  1.00 32.54 ? 280 HOH A O   1 
HETATM 1407 O O   . HOH B 2 .   ? -5.728  -11.522 -8.843  1.00 22.73 ? 281 HOH A O   1 
HETATM 1408 O O   . HOH B 2 .   ? -10.142 -13.910 -7.358  1.00 32.07 ? 282 HOH A O   1 
HETATM 1409 O O   . HOH B 2 .   ? -10.815 -13.734 -10.463 1.00 42.32 ? 283 HOH A O   1 
HETATM 1410 O O   . HOH B 2 .   ? -7.296  -15.001 -8.398  1.00 41.31 ? 284 HOH A O   1 
HETATM 1411 O O   . HOH B 2 .   ? 3.184   -9.694  -5.165  1.00 37.26 ? 285 HOH A O   1 
HETATM 1412 O O   . HOH B 2 .   ? 11.705  -10.950 5.877   1.00 19.94 ? 286 HOH A O   1 
HETATM 1413 O O   . HOH B 2 .   ? 9.604   -10.324 13.319  1.00 24.45 ? 287 HOH A O   1 
HETATM 1414 O O   . HOH B 2 .   ? 0.530   -5.146  14.774  1.00 24.75 ? 288 HOH A O   1 
HETATM 1415 O O   . HOH B 2 .   ? 2.849   -5.285  15.933  1.00 39.98 ? 289 HOH A O   1 
HETATM 1416 O O   . HOH B 2 .   ? 2.084   -1.173  15.811  1.00 21.77 ? 290 HOH A O   1 
HETATM 1417 O O   . HOH B 2 .   ? -0.279  4.204   16.667  1.00 32.76 ? 291 HOH A O   1 
HETATM 1418 O O   . HOH B 2 .   ? 10.099  0.613   15.905  1.00 39.35 ? 292 HOH A O   1 
HETATM 1419 O O   . HOH B 2 .   ? -0.900  -7.432  14.908  1.00 23.78 ? 293 HOH A O   1 
HETATM 1420 O O   . HOH B 2 .   ? -5.692  -1.116  12.573  1.00 26.45 ? 294 HOH A O   1 
HETATM 1421 O O   . HOH B 2 .   ? -6.451  1.582   12.562  1.00 18.69 ? 295 HOH A O   1 
HETATM 1422 O O   . HOH B 2 .   ? -1.808  -1.699  18.069  1.00 37.91 ? 296 HOH A O   1 
HETATM 1423 O O   . HOH B 2 .   ? -7.305  -2.431  10.775  1.00 15.50 ? 297 HOH A O   1 
HETATM 1424 O O   . HOH B 2 .   ? -8.972  1.487   11.349  1.00 19.85 ? 298 HOH A O   1 
HETATM 1425 O O   . HOH B 2 .   ? 3.292   7.619   12.393  1.00 22.96 ? 299 HOH A O   1 
HETATM 1426 O O   . HOH B 2 .   ? 0.653   9.858   13.781  1.00 24.82 ? 300 HOH A O   1 
HETATM 1427 O O   . HOH B 2 .   ? -4.239  6.526   15.034  1.00 42.32 ? 301 HOH A O   1 
HETATM 1428 O O   . HOH B 2 .   ? -5.145  -1.485  15.137  1.00 33.24 ? 302 HOH A O   1 
HETATM 1429 O O   . HOH B 2 .   ? -12.279 -7.187  13.594  1.00 27.50 ? 303 HOH A O   1 
HETATM 1430 O O   . HOH B 2 .   ? -10.988 -9.777  12.357  1.00 22.13 ? 304 HOH A O   1 
HETATM 1431 O O   . HOH B 2 .   ? -8.383  -9.486  13.374  1.00 16.51 ? 305 HOH A O   1 
HETATM 1432 O O   . HOH B 2 .   ? -13.846 -8.266  8.586   1.00 31.49 ? 306 HOH A O   1 
HETATM 1433 O O   . HOH B 2 .   ? -6.407  -15.909 -3.690  1.00 45.00 ? 307 HOH A O   1 
HETATM 1434 O O   . HOH B 2 .   ? -13.179 -17.519 1.360   1.00 34.01 ? 308 HOH A O   1 
HETATM 1435 O O   . HOH B 2 .   ? -5.634  -16.689 5.806   1.00 26.72 ? 309 HOH A O   1 
HETATM 1436 O O   . HOH B 2 .   ? -8.380  -17.033 5.300   1.00 34.96 ? 310 HOH A O   1 
HETATM 1437 O O   . HOH B 2 .   ? -1.897  -17.541 4.167   1.00 24.84 ? 311 HOH A O   1 
HETATM 1438 O O   . HOH B 2 .   ? -2.155  -16.283 -2.510  1.00 31.46 ? 312 HOH A O   1 
HETATM 1439 O O   . HOH B 2 .   ? 1.251   -15.660 7.943   1.00 21.36 ? 313 HOH A O   1 
HETATM 1440 O O   . HOH B 2 .   ? -1.826  -14.191 13.165  1.00 25.94 ? 314 HOH A O   1 
HETATM 1441 O O   . HOH B 2 .   ? -3.292  -15.641 14.472  1.00 32.44 ? 315 HOH A O   1 
HETATM 1442 O O   . HOH B 2 .   ? -10.447 -15.931 -8.403  1.00 42.80 ? 316 HOH A O   1 
HETATM 1443 O O   . HOH B 2 .   ? -1.817  14.116  7.042   1.00 35.87 ? 317 HOH A O   1 
HETATM 1444 O O   . HOH B 2 .   ? -3.134  11.453  0.902   1.00 40.22 ? 318 HOH A O   1 
HETATM 1445 O O   . HOH B 2 .   ? -3.226  14.309  -2.413  1.00 42.10 ? 319 HOH A O   1 
HETATM 1446 O O   . HOH B 2 .   ? 10.846  12.917  2.998   1.00 46.00 ? 320 HOH A O   1 
HETATM 1447 O O   . HOH B 2 .   ? 8.854   14.120  4.888   1.00 36.40 ? 321 HOH A O   1 
HETATM 1448 O O   . HOH B 2 .   ? 2.454   18.226  -2.535  1.00 40.24 ? 322 HOH A O   1 
HETATM 1449 O O   . HOH B 2 .   ? 0.921   12.627  -10.243 1.00 31.68 ? 323 HOH A O   1 
HETATM 1450 O O   . HOH B 2 .   ? 10.524  16.446  0.251   1.00 44.62 ? 324 HOH A O   1 
HETATM 1451 O O   . HOH B 2 .   ? 11.453  12.462  -11.643 1.00 39.30 ? 325 HOH A O   1 
HETATM 1452 O O   . HOH B 2 .   ? 10.242  18.587  -10.464 1.00 45.18 ? 326 HOH A O   1 
HETATM 1453 O O   . HOH B 2 .   ? 16.046  14.157  -4.706  1.00 42.24 ? 327 HOH A O   1 
HETATM 1454 O O   . HOH B 2 .   ? 8.317   6.254   -14.001 1.00 30.77 ? 328 HOH A O   1 
HETATM 1455 O O   . HOH B 2 .   ? 8.110   14.159  -14.517 1.00 40.11 ? 329 HOH A O   1 
HETATM 1456 O O   . HOH B 2 .   ? 8.681   17.089  -14.201 1.00 36.02 ? 330 HOH A O   1 
HETATM 1457 O O   . HOH B 2 .   ? 7.662   7.872   -16.526 1.00 36.65 ? 331 HOH A O   1 
HETATM 1458 O O   . HOH B 2 .   ? 11.876  16.096  -13.614 1.00 36.68 ? 332 HOH A O   1 
HETATM 1459 O O   . HOH B 2 .   ? -1.239  9.591   -19.122 1.00 53.48 ? 333 HOH A O   1 
HETATM 1460 O O   . HOH B 2 .   ? -7.622  2.648   -19.585 1.00 33.65 ? 334 HOH A O   1 
HETATM 1461 O O   . HOH B 2 .   ? -14.069 2.669   -13.326 1.00 33.31 ? 335 HOH A O   1 
HETATM 1462 O O   . HOH B 2 .   ? -14.104 0.395   -14.727 1.00 40.27 ? 336 HOH A O   1 
HETATM 1463 O O   . HOH B 2 .   ? -16.283 8.766   -5.138  1.00 42.84 ? 337 HOH A O   1 
HETATM 1464 O O   . HOH B 2 .   ? -18.765 3.208   -1.042  1.00 38.39 ? 338 HOH A O   1 
HETATM 1465 O O   . HOH B 2 .   ? -17.864 10.357  0.577   1.00 44.92 ? 339 HOH A O   1 
HETATM 1466 O O   . HOH B 2 .   ? -17.955 -5.347  7.531   1.00 36.06 ? 340 HOH A O   1 
HETATM 1467 O O   . HOH B 2 .   ? -15.378 -10.100 7.393   1.00 41.69 ? 341 HOH A O   1 
HETATM 1468 O O   . HOH B 2 .   ? 4.467   -7.727  -3.899  1.00 38.79 ? 342 HOH A O   1 
HETATM 1469 O O   . HOH B 2 .   ? 13.949  -6.546  2.789   1.00 39.86 ? 343 HOH A O   1 
HETATM 1470 O O   . HOH B 2 .   ? 16.770  -4.964  2.783   1.00 39.56 ? 344 HOH A O   1 
HETATM 1471 O O   . HOH B 2 .   ? 12.467  0.093   -4.540  1.00 39.16 ? 345 HOH A O   1 
HETATM 1472 O O   . HOH B 2 .   ? 14.799  -3.333  -3.624  1.00 46.23 ? 346 HOH A O   1 
HETATM 1473 O O   . HOH B 2 .   ? 17.638  -2.009  0.946   1.00 41.76 ? 347 HOH A O   1 
HETATM 1474 O O   . HOH B 2 .   ? 15.160  0.299   -4.679  1.00 36.40 ? 348 HOH A O   1 
HETATM 1475 O O   . HOH B 2 .   ? 18.934  3.534   -6.687  1.00 44.24 ? 349 HOH A O   1 
HETATM 1476 O O   . HOH B 2 .   ? 6.757   -4.828  -8.160  1.00 45.73 ? 350 HOH A O   1 
HETATM 1477 O O   . HOH B 2 .   ? -4.869  13.529  -7.487  1.00 50.47 ? 351 HOH A O   1 
HETATM 1478 O O   . HOH B 2 .   ? -2.243  -9.308  -10.117 1.00 42.43 ? 352 HOH A O   1 
HETATM 1479 O O   . HOH B 2 .   ? -2.929  -13.365 -9.213  1.00 47.28 ? 353 HOH A O   1 
HETATM 1480 O O   . HOH B 2 .   ? 5.769   -6.988  15.189  1.00 49.43 ? 354 HOH A O   1 
HETATM 1481 O O   . HOH B 2 .   ? 11.508  -7.057  12.697  1.00 29.70 ? 355 HOH A O   1 
HETATM 1482 O O   . HOH B 2 .   ? 9.702   -3.435  15.773  1.00 33.38 ? 356 HOH A O   1 
HETATM 1483 O O   . HOH B 2 .   ? -4.184  4.006   15.060  1.00 44.62 ? 357 HOH A O   1 
HETATM 1484 O O   . HOH B 2 .   ? -2.272  2.887   16.490  1.00 47.72 ? 358 HOH A O   1 
HETATM 1485 O O   . HOH B 2 .   ? -4.059  -3.523  16.466  1.00 37.01 ? 359 HOH A O   1 
HETATM 1486 O O   . HOH B 2 .   ? -2.565  -5.640  16.538  1.00 43.71 ? 360 HOH A O   1 
HETATM 1487 O O   . HOH B 2 .   ? -15.715 -4.659  8.661   1.00 40.01 ? 361 HOH A O   1 
HETATM 1488 O O   . HOH B 2 .   ? -13.799 -13.069 8.519   1.00 34.11 ? 362 HOH A O   1 
HETATM 1489 O O   . HOH B 2 .   ? 0.343   -16.825 -0.124  1.00 35.54 ? 363 HOH A O   1 
HETATM 1490 O O   . HOH B 2 .   ? 0.518   15.855  3.290   1.00 38.51 ? 364 HOH A O   1 
HETATM 1491 O O   . HOH B 2 .   ? 8.475   14.644  -12.047 1.00 43.44 ? 365 HOH A O   1 
HETATM 1492 O O   . HOH B 2 .   ? 11.049  16.749  -3.499  1.00 45.89 ? 366 HOH A O   1 
HETATM 1493 O O   . HOH B 2 .   ? 8.835   16.155  3.183   1.00 46.35 ? 367 HOH A O   1 
HETATM 1494 O O   . HOH B 2 .   ? 6.362   -4.316  -5.503  1.00 33.95 ? 368 HOH A O   1 
HETATM 1495 O O   . HOH B 2 .   ? 11.808  6.744   12.112  1.00 36.63 ? 369 HOH A O   1 
HETATM 1496 O O   . HOH B 2 .   ? -6.132  -13.305 -13.391 1.00 51.00 ? 370 HOH A O   1 
HETATM 1497 O O   . HOH B 2 .   ? 4.716   -12.493 -6.040  1.00 54.13 ? 371 HOH A O   1 
HETATM 1498 O O   . HOH B 2 .   ? 3.323   -16.947 -5.845  1.00 49.32 ? 372 HOH A O   1 
HETATM 1499 O O   . HOH B 2 .   ? -15.886 -16.324 -0.145  1.00 50.73 ? 373 HOH A O   1 
HETATM 1500 O O   . HOH B 2 .   ? 10.686  12.223  0.155   1.00 38.32 ? 374 HOH A O   1 
HETATM 1501 O O   . HOH B 2 .   ? 15.425  2.119   12.225  1.00 50.04 ? 375 HOH A O   1 
HETATM 1502 O O   . HOH B 2 .   ? 1.954   17.209  -7.001  1.00 34.46 ? 376 HOH A O   1 
HETATM 1503 O O   . HOH B 2 .   ? 4.328   14.654  -8.360  1.00 35.63 ? 377 HOH A O   1 
HETATM 1504 O O   . HOH B 2 .   ? 3.531   -7.523  -13.118 1.00 40.98 ? 378 HOH A O   1 
HETATM 1505 O O   . HOH B 2 .   ? 3.072   12.941  -9.578  1.00 23.61 ? 379 HOH A O   1 
HETATM 1506 O O   . HOH B 2 .   ? -5.793  -15.466 -6.263  1.00 53.55 ? 380 HOH A O   1 
HETATM 1507 O O   . HOH B 2 .   ? -10.957 -7.052  16.294  1.00 44.30 ? 381 HOH A O   1 
HETATM 1508 O O   . HOH B 2 .   ? -13.644 -0.201  -8.170  1.00 20.25 ? 382 HOH A O   1 
HETATM 1509 O O   . HOH B 2 .   ? -15.279 1.639   -7.139  1.00 29.34 ? 383 HOH A O   1 
HETATM 1510 O O   . HOH B 2 .   ? -15.227 -0.332  -7.099  1.00 31.32 ? 384 HOH A O   1 
HETATM 1511 O O   . HOH B 2 .   ? -2.866  -6.974  -13.705 1.00 38.92 ? 385 HOH A O   1 
HETATM 1512 O O   . HOH B 2 .   ? -3.215  -5.431  -11.245 1.00 16.99 ? 386 HOH A O   1 
HETATM 1513 O O   . HOH B 2 .   ? -6.809  -3.173  -13.445 1.00 21.24 ? 387 HOH A O   1 
HETATM 1514 O O   . HOH B 2 .   ? -4.571  -5.056  -13.422 1.00 27.05 ? 388 HOH A O   1 
HETATM 1515 O O   . HOH B 2 .   ? -11.234 10.109  -1.575  1.00 51.11 ? 389 HOH A O   1 
HETATM 1516 O O   . HOH B 2 .   ? 5.833   1.505   -19.861 1.00 33.76 ? 390 HOH A O   1 
HETATM 1517 O O   . HOH B 2 .   ? 3.662   2.526   -20.852 1.00 29.58 ? 391 HOH A O   1 
HETATM 1518 O O   . HOH B 2 .   ? 2.809   17.315  3.006   1.00 41.08 ? 392 HOH A O   1 
HETATM 1519 O O   . HOH B 2 .   ? 1.887   17.136  7.804   1.00 46.51 ? 393 HOH A O   1 
HETATM 1520 O O   . HOH B 2 .   ? 3.566   19.773  4.738   1.00 42.55 ? 394 HOH A O   1 
HETATM 1521 O O   . HOH B 2 .   ? 12.763  2.217   -18.894 1.00 32.24 ? 395 HOH A O   1 
HETATM 1522 O O   . HOH B 2 .   ? -1.327  14.574  -6.338  1.00 40.82 ? 396 HOH A O   1 
HETATM 1523 O O   . HOH B 2 .   ? -9.501  12.187  0.408   1.00 41.91 ? 397 HOH A O   1 
HETATM 1524 O O   . HOH B 2 .   ? -1.010  -16.711 8.724   1.00 21.58 ? 398 HOH A O   1 
HETATM 1525 O O   . HOH B 2 .   ? 4.960   11.124  -19.022 1.00 49.81 ? 399 HOH A O   1 
HETATM 1526 O O   . HOH B 2 .   ? -3.256  -16.225 12.138  1.00 38.36 ? 400 HOH A O   1 
HETATM 1527 O O   . HOH B 2 .   ? 7.806   -15.980 9.094   1.00 15.27 ? 401 HOH A O   1 
HETATM 1528 O O   . HOH B 2 .   ? -14.550 3.537   14.087  1.00 26.20 ? 402 HOH A O   1 
HETATM 1529 O O   . HOH B 2 .   ? -13.510 0.453   11.503  1.00 25.28 ? 403 HOH A O   1 
HETATM 1530 O O   . HOH B 2 .   ? 15.984  9.788   7.957   1.00 14.10 ? 404 HOH A O   1 
HETATM 1531 O O   . HOH B 2 .   ? 11.138  -4.789  13.764  1.00 53.09 ? 405 HOH A O   1 
HETATM 1532 O O   . HOH B 2 .   ? 19.013  0.157   3.799   1.00 46.61 ? 406 HOH A O   1 
HETATM 1533 O O   . HOH B 2 .   ? -11.487 -18.192 4.160   1.00 42.75 ? 407 HOH A O   1 
HETATM 1534 O O   . HOH B 2 .   ? 4.374   -11.868 12.795  1.00 20.07 ? 408 HOH A O   1 
HETATM 1535 O O   . HOH B 2 .   ? 6.876   -11.328 14.051  1.00 33.26 ? 409 HOH A O   1 
HETATM 1536 O O   . HOH B 2 .   ? 10.627  -12.992 12.991  1.00 19.78 ? 410 HOH A O   1 
HETATM 1537 O O   . HOH B 2 .   ? -15.360 12.131  6.505   1.00 39.35 ? 411 HOH A O   1 
HETATM 1538 O O   . HOH B 2 .   ? -0.210  1.411   16.927  1.00 41.73 ? 412 HOH A O   1 
HETATM 1539 O O   . HOH B 2 .   ? 2.529   0.208   18.830  1.00 48.69 ? 413 HOH A O   1 
HETATM 1540 O O   . HOH B 2 .   ? 3.007   -2.601  17.809  1.00 52.27 ? 414 HOH A O   1 
HETATM 1541 O O   . HOH B 2 .   ? -8.194  -6.469  16.332  1.00 42.97 ? 415 HOH A O   1 
HETATM 1542 O O   . HOH B 2 .   ? 6.627   15.310  -8.468  1.00 48.78 ? 416 HOH A O   1 
HETATM 1543 O O   . HOH B 2 .   ? 3.424   16.550  -9.214  1.00 44.10 ? 417 HOH A O   1 
HETATM 1544 O O   . HOH B 2 .   ? -2.012  -18.225 6.776   1.00 35.89 ? 418 HOH A O   1 
HETATM 1545 O O   . HOH B 2 .   ? -12.777 -12.027 -7.727  1.00 38.25 ? 419 HOH A O   1 
HETATM 1546 O O   . HOH B 2 .   ? -0.031  -12.073 19.094  1.00 44.62 ? 420 HOH A O   1 
HETATM 1547 O O   . HOH B 2 .   ? -7.594  14.097  8.663   1.00 41.01 ? 421 HOH A O   1 
HETATM 1548 O O   . HOH B 2 .   ? -8.169  12.437  10.583  1.00 44.40 ? 422 HOH A O   1 
HETATM 1549 O O   . HOH B 2 .   ? 1.957   -17.975 -3.819  1.00 53.53 ? 423 HOH A O   1 
HETATM 1550 O O   . HOH B 2 .   ? 3.050   -8.409  17.833  1.00 47.33 ? 424 HOH A O   1 
HETATM 1551 O O   . HOH B 2 .   ? -14.010 -14.024 -5.411  1.00 43.48 ? 425 HOH A O   1 
HETATM 1552 O O   . HOH B 2 .   ? -9.671  6.817   -17.367 1.00 42.05 ? 426 HOH A O   1 
HETATM 1553 O O   . HOH B 2 .   ? 10.650  18.480  -14.609 1.00 42.14 ? 427 HOH A O   1 
HETATM 1554 O O   . HOH B 2 .   ? 14.989  4.192   -11.172 1.00 37.84 ? 428 HOH A O   1 
HETATM 1555 O O   . HOH B 2 .   ? 2.377   -12.348 14.932  1.00 38.97 ? 429 HOH A O   1 
HETATM 1556 O O   . HOH B 2 .   ? 6.287   -9.269  16.226  1.00 57.64 ? 430 HOH A O   1 
# 
